data_8XRI
#
_entry.id   8XRI
#
_cell.length_a   129.210
_cell.length_b   134.366
_cell.length_c   135.926
_cell.angle_alpha   90.00
_cell.angle_beta   90.00
_cell.angle_gamma   90.00
#
_symmetry.space_group_name_H-M   'P 21 21 2'
#
loop_
_entity.id
_entity.type
_entity.pdbx_description
1 polymer 'DNA topoisomerase 2'
2 polymer 'DNA (56-MER)'
3 non-polymer 'MAGNESIUM ION'
4 non-polymer (4S)-2-METHYL-2,4-PENTANEDIOL
#
loop_
_entity_poly.entity_id
_entity_poly.type
_entity_poly.pdbx_seq_one_letter_code
_entity_poly.pdbx_strand_id
1 'polypeptide(L)'
;NHKQVDVDKYTRARNAGGKRAQDCMLLAAEGDSALSLLRTGLTLGKSNPSGPSFDFCGMISLGGVIMNACKKVTNITTDS
GETIMVRNEQLTNNKVLQGIVQVLGLDFNCHYKTQEERAKLRYGCIVACVDQDLDGCGKILGLLLAYFHLFWPQLIIHGF
VKRLLTPLIRVYEKGKTMPVEFYYEQEFDAWAKKQTSLVNHTVKYYKGLAAHDTHEVKSMFKHFDNMVYTFTLDDSAKEL
FHIYFGGESELRKRELCTGVVPLTETQTQSIHSVRRIPCSLHLQVDTKAYKLDAIERQIPNFLDGMTRARRKILAGGVKC
FASNNRERKVFQFGGYVADHMFYHHGDMSLNTSIIKAAQYYPGSSHLYPVFIGIGSFGSRHLGGKDAGSPRYISVQLASE
FIKTMFPAEDSWLLPYVFEDGQRAEPEYYVPVLPLAIMEYGANPSEGWKYTTWARQLEDILALVRAYVDKDNPKHELLHY
AIKHKITILPLRPSNYNFKGHLKRFGQYYYSYGTYDISEQRNIITITELPLRVPTVAYIESIKKSSNRMTFIEEIIDYSS
SETIEILVKLKPNSLNRIVEEFKETEEQDSIENFLRLRNCLHSHLNFVKPKGGIIEFNSYYEILYAWLPYRRELYQKRLM
REHAVLKLRIIMETAIVRYINESAELNLSHYEDEKEASRILSEHGFPPLNHTLIISPEFASIEELNQKALQGCYTYILSL
QARELLIAAKTRRVEKIKKMQARLDKVEQLLQESPFPGASVWLEEIDAVEKAIIKGRNTQWKFH
;
A,B
2 'polydeoxyribonucleotide'
;(DG)(DA)(DG)(DC)(DA)(DG)(DC)(DC)(DG)(DA)(DG)(DC)(DT)(DG)(DC)(DA)(DG)(DC)(DT)(DC)
(DG)(DG)(DC)(DT)(DG)(DC)(DT)(DC)
;
C,E,G,H
#
loop_
_chem_comp.id
_chem_comp.type
_chem_comp.name
_chem_comp.formula
DA DNA linking 2'-DEOXYADENOSINE-5'-MONOPHOSPHATE 'C10 H14 N5 O6 P'
DC DNA linking 2'-DEOXYCYTIDINE-5'-MONOPHOSPHATE 'C9 H14 N3 O7 P'
DG DNA linking 2'-DEOXYGUANOSINE-5'-MONOPHOSPHATE 'C10 H14 N5 O7 P'
DT DNA linking THYMIDINE-5'-MONOPHOSPHATE 'C10 H15 N2 O8 P'
MG non-polymer 'MAGNESIUM ION' 'Mg 2'
MPD non-polymer (4S)-2-METHYL-2,4-PENTANEDIOL 'C6 H14 O2'
#
# COMPACT_ATOMS: atom_id res chain seq x y z
N VAL A 5 -27.20 -27.55 7.50
CA VAL A 5 -26.83 -26.34 8.21
C VAL A 5 -26.25 -25.30 7.25
N ASP A 6 -26.83 -24.11 7.23
CA ASP A 6 -26.44 -23.03 6.32
C ASP A 6 -25.88 -21.87 7.16
N VAL A 7 -24.57 -21.90 7.37
CA VAL A 7 -23.88 -20.88 8.15
C VAL A 7 -22.87 -20.18 7.23
N ASP A 8 -22.67 -18.89 7.48
CA ASP A 8 -21.75 -18.11 6.64
C ASP A 8 -20.32 -18.57 6.84
N LYS A 9 -19.59 -18.68 5.73
CA LYS A 9 -18.18 -19.09 5.71
C LYS A 9 -18.00 -20.52 6.22
N TYR A 10 -19.02 -21.36 6.06
CA TYR A 10 -18.96 -22.75 6.48
C TYR A 10 -18.99 -23.65 5.26
N THR A 11 -18.06 -24.60 5.20
CA THR A 11 -18.04 -25.63 4.17
C THR A 11 -18.02 -26.97 4.89
N ARG A 12 -19.11 -27.72 4.77
CA ARG A 12 -19.28 -28.95 5.53
C ARG A 12 -18.36 -30.06 5.04
N ALA A 13 -18.03 -30.97 5.95
CA ALA A 13 -17.58 -32.28 5.55
C ALA A 13 -18.76 -33.08 5.00
N ARG A 14 -18.47 -33.98 4.05
CA ARG A 14 -19.55 -34.73 3.41
C ARG A 14 -20.26 -35.64 4.40
N ASN A 15 -19.55 -36.16 5.39
CA ASN A 15 -20.13 -37.04 6.39
C ASN A 15 -20.58 -36.31 7.65
N ALA A 16 -20.62 -34.98 7.63
CA ALA A 16 -20.92 -34.22 8.83
C ALA A 16 -22.37 -34.45 9.27
N GLY A 17 -22.55 -34.72 10.56
CA GLY A 17 -23.87 -34.94 11.13
C GLY A 17 -24.51 -36.25 10.78
N GLY A 18 -23.90 -37.06 9.92
CA GLY A 18 -24.44 -38.34 9.51
C GLY A 18 -24.05 -39.48 10.44
N LYS A 19 -24.10 -40.68 9.89
CA LYS A 19 -23.71 -41.87 10.65
C LYS A 19 -22.26 -41.76 11.10
N ARG A 20 -21.40 -41.20 10.26
CA ARG A 20 -19.98 -41.06 10.54
C ARG A 20 -19.63 -39.67 11.08
N ALA A 21 -20.54 -39.04 11.82
CA ALA A 21 -20.30 -37.68 12.32
C ALA A 21 -19.03 -37.63 13.15
N GLN A 22 -18.85 -38.59 14.07
CA GLN A 22 -17.71 -38.59 14.97
C GLN A 22 -16.40 -38.91 14.27
N ASP A 23 -16.41 -39.20 12.97
CA ASP A 23 -15.18 -39.37 12.21
C ASP A 23 -14.71 -38.09 11.55
N CYS A 24 -15.46 -37.00 11.70
CA CYS A 24 -15.24 -35.77 10.97
C CYS A 24 -14.49 -34.74 11.80
N MET A 25 -13.69 -33.94 11.10
CA MET A 25 -12.95 -32.82 11.70
C MET A 25 -13.57 -31.52 11.24
N LEU A 26 -13.66 -30.56 12.15
CA LEU A 26 -14.07 -29.20 11.82
C LEU A 26 -12.83 -28.31 11.92
N LEU A 27 -12.30 -27.91 10.77
CA LEU A 27 -11.13 -27.04 10.73
C LEU A 27 -11.59 -25.58 10.90
N ALA A 28 -11.03 -24.89 11.87
CA ALA A 28 -11.39 -23.50 12.16
C ALA A 28 -10.21 -22.61 11.80
N ALA A 29 -10.33 -21.92 10.67
CA ALA A 29 -9.29 -21.01 10.22
C ALA A 29 -9.62 -19.59 10.66
N GLU A 30 -8.62 -18.71 10.54
CA GLU A 30 -8.78 -17.34 11.02
C GLU A 30 -9.72 -16.55 10.12
N GLY A 31 -9.67 -16.77 8.82
CA GLY A 31 -10.52 -16.03 7.92
C GLY A 31 -10.52 -16.63 6.53
N ASP A 32 -11.09 -15.87 5.58
CA ASP A 32 -11.32 -16.38 4.24
C ASP A 32 -10.03 -16.78 3.54
N SER A 33 -8.99 -15.96 3.67
CA SER A 33 -7.74 -16.28 3.00
C SER A 33 -7.17 -17.59 3.51
N ALA A 34 -7.18 -17.78 4.83
CA ALA A 34 -6.73 -19.05 5.40
C ALA A 34 -7.65 -20.19 5.00
N LEU A 35 -8.97 -19.93 4.98
CA LEU A 35 -9.94 -20.94 4.54
C LEU A 35 -9.62 -21.42 3.13
N SER A 36 -9.37 -20.48 2.21
CA SER A 36 -9.11 -20.87 0.83
C SER A 36 -7.82 -21.68 0.69
N LEU A 37 -6.85 -21.45 1.59
CA LEU A 37 -5.64 -22.29 1.54
C LEU A 37 -5.95 -23.71 2.01
N LEU A 38 -6.72 -23.84 3.08
CA LEU A 38 -7.09 -25.17 3.55
C LEU A 38 -7.88 -25.93 2.49
N ARG A 39 -8.73 -25.23 1.74
CA ARG A 39 -9.43 -25.86 0.62
C ARG A 39 -8.45 -26.33 -0.45
N THR A 40 -7.36 -25.59 -0.65
CA THR A 40 -6.33 -26.01 -1.60
C THR A 40 -5.73 -27.34 -1.20
N GLY A 41 -5.47 -27.55 0.10
CA GLY A 41 -4.85 -28.79 0.54
C GLY A 41 -5.83 -29.92 0.74
N LEU A 42 -7.07 -29.63 1.12
CA LEU A 42 -8.10 -30.65 1.27
C LEU A 42 -8.56 -31.22 -0.06
N THR A 43 -8.08 -30.68 -1.19
CA THR A 43 -8.56 -31.13 -2.49
C THR A 43 -7.40 -31.61 -3.35
N LEU A 44 -6.67 -32.62 -2.87
CA LEU A 44 -5.59 -33.22 -3.64
C LEU A 44 -5.87 -34.71 -3.83
N GLY A 45 -5.79 -35.16 -5.08
CA GLY A 45 -5.69 -36.56 -5.39
C GLY A 45 -4.26 -37.03 -5.61
N LYS A 46 -3.29 -36.13 -5.47
CA LYS A 46 -1.88 -36.50 -5.53
C LYS A 46 -1.34 -36.86 -4.15
N SER A 47 -1.79 -36.15 -3.13
CA SER A 47 -1.61 -36.59 -1.76
C SER A 47 -2.86 -37.39 -1.41
N ASN A 48 -2.99 -37.81 -0.16
CA ASN A 48 -4.12 -38.58 0.34
C ASN A 48 -4.12 -40.00 -0.23
N PRO A 49 -4.63 -41.00 0.50
CA PRO A 49 -5.26 -41.01 1.83
C PRO A 49 -4.34 -40.48 2.94
N SER A 50 -3.05 -40.39 2.64
CA SER A 50 -2.09 -39.80 3.58
C SER A 50 -2.58 -38.46 4.13
N GLY A 51 -3.37 -37.72 3.34
CA GLY A 51 -3.93 -36.46 3.77
C GLY A 51 -5.45 -36.53 3.88
N PRO A 52 -6.04 -35.56 4.54
CA PRO A 52 -7.49 -35.52 4.69
C PRO A 52 -8.15 -34.90 3.47
N SER A 53 -9.49 -34.91 3.49
CA SER A 53 -10.29 -34.41 2.37
C SER A 53 -11.61 -33.89 2.90
N PHE A 54 -12.47 -33.44 1.99
CA PHE A 54 -13.79 -32.97 2.38
C PHE A 54 -14.75 -34.11 2.68
N ASP A 55 -14.33 -35.37 2.50
CA ASP A 55 -15.14 -36.49 2.94
C ASP A 55 -15.39 -36.43 4.45
N PHE A 56 -14.37 -36.01 5.20
CA PHE A 56 -14.46 -35.98 6.65
C PHE A 56 -13.96 -34.68 7.27
N CYS A 57 -13.54 -33.70 6.48
CA CYS A 57 -13.09 -32.42 7.03
C CYS A 57 -14.01 -31.31 6.56
N GLY A 58 -14.46 -30.48 7.50
CA GLY A 58 -15.18 -29.26 7.18
C GLY A 58 -14.40 -28.04 7.63
N MET A 59 -14.75 -26.85 7.13
CA MET A 59 -14.06 -25.64 7.53
C MET A 59 -15.07 -24.56 7.92
N ILE A 60 -14.63 -23.65 8.78
CA ILE A 60 -15.43 -22.51 9.19
C ILE A 60 -14.47 -21.40 9.64
N SER A 61 -14.90 -20.16 9.44
CA SER A 61 -14.09 -18.99 9.73
C SER A 61 -14.30 -18.54 11.18
N LEU A 62 -13.21 -18.18 11.83
CA LEU A 62 -13.27 -17.60 13.17
C LEU A 62 -13.45 -16.09 13.15
N GLY A 63 -13.33 -15.46 11.99
CA GLY A 63 -13.49 -14.03 11.86
C GLY A 63 -12.52 -13.22 12.70
N GLY A 64 -11.22 -13.53 12.59
CA GLY A 64 -10.23 -12.81 13.36
C GLY A 64 -10.32 -13.13 14.83
N VAL A 65 -10.08 -12.11 15.67
CA VAL A 65 -10.20 -12.29 17.10
C VAL A 65 -11.63 -12.67 17.45
N ILE A 66 -11.80 -13.73 18.22
CA ILE A 66 -13.12 -14.17 18.59
C ILE A 66 -13.50 -13.55 19.94
N MET A 67 -14.78 -13.60 20.27
CA MET A 67 -15.28 -12.91 21.45
C MET A 67 -14.82 -13.62 22.72
N ASN A 68 -14.43 -12.85 23.72
CA ASN A 68 -14.00 -13.36 25.02
C ASN A 68 -15.24 -13.65 25.85
N ALA A 69 -15.64 -14.92 25.88
CA ALA A 69 -16.89 -15.29 26.55
C ALA A 69 -16.82 -15.11 28.07
N CYS A 70 -15.62 -15.07 28.65
CA CYS A 70 -15.48 -14.99 30.10
C CYS A 70 -16.00 -13.67 30.66
N LYS A 71 -15.86 -12.57 29.93
CA LYS A 71 -16.31 -11.27 30.38
C LYS A 71 -17.75 -10.98 30.01
N LYS A 72 -18.47 -11.96 29.46
CA LYS A 72 -19.89 -11.81 29.10
C LYS A 72 -20.76 -12.83 29.84
N VAL A 73 -20.35 -13.26 31.03
CA VAL A 73 -21.18 -14.17 31.82
C VAL A 73 -21.39 -13.59 33.21
N THR A 74 -22.53 -13.99 33.78
CA THR A 74 -22.87 -13.62 35.17
C THR A 74 -23.58 -14.85 35.75
N ASN A 75 -23.37 -15.16 37.03
CA ASN A 75 -23.97 -16.32 37.67
C ASN A 75 -25.21 -15.87 38.41
N ILE A 76 -26.35 -16.44 38.04
CA ILE A 76 -27.62 -16.12 38.69
C ILE A 76 -28.00 -17.23 39.67
N ILE A 84 -26.64 -21.77 37.98
CA ILE A 84 -26.79 -21.38 36.59
C ILE A 84 -25.75 -20.32 36.22
N MET A 85 -25.54 -20.12 34.92
CA MET A 85 -24.63 -19.10 34.42
C MET A 85 -25.25 -18.49 33.16
N VAL A 86 -25.63 -17.22 33.24
CA VAL A 86 -26.34 -16.58 32.15
C VAL A 86 -25.32 -15.93 31.21
N ARG A 87 -25.57 -16.08 29.92
CA ARG A 87 -24.73 -15.50 28.88
C ARG A 87 -25.25 -14.11 28.54
N ASN A 88 -24.36 -13.12 28.58
CA ASN A 88 -24.78 -11.78 28.21
C ASN A 88 -25.32 -11.80 26.78
N GLU A 89 -26.30 -10.94 26.52
CA GLU A 89 -27.06 -11.06 25.29
C GLU A 89 -26.25 -10.64 24.08
N GLN A 90 -25.18 -9.86 24.28
CA GLN A 90 -24.26 -9.59 23.18
C GLN A 90 -23.50 -10.85 22.78
N LEU A 91 -23.14 -11.69 23.77
CA LEU A 91 -22.45 -12.94 23.48
C LEU A 91 -23.38 -13.94 22.79
N THR A 92 -24.67 -13.93 23.15
CA THR A 92 -25.61 -14.83 22.51
C THR A 92 -25.78 -14.49 21.03
N ASN A 93 -25.61 -13.23 20.65
CA ASN A 93 -25.85 -12.77 19.29
C ASN A 93 -24.59 -12.69 18.46
N ASN A 94 -23.45 -13.17 18.97
CA ASN A 94 -22.21 -13.13 18.21
C ASN A 94 -22.30 -14.11 17.04
N LYS A 95 -22.29 -13.59 15.81
CA LYS A 95 -22.51 -14.43 14.65
C LYS A 95 -21.44 -15.50 14.49
N VAL A 96 -20.20 -15.20 14.86
CA VAL A 96 -19.11 -16.18 14.70
C VAL A 96 -19.31 -17.35 15.66
N LEU A 97 -19.54 -17.06 16.95
CA LEU A 97 -19.72 -18.14 17.91
C LEU A 97 -21.07 -18.82 17.75
N GLN A 98 -22.08 -18.08 17.31
CA GLN A 98 -23.36 -18.69 16.96
C GLN A 98 -23.19 -19.75 15.88
N GLY A 99 -22.43 -19.43 14.83
CA GLY A 99 -22.21 -20.36 13.75
C GLY A 99 -21.45 -21.60 14.16
N ILE A 100 -20.51 -21.46 15.10
CA ILE A 100 -19.74 -22.62 15.55
C ILE A 100 -20.65 -23.59 16.31
N VAL A 101 -21.50 -23.05 17.19
CA VAL A 101 -22.43 -23.89 17.94
C VAL A 101 -23.39 -24.59 17.00
N GLN A 102 -23.89 -23.86 15.99
CA GLN A 102 -24.80 -24.44 15.02
C GLN A 102 -24.14 -25.57 14.25
N VAL A 103 -22.94 -25.32 13.71
CA VAL A 103 -22.26 -26.32 12.90
C VAL A 103 -21.97 -27.57 13.70
N LEU A 104 -21.62 -27.42 14.98
CA LEU A 104 -21.28 -28.56 15.83
C LEU A 104 -22.48 -29.16 16.54
N GLY A 105 -23.62 -28.47 16.55
CA GLY A 105 -24.73 -28.95 17.34
C GLY A 105 -24.48 -28.90 18.83
N LEU A 106 -23.67 -27.94 19.29
CA LEU A 106 -23.36 -27.84 20.71
C LEU A 106 -24.58 -27.40 21.50
N ASP A 107 -24.65 -27.84 22.75
CA ASP A 107 -25.75 -27.52 23.66
C ASP A 107 -25.16 -26.95 24.93
N PHE A 108 -25.65 -25.78 25.34
CA PHE A 108 -25.13 -25.13 26.54
C PHE A 108 -25.63 -25.79 27.81
N ASN A 109 -26.74 -26.54 27.74
CA ASN A 109 -27.28 -27.29 28.87
C ASN A 109 -26.89 -28.76 28.82
N CYS A 110 -25.67 -29.04 28.35
CA CYS A 110 -25.20 -30.41 28.18
C CYS A 110 -23.76 -30.51 28.66
N HIS A 111 -23.45 -31.53 29.45
CA HIS A 111 -22.14 -31.65 30.06
C HIS A 111 -21.13 -32.39 29.20
N TYR A 112 -21.60 -33.21 28.25
CA TYR A 112 -20.73 -33.98 27.36
C TYR A 112 -19.70 -34.81 28.13
N LYS A 113 -20.14 -35.39 29.25
CA LYS A 113 -19.26 -36.22 30.07
C LYS A 113 -19.14 -37.64 29.53
N THR A 114 -20.20 -38.14 28.88
CA THR A 114 -20.28 -39.52 28.44
C THR A 114 -20.04 -39.62 26.94
N GLN A 115 -19.62 -40.82 26.51
CA GLN A 115 -19.36 -41.04 25.09
C GLN A 115 -20.64 -40.91 24.26
N GLU A 116 -21.81 -41.14 24.86
CA GLU A 116 -23.06 -41.02 24.11
C GLU A 116 -23.44 -39.57 23.86
N GLU A 117 -23.27 -38.70 24.86
CA GLU A 117 -23.59 -37.29 24.68
C GLU A 117 -22.66 -36.66 23.64
N ARG A 118 -21.36 -36.96 23.73
CA ARG A 118 -20.41 -36.41 22.78
C ARG A 118 -20.67 -36.89 21.36
N ALA A 119 -21.34 -38.04 21.20
CA ALA A 119 -21.65 -38.57 19.88
C ALA A 119 -22.90 -37.93 19.27
N LYS A 120 -23.60 -37.08 20.02
CA LYS A 120 -24.70 -36.31 19.47
C LYS A 120 -24.23 -34.99 18.84
N LEU A 121 -22.94 -34.69 18.92
CA LEU A 121 -22.37 -33.58 18.19
C LEU A 121 -22.19 -33.97 16.73
N ARG A 122 -22.11 -32.96 15.88
CA ARG A 122 -22.06 -33.20 14.44
C ARG A 122 -20.65 -33.42 13.91
N TYR A 123 -19.61 -33.20 14.73
CA TYR A 123 -18.24 -33.46 14.34
C TYR A 123 -17.53 -34.21 15.45
N GLY A 124 -16.48 -34.93 15.08
CA GLY A 124 -15.67 -35.63 16.06
C GLY A 124 -14.79 -34.71 16.89
N CYS A 125 -14.32 -33.62 16.28
CA CYS A 125 -13.44 -32.67 16.97
C CYS A 125 -13.43 -31.37 16.19
N ILE A 126 -12.84 -30.35 16.80
CA ILE A 126 -12.57 -29.07 16.16
C ILE A 126 -11.06 -28.85 16.15
N VAL A 127 -10.50 -28.59 14.97
CA VAL A 127 -9.08 -28.37 14.80
C VAL A 127 -8.88 -26.89 14.49
N ALA A 128 -8.26 -26.17 15.42
CA ALA A 128 -7.97 -24.76 15.20
C ALA A 128 -6.79 -24.63 14.25
N CYS A 129 -7.02 -24.04 13.07
CA CYS A 129 -5.98 -23.76 12.11
C CYS A 129 -5.72 -22.25 12.09
N VAL A 130 -5.10 -21.78 13.17
CA VAL A 130 -4.77 -20.37 13.31
C VAL A 130 -3.37 -20.13 12.76
N ASP A 131 -3.10 -18.88 12.43
CA ASP A 131 -1.76 -18.50 12.03
C ASP A 131 -0.82 -18.65 13.22
N GLN A 132 0.48 -18.68 12.91
CA GLN A 132 1.49 -18.96 13.93
C GLN A 132 2.03 -17.69 14.59
N ASP A 133 1.62 -16.51 14.15
CA ASP A 133 1.97 -15.32 14.90
C ASP A 133 1.33 -15.38 16.28
N LEU A 134 1.92 -14.63 17.22
CA LEU A 134 1.40 -14.63 18.59
C LEU A 134 -0.08 -14.26 18.63
N ASP A 135 -0.55 -13.45 17.67
CA ASP A 135 -1.97 -13.13 17.61
C ASP A 135 -2.81 -14.38 17.37
N GLY A 136 -2.35 -15.26 16.49
CA GLY A 136 -3.09 -16.46 16.14
C GLY A 136 -3.11 -17.49 17.24
N CYS A 137 -1.92 -18.02 17.58
CA CYS A 137 -1.85 -19.12 18.53
C CYS A 137 -1.97 -18.64 19.97
N GLY A 138 -1.59 -17.40 20.24
CA GLY A 138 -1.67 -16.88 21.60
C GLY A 138 -3.03 -16.32 21.94
N LYS A 139 -3.48 -15.33 21.16
CA LYS A 139 -4.73 -14.63 21.48
C LYS A 139 -5.96 -15.37 20.94
N ILE A 140 -6.00 -15.58 19.62
CA ILE A 140 -7.19 -16.16 19.01
C ILE A 140 -7.40 -17.59 19.50
N LEU A 141 -6.34 -18.40 19.45
CA LEU A 141 -6.45 -19.77 19.94
C LEU A 141 -6.72 -19.79 21.44
N GLY A 142 -6.06 -18.91 22.20
CA GLY A 142 -6.34 -18.82 23.62
C GLY A 142 -7.80 -18.55 23.92
N LEU A 143 -8.38 -17.56 23.24
CA LEU A 143 -9.77 -17.22 23.46
C LEU A 143 -10.71 -18.36 23.07
N LEU A 144 -10.33 -19.13 22.04
CA LEU A 144 -11.13 -20.29 21.67
C LEU A 144 -11.09 -21.36 22.77
N LEU A 145 -9.91 -21.62 23.32
CA LEU A 145 -9.80 -22.58 24.40
C LEU A 145 -10.55 -22.10 25.63
N ALA A 146 -10.50 -20.80 25.91
CA ALA A 146 -11.24 -20.27 27.06
C ALA A 146 -12.74 -20.39 26.85
N TYR A 147 -13.19 -20.33 25.59
CA TYR A 147 -14.61 -20.50 25.31
C TYR A 147 -15.08 -21.90 25.67
N PHE A 148 -14.37 -22.92 25.16
CA PHE A 148 -14.76 -24.29 25.45
C PHE A 148 -14.56 -24.63 26.92
N HIS A 149 -13.47 -24.16 27.52
CA HIS A 149 -13.24 -24.41 28.94
C HIS A 149 -14.33 -23.79 29.80
N LEU A 150 -14.92 -22.68 29.35
CA LEU A 150 -15.93 -22.00 30.15
C LEU A 150 -17.26 -22.75 30.12
N PHE A 151 -17.58 -23.39 29.00
CA PHE A 151 -18.91 -23.98 28.81
C PHE A 151 -18.90 -25.50 28.76
N TRP A 152 -17.86 -26.10 28.19
CA TRP A 152 -17.78 -27.56 28.04
C TRP A 152 -16.37 -28.02 28.32
N PRO A 153 -15.91 -27.89 29.57
CA PRO A 153 -14.54 -28.35 29.89
C PRO A 153 -14.34 -29.83 29.66
N GLN A 154 -15.40 -30.63 29.79
CA GLN A 154 -15.30 -32.06 29.49
C GLN A 154 -14.84 -32.29 28.06
N LEU A 155 -15.24 -31.42 27.13
CA LEU A 155 -14.84 -31.59 25.74
C LEU A 155 -13.34 -31.47 25.55
N ILE A 156 -12.68 -30.61 26.33
CA ILE A 156 -11.23 -30.52 26.25
C ILE A 156 -10.59 -31.79 26.80
N ILE A 157 -11.09 -32.29 27.94
CA ILE A 157 -10.50 -33.47 28.56
C ILE A 157 -10.55 -34.66 27.62
N HIS A 158 -11.69 -34.86 26.95
CA HIS A 158 -11.84 -35.97 26.02
C HIS A 158 -11.28 -35.66 24.64
N GLY A 159 -10.41 -34.65 24.54
CA GLY A 159 -9.68 -34.42 23.32
C GLY A 159 -10.47 -33.88 22.16
N PHE A 160 -11.61 -33.25 22.43
CA PHE A 160 -12.42 -32.70 21.34
C PHE A 160 -11.81 -31.43 20.75
N VAL A 161 -10.99 -30.71 21.51
CA VAL A 161 -10.38 -29.47 21.04
C VAL A 161 -8.94 -29.76 20.66
N LYS A 162 -8.64 -29.67 19.37
CA LYS A 162 -7.32 -29.89 18.81
C LYS A 162 -6.82 -28.64 18.10
N ARG A 163 -5.61 -28.72 17.56
CA ARG A 163 -5.02 -27.63 16.78
C ARG A 163 -4.05 -28.22 15.77
N LEU A 164 -3.83 -27.49 14.69
CA LEU A 164 -2.87 -27.85 13.65
C LEU A 164 -1.67 -26.91 13.76
N LEU A 165 -0.48 -27.48 13.95
CA LEU A 165 0.73 -26.70 14.13
C LEU A 165 1.38 -26.44 12.78
N THR A 166 1.64 -25.16 12.49
CA THR A 166 2.29 -24.72 11.27
C THR A 166 3.45 -23.81 11.62
N PRO A 167 4.46 -23.71 10.75
CA PRO A 167 5.60 -22.84 11.05
C PRO A 167 5.26 -21.37 10.85
N LEU A 168 5.98 -20.52 11.59
CA LEU A 168 5.91 -19.07 11.44
C LEU A 168 7.05 -18.52 10.61
N ILE A 169 8.27 -19.02 10.80
CA ILE A 169 9.43 -18.60 10.03
C ILE A 169 10.07 -19.83 9.41
N ARG A 170 10.41 -19.73 8.11
CA ARG A 170 11.20 -20.73 7.41
C ARG A 170 12.45 -20.09 6.86
N VAL A 171 13.58 -20.77 7.01
CA VAL A 171 14.87 -20.30 6.51
C VAL A 171 15.38 -21.31 5.48
N TYR A 172 15.56 -20.85 4.24
CA TYR A 172 16.04 -21.70 3.15
C TYR A 172 17.52 -21.43 2.92
N GLU A 173 18.32 -22.48 2.90
CA GLU A 173 19.72 -22.42 2.51
C GLU A 173 19.84 -22.57 0.99
N LYS A 174 20.83 -21.87 0.41
CA LYS A 174 21.07 -21.97 -1.02
C LYS A 174 21.87 -23.20 -1.43
N GLY A 175 22.00 -24.22 -0.57
CA GLY A 175 22.42 -25.50 -1.05
C GLY A 175 21.45 -26.59 -0.63
N LYS A 176 20.78 -26.36 0.50
CA LYS A 176 20.01 -27.43 1.10
C LYS A 176 18.59 -27.33 0.54
N THR A 177 17.99 -28.49 0.30
CA THR A 177 16.65 -28.49 -0.25
C THR A 177 15.61 -28.27 0.85
N MET A 178 15.78 -28.94 1.98
CA MET A 178 14.85 -28.82 3.07
C MET A 178 15.18 -27.61 3.93
N PRO A 179 14.20 -26.80 4.31
CA PRO A 179 14.48 -25.60 5.09
C PRO A 179 14.48 -25.88 6.60
N VAL A 180 14.84 -24.84 7.35
CA VAL A 180 14.75 -24.86 8.81
C VAL A 180 13.51 -24.08 9.22
N GLU A 181 12.70 -24.67 10.09
CA GLU A 181 11.42 -24.10 10.46
C GLU A 181 11.40 -23.73 11.93
N PHE A 182 10.73 -22.62 12.23
CA PHE A 182 10.62 -22.13 13.60
C PHE A 182 9.15 -21.84 13.89
N TYR A 183 8.79 -21.94 15.17
CA TYR A 183 7.41 -21.77 15.59
C TYR A 183 7.18 -20.53 16.44
N TYR A 184 8.24 -19.84 16.85
CA TYR A 184 8.16 -18.58 17.59
C TYR A 184 9.23 -17.65 17.05
N GLU A 185 8.90 -16.36 16.94
CA GLU A 185 9.87 -15.41 16.42
C GLU A 185 11.09 -15.29 17.31
N GLN A 186 10.94 -15.52 18.62
CA GLN A 186 12.09 -15.44 19.52
C GLN A 186 13.05 -16.60 19.30
N GLU A 187 12.51 -17.82 19.17
CA GLU A 187 13.35 -18.98 18.88
C GLU A 187 14.20 -18.75 17.63
N PHE A 188 13.63 -18.13 16.60
CA PHE A 188 14.41 -17.81 15.41
C PHE A 188 15.43 -16.72 15.70
N ASP A 189 14.99 -15.62 16.33
CA ASP A 189 15.86 -14.47 16.57
C ASP A 189 17.15 -14.89 17.29
N ALA A 190 17.03 -15.80 18.25
CA ALA A 190 18.22 -16.31 18.93
C ALA A 190 19.07 -17.15 17.99
N TRP A 191 18.42 -17.99 17.18
CA TRP A 191 19.14 -18.82 16.21
C TRP A 191 19.90 -17.98 15.18
N ALA A 192 19.49 -16.73 14.96
CA ALA A 192 20.16 -15.89 13.98
C ALA A 192 21.37 -15.19 14.58
N LYS A 193 21.30 -14.81 15.86
CA LYS A 193 22.46 -14.20 16.52
C LYS A 193 23.60 -15.20 16.69
N LYS A 194 23.32 -16.49 16.76
CA LYS A 194 24.34 -17.52 16.89
C LYS A 194 24.83 -18.04 15.56
N GLN A 195 24.56 -17.32 14.47
CA GLN A 195 25.01 -17.71 13.14
C GLN A 195 26.14 -16.80 12.66
N THR A 196 27.15 -17.39 12.04
CA THR A 196 28.28 -16.60 11.54
C THR A 196 27.80 -15.62 10.46
N SER A 197 27.03 -16.12 9.51
CA SER A 197 26.46 -15.27 8.46
C SER A 197 25.29 -16.01 7.83
N LEU A 198 24.21 -15.27 7.57
CA LEU A 198 23.06 -15.79 6.83
C LEU A 198 22.94 -15.09 5.47
N VAL A 199 24.07 -14.73 4.88
CA VAL A 199 24.09 -14.15 3.55
C VAL A 199 23.57 -15.17 2.52
N ASN A 200 23.81 -16.45 2.76
CA ASN A 200 23.33 -17.54 1.90
C ASN A 200 22.00 -18.10 2.37
N HIS A 201 21.11 -17.27 2.90
CA HIS A 201 19.84 -17.73 3.44
C HIS A 201 18.73 -16.76 3.08
N THR A 202 17.54 -17.30 2.81
CA THR A 202 16.33 -16.51 2.64
C THR A 202 15.38 -16.83 3.78
N VAL A 203 15.08 -15.81 4.59
CA VAL A 203 14.13 -15.94 5.69
C VAL A 203 12.75 -15.54 5.20
N LYS A 204 11.74 -16.34 5.52
CA LYS A 204 10.36 -16.01 5.21
C LYS A 204 9.51 -16.05 6.47
N TYR A 205 8.77 -14.99 6.71
CA TYR A 205 7.83 -14.90 7.83
C TYR A 205 6.42 -15.09 7.27
N TYR A 206 5.66 -15.98 7.89
CA TYR A 206 4.34 -16.36 7.39
C TYR A 206 3.30 -15.75 8.32
N LYS A 207 2.87 -14.52 8.02
CA LYS A 207 1.93 -13.82 8.87
C LYS A 207 0.54 -14.45 8.87
N GLY A 208 0.21 -15.20 7.82
CA GLY A 208 -1.05 -15.92 7.77
C GLY A 208 -0.86 -17.26 7.09
N LEU A 209 -1.89 -18.10 7.18
CA LEU A 209 -1.83 -19.40 6.53
C LEU A 209 -1.68 -19.24 5.02
N ALA A 210 -2.41 -18.29 4.44
CA ALA A 210 -2.43 -18.09 3.00
C ALA A 210 -1.08 -17.66 2.43
N ALA A 211 -0.07 -17.53 3.28
CA ALA A 211 1.26 -17.12 2.85
C ALA A 211 2.13 -18.28 2.41
N HIS A 212 1.74 -19.52 2.70
CA HIS A 212 2.52 -20.67 2.30
C HIS A 212 2.36 -20.92 0.80
N ASP A 213 3.44 -21.32 0.15
CA ASP A 213 3.39 -21.57 -1.28
C ASP A 213 2.91 -22.99 -1.57
N THR A 214 2.70 -23.26 -2.86
CA THR A 214 2.03 -24.50 -3.27
C THR A 214 2.81 -25.73 -2.83
N HIS A 215 4.14 -25.71 -2.97
CA HIS A 215 4.93 -26.86 -2.56
C HIS A 215 4.97 -27.02 -1.05
N GLU A 216 4.91 -25.92 -0.30
CA GLU A 216 4.89 -26.02 1.15
C GLU A 216 3.55 -26.53 1.66
N VAL A 217 2.46 -26.14 1.00
CA VAL A 217 1.14 -26.64 1.42
C VAL A 217 1.01 -28.12 1.11
N LYS A 218 1.62 -28.58 0.02
CA LYS A 218 1.62 -30.02 -0.26
C LYS A 218 2.39 -30.79 0.80
N SER A 219 3.58 -30.29 1.17
CA SER A 219 4.37 -30.92 2.24
C SER A 219 3.59 -30.93 3.54
N MET A 220 2.94 -29.81 3.89
CA MET A 220 2.20 -29.74 5.13
C MET A 220 1.03 -30.71 5.16
N PHE A 221 0.58 -31.17 3.98
CA PHE A 221 -0.58 -32.03 3.94
C PHE A 221 -0.26 -33.53 3.83
N LYS A 222 0.98 -33.98 3.49
CA LYS A 222 1.27 -35.38 3.84
C LYS A 222 1.28 -35.55 5.34
N HIS A 223 1.93 -34.65 6.05
CA HIS A 223 2.15 -34.84 7.47
C HIS A 223 1.09 -34.13 8.29
N PHE A 224 -0.13 -34.04 7.75
CA PHE A 224 -1.21 -33.36 8.45
C PHE A 224 -1.51 -34.05 9.77
N ASP A 225 -1.58 -35.39 9.77
CA ASP A 225 -1.93 -36.10 11.00
C ASP A 225 -0.79 -36.05 12.01
N ASN A 226 0.45 -36.00 11.54
CA ASN A 226 1.59 -35.90 12.45
C ASN A 226 1.76 -34.50 13.02
N MET A 227 0.92 -33.55 12.63
CA MET A 227 1.03 -32.18 13.13
C MET A 227 -0.26 -31.69 13.78
N VAL A 228 -1.20 -32.59 14.09
CA VAL A 228 -2.42 -32.23 14.81
C VAL A 228 -2.21 -32.57 16.28
N TYR A 229 -2.31 -31.56 17.13
CA TYR A 229 -2.10 -31.73 18.56
C TYR A 229 -3.43 -31.60 19.30
N THR A 230 -3.55 -32.31 20.41
CA THR A 230 -4.77 -32.40 21.18
C THR A 230 -4.58 -31.73 22.54
N PHE A 231 -5.57 -30.96 22.97
CA PHE A 231 -5.48 -30.22 24.22
C PHE A 231 -6.00 -31.07 25.38
N THR A 232 -5.39 -30.87 26.55
CA THR A 232 -5.74 -31.60 27.76
C THR A 232 -5.92 -30.62 28.90
N LEU A 233 -6.69 -31.03 29.91
CA LEU A 233 -6.96 -30.19 31.06
C LEU A 233 -6.11 -30.62 32.25
N ASP A 234 -5.64 -29.64 33.02
CA ASP A 234 -4.94 -29.88 34.27
C ASP A 234 -5.73 -29.27 35.42
N ASP A 235 -5.17 -29.37 36.62
CA ASP A 235 -5.79 -28.71 37.76
C ASP A 235 -5.43 -27.23 37.78
N SER A 236 -4.27 -26.88 37.25
CA SER A 236 -3.84 -25.49 37.17
C SER A 236 -4.60 -24.71 36.11
N ALA A 237 -5.27 -25.40 35.19
CA ALA A 237 -5.89 -24.73 34.05
C ALA A 237 -6.93 -23.71 34.48
N LYS A 238 -7.74 -24.05 35.48
CA LYS A 238 -8.88 -23.20 35.85
C LYS A 238 -8.40 -21.83 36.31
N GLU A 239 -7.39 -21.80 37.18
CA GLU A 239 -6.86 -20.51 37.65
C GLU A 239 -6.17 -19.76 36.52
N LEU A 240 -5.44 -20.46 35.66
CA LEU A 240 -4.70 -19.80 34.60
C LEU A 240 -5.64 -19.18 33.57
N PHE A 241 -6.74 -19.87 33.25
CA PHE A 241 -7.73 -19.28 32.34
C PHE A 241 -8.32 -18.01 32.92
N HIS A 242 -8.45 -17.92 34.24
CA HIS A 242 -8.99 -16.71 34.85
C HIS A 242 -7.97 -15.58 34.87
N ILE A 243 -6.70 -15.90 35.08
CA ILE A 243 -5.66 -14.86 35.08
C ILE A 243 -5.58 -14.19 33.71
N TYR A 244 -5.57 -14.99 32.65
CA TYR A 244 -5.32 -14.44 31.32
C TYR A 244 -6.58 -13.88 30.67
N PHE A 245 -7.76 -14.43 30.98
CA PHE A 245 -8.98 -14.05 30.29
C PHE A 245 -10.11 -13.67 31.23
N GLY A 246 -9.80 -13.51 32.51
CA GLY A 246 -10.87 -13.23 33.48
C GLY A 246 -11.28 -11.78 33.53
N GLY A 247 -12.05 -11.43 34.55
CA GLY A 247 -12.50 -10.05 34.70
C GLY A 247 -11.55 -9.15 35.45
N GLU A 248 -10.62 -9.72 36.22
CA GLU A 248 -9.73 -8.92 37.07
C GLU A 248 -8.43 -8.66 36.31
N SER A 249 -8.23 -7.43 35.87
CA SER A 249 -6.99 -7.05 35.21
C SER A 249 -5.82 -7.07 36.16
N GLU A 250 -6.08 -7.02 37.47
CA GLU A 250 -5.00 -7.10 38.45
C GLU A 250 -4.17 -8.36 38.24
N LEU A 251 -4.82 -9.49 37.93
CA LEU A 251 -4.10 -10.74 37.75
C LEU A 251 -3.16 -10.69 36.53
N ARG A 252 -3.52 -9.92 35.51
CA ARG A 252 -2.62 -9.77 34.38
C ARG A 252 -1.43 -8.90 34.75
N LYS A 253 -1.65 -7.83 35.52
CA LYS A 253 -0.53 -7.02 35.99
C LYS A 253 0.45 -7.85 36.81
N ARG A 254 -0.04 -8.87 37.53
CA ARG A 254 0.86 -9.73 38.29
C ARG A 254 1.59 -10.70 37.37
N GLU A 255 0.89 -11.28 36.40
CA GLU A 255 1.49 -12.31 35.56
C GLU A 255 2.46 -11.73 34.54
N LEU A 256 2.14 -10.57 33.99
CA LEU A 256 2.92 -9.98 32.91
C LEU A 256 4.09 -9.14 33.42
N CYS A 257 4.48 -9.32 34.68
CA CYS A 257 5.66 -8.66 35.23
C CYS A 257 6.94 -9.43 34.96
N THR A 258 6.84 -10.68 34.53
CA THR A 258 7.98 -11.51 34.19
C THR A 258 7.85 -12.03 32.77
N GLY A 259 8.98 -12.40 32.18
CA GLY A 259 8.94 -13.02 30.88
C GLY A 259 8.35 -14.42 30.98
N VAL A 260 8.03 -14.99 29.82
CA VAL A 260 7.52 -16.36 29.80
C VAL A 260 8.65 -17.30 30.17
N VAL A 261 8.37 -18.25 31.05
CA VAL A 261 9.33 -19.27 31.44
C VAL A 261 9.25 -20.41 30.41
N PRO A 262 10.34 -20.74 29.73
CA PRO A 262 10.24 -21.68 28.61
C PRO A 262 9.94 -23.10 29.06
N LEU A 263 9.48 -23.90 28.10
CA LEU A 263 9.25 -25.31 28.38
C LEU A 263 10.59 -26.04 28.48
N THR A 264 10.67 -26.97 29.42
CA THR A 264 11.85 -27.80 29.55
C THR A 264 11.91 -28.83 28.44
N GLU A 265 13.12 -29.34 28.18
CA GLU A 265 13.27 -30.37 27.15
C GLU A 265 12.45 -31.61 27.50
N THR A 266 12.30 -31.91 28.79
CA THR A 266 11.40 -32.98 29.19
C THR A 266 9.96 -32.66 28.81
N GLN A 267 9.55 -31.40 28.95
CA GLN A 267 8.19 -31.02 28.60
C GLN A 267 7.99 -31.01 27.09
N THR A 268 8.93 -30.43 26.34
CA THR A 268 8.79 -30.38 24.89
C THR A 268 8.85 -31.75 24.25
N GLN A 269 9.49 -32.72 24.91
CA GLN A 269 9.58 -34.06 24.32
C GLN A 269 8.31 -34.86 24.55
N SER A 270 7.72 -34.77 25.73
CA SER A 270 6.46 -35.46 25.98
C SER A 270 5.34 -34.92 25.10
N ILE A 271 5.25 -33.60 24.98
CA ILE A 271 4.22 -32.98 24.16
C ILE A 271 4.31 -33.48 22.72
N HIS A 272 5.52 -33.56 22.17
CA HIS A 272 5.68 -33.92 20.77
C HIS A 272 5.55 -35.43 20.53
N SER A 273 5.92 -36.25 21.51
CA SER A 273 5.87 -37.69 21.30
C SER A 273 4.45 -38.22 21.27
N VAL A 274 3.55 -37.60 22.03
CA VAL A 274 2.15 -38.00 22.07
C VAL A 274 1.23 -36.99 21.38
N ARG A 275 1.74 -35.84 20.97
CA ARG A 275 0.96 -34.79 20.29
C ARG A 275 -0.23 -34.35 21.16
N ARG A 276 0.05 -34.09 22.43
CA ARG A 276 -0.92 -33.54 23.36
C ARG A 276 -0.31 -32.35 24.08
N ILE A 277 -1.10 -31.28 24.21
CA ILE A 277 -0.65 -30.02 24.78
C ILE A 277 -1.54 -29.70 25.98
N PRO A 278 -0.99 -29.58 27.19
CA PRO A 278 -1.81 -29.12 28.32
C PRO A 278 -2.25 -27.67 28.12
N CYS A 279 -3.51 -27.40 28.45
CA CYS A 279 -4.01 -26.03 28.38
C CYS A 279 -3.19 -25.09 29.24
N SER A 280 -2.82 -25.53 30.45
CA SER A 280 -2.07 -24.67 31.36
C SER A 280 -0.72 -24.29 30.76
N LEU A 281 -0.09 -25.21 30.04
CA LEU A 281 1.20 -24.92 29.42
C LEU A 281 1.05 -23.96 28.24
N HIS A 282 0.02 -24.17 27.41
CA HIS A 282 -0.23 -23.27 26.29
C HIS A 282 -0.45 -21.83 26.77
N LEU A 283 -1.19 -21.67 27.87
CA LEU A 283 -1.43 -20.32 28.40
C LEU A 283 -0.15 -19.69 28.92
N GLN A 284 0.73 -20.50 29.51
CA GLN A 284 1.96 -19.97 30.09
C GLN A 284 2.97 -19.58 29.03
N VAL A 285 2.92 -20.20 27.85
CA VAL A 285 3.90 -19.96 26.80
C VAL A 285 3.30 -19.08 25.71
N ASP A 286 2.33 -19.63 24.97
CA ASP A 286 1.82 -18.94 23.78
C ASP A 286 1.05 -17.68 24.14
N THR A 287 0.00 -17.82 24.95
CA THR A 287 -0.86 -16.67 25.26
C THR A 287 -0.07 -15.59 26.00
N LYS A 288 0.80 -15.99 26.92
CA LYS A 288 1.61 -15.00 27.63
C LYS A 288 2.56 -14.29 26.68
N ALA A 289 3.13 -15.03 25.72
CA ALA A 289 4.03 -14.39 24.75
C ALA A 289 3.29 -13.35 23.92
N TYR A 290 2.04 -13.62 23.55
CA TYR A 290 1.26 -12.61 22.85
C TYR A 290 1.03 -11.39 23.74
N LYS A 291 0.48 -11.62 24.94
CA LYS A 291 0.13 -10.52 25.81
C LYS A 291 1.33 -9.64 26.14
N LEU A 292 2.52 -10.24 26.23
CA LEU A 292 3.73 -9.44 26.37
C LEU A 292 3.99 -8.61 25.11
N ASP A 293 3.87 -9.24 23.94
CA ASP A 293 4.05 -8.51 22.69
C ASP A 293 2.99 -7.43 22.53
N ALA A 294 1.74 -7.72 22.95
CA ALA A 294 0.68 -6.72 22.87
C ALA A 294 1.03 -5.48 23.69
N ILE A 295 1.69 -5.68 24.83
CA ILE A 295 2.09 -4.55 25.65
C ILE A 295 3.14 -3.70 24.93
N GLU A 296 4.14 -4.36 24.32
CA GLU A 296 5.18 -3.62 23.61
C GLU A 296 4.66 -2.93 22.36
N ARG A 297 3.53 -3.37 21.81
CA ARG A 297 2.99 -2.78 20.59
C ARG A 297 2.13 -1.56 20.86
N GLN A 298 1.46 -1.50 22.01
CA GLN A 298 0.45 -0.49 22.29
C GLN A 298 0.81 0.44 23.44
N ILE A 299 1.72 0.03 24.32
CA ILE A 299 2.19 0.85 25.43
C ILE A 299 3.52 1.48 24.98
N PRO A 300 3.65 2.80 24.98
CA PRO A 300 4.84 3.41 24.39
C PRO A 300 6.05 3.32 25.33
N ASN A 301 7.22 3.45 24.70
CA ASN A 301 8.48 3.51 25.44
C ASN A 301 8.61 4.89 26.07
N PHE A 302 9.09 4.93 27.32
CA PHE A 302 9.17 6.22 28.00
C PHE A 302 10.32 7.09 27.53
N LEU A 303 11.26 6.55 26.73
CA LEU A 303 12.36 7.38 26.28
C LEU A 303 11.93 8.33 25.16
N ASP A 304 11.17 7.82 24.19
CA ASP A 304 10.74 8.63 23.05
C ASP A 304 9.23 8.69 22.86
N GLY A 305 8.45 8.11 23.76
CA GLY A 305 7.00 8.21 23.69
C GLY A 305 6.34 7.49 22.53
N MET A 306 7.05 6.57 21.88
CA MET A 306 6.57 5.91 20.68
C MET A 306 6.26 4.44 20.95
N THR A 307 5.37 3.90 20.11
CA THR A 307 5.15 2.47 20.05
C THR A 307 6.06 1.86 18.99
N ARG A 308 6.00 0.54 18.83
CA ARG A 308 6.81 -0.10 17.80
C ARG A 308 6.39 0.36 16.41
N ALA A 309 5.08 0.43 16.16
CA ALA A 309 4.60 0.84 14.84
C ALA A 309 5.00 2.27 14.54
N ARG A 310 4.86 3.18 15.52
CA ARG A 310 5.17 4.58 15.27
C ARG A 310 6.67 4.81 15.16
N ARG A 311 7.48 3.98 15.84
CA ARG A 311 8.92 4.07 15.67
C ARG A 311 9.34 3.56 14.29
N LYS A 312 8.74 2.46 13.83
CA LYS A 312 8.95 2.02 12.46
C LYS A 312 8.55 3.11 11.48
N ILE A 313 7.42 3.77 11.73
CA ILE A 313 6.93 4.79 10.81
C ILE A 313 7.91 5.97 10.75
N LEU A 314 8.50 6.33 11.89
CA LEU A 314 9.48 7.42 11.89
C LEU A 314 10.77 6.98 11.24
N ALA A 315 11.31 5.83 11.66
CA ALA A 315 12.54 5.33 11.04
C ALA A 315 12.37 5.13 9.54
N GLY A 316 11.21 4.61 9.13
CA GLY A 316 10.94 4.49 7.71
C GLY A 316 10.78 5.84 7.04
N GLY A 317 10.20 6.81 7.74
CA GLY A 317 10.08 8.15 7.20
C GLY A 317 11.42 8.81 6.95
N VAL A 318 12.36 8.65 7.88
CA VAL A 318 13.69 9.23 7.68
C VAL A 318 14.36 8.63 6.46
N LYS A 319 14.27 7.31 6.30
CA LYS A 319 14.86 6.66 5.13
C LYS A 319 14.16 7.08 3.85
N CYS A 320 12.82 7.11 3.87
CA CYS A 320 12.06 7.40 2.66
C CYS A 320 12.26 8.84 2.19
N PHE A 321 12.42 9.78 3.13
CA PHE A 321 12.33 11.21 2.82
C PHE A 321 13.67 11.92 2.81
N ALA A 322 14.73 11.31 3.35
CA ALA A 322 16.02 11.99 3.43
C ALA A 322 16.60 12.28 2.04
N SER A 323 16.10 11.58 1.03
CA SER A 323 16.55 11.82 -0.36
C SER A 323 15.80 13.02 -0.96
N ASN A 324 14.47 13.05 -0.79
CA ASN A 324 13.64 14.16 -1.28
C ASN A 324 12.38 14.20 -0.42
N ASN A 325 12.13 15.30 0.27
CA ASN A 325 10.91 15.41 1.11
C ASN A 325 9.71 15.62 0.20
N ARG A 326 9.82 15.18 -1.06
CA ARG A 326 8.64 15.25 -1.96
C ARG A 326 7.53 14.44 -1.30
N GLU A 327 6.37 15.06 -1.17
CA GLU A 327 5.27 14.38 -0.51
C GLU A 327 4.90 13.11 -1.26
N ARG A 328 4.33 12.16 -0.51
CA ARG A 328 3.92 10.87 -1.05
C ARG A 328 2.61 10.48 -0.40
N LYS A 329 1.73 9.84 -1.16
CA LYS A 329 0.45 9.42 -0.62
C LYS A 329 0.64 8.39 0.49
N VAL A 330 -0.33 8.34 1.40
CA VAL A 330 -0.16 7.57 2.63
C VAL A 330 0.01 6.09 2.34
N PHE A 331 -0.84 5.53 1.46
CA PHE A 331 -0.75 4.09 1.21
C PHE A 331 0.55 3.73 0.53
N GLN A 332 1.15 4.65 -0.23
CA GLN A 332 2.46 4.38 -0.81
C GLN A 332 3.53 4.39 0.26
N PHE A 333 3.54 5.42 1.11
CA PHE A 333 4.49 5.48 2.21
C PHE A 333 4.33 4.29 3.15
N GLY A 334 3.08 3.86 3.37
CA GLY A 334 2.86 2.68 4.19
C GLY A 334 3.49 1.43 3.60
N GLY A 335 3.43 1.29 2.27
CA GLY A 335 4.10 0.16 1.64
C GLY A 335 5.60 0.22 1.80
N TYR A 336 6.17 1.43 1.70
CA TYR A 336 7.61 1.60 1.92
C TYR A 336 8.00 1.19 3.32
N VAL A 337 7.26 1.66 4.33
CA VAL A 337 7.57 1.36 5.71
C VAL A 337 7.47 -0.15 5.97
N ALA A 338 6.41 -0.77 5.48
CA ALA A 338 6.21 -2.20 5.72
C ALA A 338 7.32 -3.02 5.07
N ASP A 339 7.79 -2.60 3.90
CA ASP A 339 8.88 -3.31 3.25
C ASP A 339 10.20 -3.12 3.98
N HIS A 340 10.66 -1.87 4.09
CA HIS A 340 12.01 -1.62 4.56
C HIS A 340 12.17 -1.73 6.07
N MET A 341 11.08 -1.59 6.83
CA MET A 341 11.15 -1.68 8.29
C MET A 341 10.59 -2.99 8.82
N PHE A 342 10.26 -3.94 7.92
CA PHE A 342 9.89 -5.31 8.29
C PHE A 342 8.68 -5.33 9.21
N TYR A 343 7.56 -4.84 8.69
CA TYR A 343 6.29 -4.80 9.41
C TYR A 343 5.54 -6.10 9.12
N HIS A 344 5.25 -6.86 10.18
CA HIS A 344 4.70 -8.20 10.08
C HIS A 344 3.18 -8.24 10.25
N HIS A 345 2.47 -7.16 9.93
CA HIS A 345 1.06 -7.08 10.31
C HIS A 345 0.25 -6.52 9.14
N GLY A 346 -1.03 -6.28 9.43
CA GLY A 346 -1.95 -5.90 8.38
C GLY A 346 -1.63 -4.54 7.77
N ASP A 347 -1.84 -4.43 6.46
CA ASP A 347 -1.60 -3.18 5.75
C ASP A 347 -2.49 -2.05 6.27
N MET A 348 -3.69 -2.38 6.74
CA MET A 348 -4.65 -1.35 7.10
C MET A 348 -4.29 -0.68 8.42
N SER A 349 -3.78 -1.45 9.38
CA SER A 349 -3.37 -0.87 10.66
C SER A 349 -2.24 0.13 10.48
N LEU A 350 -1.20 -0.25 9.74
CA LEU A 350 -0.05 0.63 9.55
C LEU A 350 -0.46 1.92 8.83
N ASN A 351 -1.41 1.84 7.90
CA ASN A 351 -1.87 3.05 7.23
C ASN A 351 -2.61 3.98 8.18
N THR A 352 -3.35 3.42 9.14
CA THR A 352 -4.04 4.27 10.11
C THR A 352 -3.05 4.96 11.04
N SER A 353 -2.05 4.22 11.53
CA SER A 353 -1.06 4.82 12.42
C SER A 353 -0.27 5.91 11.73
N ILE A 354 -0.03 5.78 10.43
CA ILE A 354 0.63 6.84 9.67
C ILE A 354 -0.24 8.10 9.65
N ILE A 355 -1.54 7.93 9.38
CA ILE A 355 -2.45 9.07 9.38
C ILE A 355 -2.48 9.72 10.75
N LYS A 356 -2.66 8.92 11.80
CA LYS A 356 -2.74 9.47 13.15
C LYS A 356 -1.45 10.18 13.56
N ALA A 357 -0.31 9.71 13.04
CA ALA A 357 0.95 10.36 13.36
C ALA A 357 1.06 11.76 12.77
N ALA A 358 0.23 12.10 11.78
CA ALA A 358 0.35 13.36 11.08
C ALA A 358 -0.81 14.31 11.35
N GLN A 359 -1.75 13.95 12.23
CA GLN A 359 -2.85 14.84 12.55
C GLN A 359 -2.37 15.94 13.48
N TYR A 360 -2.83 17.17 13.22
CA TYR A 360 -2.45 18.34 14.02
C TYR A 360 -3.69 19.25 14.14
N TYR A 361 -4.48 19.02 15.17
CA TYR A 361 -5.64 19.85 15.48
C TYR A 361 -5.70 20.04 16.98
N PRO A 362 -6.44 21.05 17.45
CA PRO A 362 -6.56 21.26 18.91
C PRO A 362 -7.11 20.04 19.62
N GLY A 363 -6.30 19.42 20.48
CA GLY A 363 -6.68 18.22 21.17
C GLY A 363 -6.18 16.94 20.51
N SER A 364 -5.55 17.06 19.34
CA SER A 364 -4.95 15.93 18.68
C SER A 364 -3.92 15.25 19.60
N SER A 365 -3.62 13.99 19.28
CA SER A 365 -2.67 13.24 20.09
C SER A 365 -1.31 13.93 20.14
N HIS A 366 -0.89 14.53 19.04
CA HIS A 366 0.47 15.01 18.88
C HIS A 366 0.50 16.53 18.84
N LEU A 367 1.23 17.13 19.79
CA LEU A 367 1.55 18.55 19.71
C LEU A 367 2.71 18.82 18.77
N TYR A 368 3.52 17.81 18.48
CA TYR A 368 4.67 17.96 17.58
C TYR A 368 4.74 16.74 16.66
N PRO A 369 3.87 16.68 15.65
CA PRO A 369 3.87 15.53 14.73
C PRO A 369 5.18 15.41 13.97
N VAL A 370 5.55 14.17 13.68
CA VAL A 370 6.77 13.91 12.90
C VAL A 370 6.56 14.16 11.41
N PHE A 371 5.31 14.18 10.93
CA PHE A 371 5.02 14.43 9.52
C PHE A 371 4.21 15.69 9.33
N ILE A 372 4.26 16.22 8.12
CA ILE A 372 3.36 17.28 7.66
C ILE A 372 2.22 16.62 6.91
N GLY A 373 0.99 16.82 7.39
CA GLY A 373 -0.15 16.31 6.69
C GLY A 373 -0.57 17.26 5.58
N ILE A 374 -0.65 16.75 4.35
CA ILE A 374 -1.03 17.57 3.21
C ILE A 374 -2.35 17.02 2.68
N GLY A 375 -3.43 17.76 2.93
CA GLY A 375 -4.78 17.35 2.62
C GLY A 375 -5.64 17.42 3.85
N SER A 376 -6.80 16.78 3.79
CA SER A 376 -7.74 16.78 4.91
C SER A 376 -7.36 15.64 5.85
N PHE A 377 -6.82 15.98 7.02
CA PHE A 377 -6.34 15.00 7.99
C PHE A 377 -7.18 14.94 9.25
N GLY A 378 -8.36 15.54 9.25
CA GLY A 378 -9.25 15.41 10.38
C GLY A 378 -9.31 16.70 11.18
N SER A 379 -10.46 16.90 11.84
CA SER A 379 -10.70 18.09 12.63
C SER A 379 -10.89 17.72 14.09
N ARG A 380 -10.81 18.74 14.96
CA ARG A 380 -11.13 18.53 16.36
C ARG A 380 -12.58 18.15 16.55
N HIS A 381 -13.46 18.55 15.63
CA HIS A 381 -14.89 18.34 15.77
C HIS A 381 -15.27 16.87 15.69
N LEU A 382 -14.45 16.05 15.03
CA LEU A 382 -14.77 14.64 14.86
C LEU A 382 -13.68 13.73 15.42
N GLY A 383 -12.87 14.23 16.34
CA GLY A 383 -11.82 13.43 16.94
C GLY A 383 -10.86 12.85 15.93
N GLY A 384 -10.55 13.60 14.89
CA GLY A 384 -9.68 13.09 13.83
C GLY A 384 -10.22 11.91 13.08
N LYS A 385 -11.52 11.65 13.17
CA LYS A 385 -12.13 10.53 12.45
C LYS A 385 -12.63 10.92 11.07
N ASP A 386 -12.55 12.20 10.70
CA ASP A 386 -12.97 12.66 9.40
C ASP A 386 -11.81 12.90 8.44
N ALA A 387 -10.67 12.26 8.69
CA ALA A 387 -9.57 12.33 7.75
C ALA A 387 -9.92 11.58 6.47
N GLY A 388 -9.32 12.03 5.36
CA GLY A 388 -9.52 11.35 4.10
C GLY A 388 -8.93 9.95 4.10
N SER A 389 -9.37 9.16 3.12
CA SER A 389 -8.85 7.81 2.97
C SER A 389 -7.38 7.88 2.56
N PRO A 390 -6.60 6.83 2.86
CA PRO A 390 -5.15 6.87 2.61
C PRO A 390 -4.76 7.09 1.15
N ARG A 391 -5.71 7.10 0.21
CA ARG A 391 -5.37 7.27 -1.20
C ARG A 391 -5.45 8.72 -1.65
N TYR A 392 -6.04 9.60 -0.85
CA TYR A 392 -6.11 11.02 -1.17
C TYR A 392 -5.00 11.84 -0.54
N ILE A 393 -4.66 11.55 0.71
CA ILE A 393 -3.83 12.43 1.51
C ILE A 393 -2.39 11.95 1.47
N SER A 394 -1.48 12.87 1.72
CA SER A 394 -0.05 12.64 1.60
C SER A 394 0.64 13.06 2.88
N VAL A 395 1.85 12.54 3.09
CA VAL A 395 2.66 12.89 4.24
C VAL A 395 4.01 13.37 3.75
N GLN A 396 4.74 14.00 4.68
CA GLN A 396 5.99 14.68 4.37
C GLN A 396 6.74 14.88 5.68
N LEU A 397 8.01 14.52 5.69
CA LEU A 397 8.77 14.58 6.94
C LEU A 397 8.84 16.01 7.46
N ALA A 398 8.48 16.20 8.73
CA ALA A 398 8.69 17.48 9.39
C ALA A 398 10.17 17.64 9.67
N SER A 399 10.96 17.84 8.60
CA SER A 399 12.40 17.63 8.67
C SER A 399 13.08 18.57 9.66
N GLU A 400 12.70 19.84 9.68
CA GLU A 400 13.34 20.78 10.60
C GLU A 400 13.12 20.36 12.05
N PHE A 401 11.93 19.86 12.37
CA PHE A 401 11.69 19.35 13.72
C PHE A 401 12.45 18.05 13.95
N ILE A 402 12.45 17.15 12.97
CA ILE A 402 13.03 15.82 13.14
C ILE A 402 14.54 15.91 13.30
N LYS A 403 15.18 16.75 12.49
CA LYS A 403 16.64 16.85 12.54
C LYS A 403 17.13 17.43 13.86
N THR A 404 16.35 18.33 14.47
CA THR A 404 16.73 18.91 15.75
C THR A 404 16.39 18.02 16.93
N MET A 405 15.30 17.27 16.85
CA MET A 405 14.85 16.47 17.99
C MET A 405 15.52 15.11 18.03
N PHE A 406 15.66 14.45 16.88
CA PHE A 406 16.35 13.17 16.78
C PHE A 406 17.63 13.37 15.98
N PRO A 407 18.72 13.77 16.63
CA PRO A 407 19.96 14.06 15.88
C PRO A 407 20.45 12.83 15.13
N ALA A 408 20.77 13.03 13.85
CA ALA A 408 21.17 11.92 12.99
C ALA A 408 22.44 11.24 13.48
N GLU A 409 23.36 12.01 14.07
CA GLU A 409 24.59 11.41 14.60
C GLU A 409 24.28 10.37 15.66
N ASP A 410 23.17 10.54 16.39
CA ASP A 410 22.84 9.63 17.49
C ASP A 410 22.26 8.32 16.99
N SER A 411 21.57 8.33 15.85
CA SER A 411 20.89 7.13 15.40
C SER A 411 21.85 6.00 15.05
N TRP A 412 23.10 6.31 14.73
CA TRP A 412 24.09 5.26 14.51
C TRP A 412 24.43 4.52 15.79
N LEU A 413 24.20 5.14 16.96
CA LEU A 413 24.68 4.62 18.23
C LEU A 413 23.58 4.01 19.09
N LEU A 414 22.33 4.00 18.63
CA LEU A 414 21.25 3.40 19.39
C LEU A 414 21.23 1.88 19.19
N PRO A 415 20.67 1.14 20.14
CA PRO A 415 20.43 -0.28 19.90
C PRO A 415 19.31 -0.48 18.89
N TYR A 416 19.42 -1.52 18.08
CA TYR A 416 18.48 -1.78 17.02
C TYR A 416 17.83 -3.15 17.20
N VAL A 417 16.55 -3.24 16.82
CA VAL A 417 15.85 -4.50 16.73
C VAL A 417 16.11 -5.09 15.34
N PHE A 418 16.33 -6.39 15.29
CA PHE A 418 16.58 -7.09 14.03
C PHE A 418 15.42 -8.03 13.74
N GLU A 419 14.75 -7.80 12.60
CA GLU A 419 13.61 -8.59 12.18
C GLU A 419 13.96 -9.34 10.90
N ASP A 420 13.70 -10.66 10.90
CA ASP A 420 14.03 -11.54 9.78
C ASP A 420 15.53 -11.55 9.50
N GLY A 421 16.34 -11.36 10.54
CA GLY A 421 17.78 -11.37 10.41
C GLY A 421 18.40 -10.12 9.85
N GLN A 422 17.62 -9.05 9.69
CA GLN A 422 18.09 -7.81 9.10
C GLN A 422 17.81 -6.65 10.04
N ARG A 423 18.64 -5.60 9.92
CA ARG A 423 18.48 -4.45 10.80
C ARG A 423 17.20 -3.68 10.45
N ALA A 424 16.40 -3.39 11.47
CA ALA A 424 15.14 -2.67 11.26
C ALA A 424 15.21 -1.30 11.93
N GLU A 425 14.14 -0.92 12.62
CA GLU A 425 14.11 0.38 13.26
C GLU A 425 14.91 0.35 14.55
N PRO A 426 15.29 1.50 15.09
CA PRO A 426 15.97 1.51 16.39
C PRO A 426 15.12 0.87 17.48
N GLU A 427 15.80 0.29 18.48
CA GLU A 427 15.08 -0.23 19.63
C GLU A 427 14.32 0.87 20.35
N TYR A 428 14.90 2.07 20.40
CA TYR A 428 14.28 3.27 20.92
C TYR A 428 15.10 4.47 20.48
N TYR A 429 14.44 5.61 20.32
CA TYR A 429 15.14 6.86 20.13
C TYR A 429 15.39 7.53 21.48
N VAL A 430 16.42 8.37 21.52
CA VAL A 430 16.69 9.18 22.70
C VAL A 430 16.61 10.64 22.28
N PRO A 431 15.42 11.24 22.28
CA PRO A 431 15.28 12.61 21.76
C PRO A 431 15.94 13.63 22.67
N VAL A 432 16.08 14.85 22.12
CA VAL A 432 16.72 15.93 22.86
C VAL A 432 15.87 16.37 24.05
N LEU A 433 14.55 16.25 23.93
CA LEU A 433 13.63 16.58 25.01
C LEU A 433 12.79 15.35 25.37
N PRO A 434 12.31 15.26 26.61
CA PRO A 434 11.59 14.05 27.03
C PRO A 434 10.22 13.92 26.38
N LEU A 435 10.19 13.35 25.17
CA LEU A 435 9.00 13.37 24.35
C LEU A 435 7.82 12.64 25.00
N ALA A 436 8.10 11.68 25.87
CA ALA A 436 7.02 10.87 26.45
C ALA A 436 6.04 11.72 27.24
N ILE A 437 6.48 12.84 27.80
CA ILE A 437 5.65 13.69 28.63
C ILE A 437 5.28 14.99 27.94
N MET A 438 5.49 15.09 26.63
CA MET A 438 5.19 16.32 25.89
C MET A 438 4.01 16.18 24.94
N GLU A 439 3.29 15.07 24.99
CA GLU A 439 2.19 14.85 24.05
C GLU A 439 1.04 14.16 24.76
N TYR A 440 -0.07 14.03 24.05
CA TYR A 440 -1.30 13.45 24.59
C TYR A 440 -1.43 12.00 24.13
N GLY A 441 -1.69 11.12 25.07
CA GLY A 441 -1.90 9.72 24.74
C GLY A 441 -3.02 9.13 25.58
N ALA A 442 -3.73 8.17 24.99
CA ALA A 442 -4.82 7.48 25.69
C ALA A 442 -5.28 6.25 24.91
N ASN A 443 -4.88 5.07 25.36
CA ASN A 443 -5.33 3.81 24.77
C ASN A 443 -5.01 2.69 25.73
N PRO A 444 -5.73 1.56 25.64
CA PRO A 444 -5.46 0.44 26.54
C PRO A 444 -4.48 -0.56 25.96
N SER A 445 -4.16 -1.57 26.75
CA SER A 445 -3.37 -2.70 26.30
C SER A 445 -3.74 -3.90 27.19
N GLU A 446 -2.87 -4.89 27.25
CA GLU A 446 -3.08 -6.01 28.15
C GLU A 446 -2.56 -5.66 29.54
N GLY A 447 -3.38 -5.85 30.56
CA GLY A 447 -2.97 -5.52 31.91
C GLY A 447 -3.02 -4.07 32.31
N TRP A 448 -2.44 -3.18 31.49
CA TRP A 448 -2.34 -1.77 31.83
C TRP A 448 -3.07 -0.89 30.83
N LYS A 449 -3.60 0.21 31.34
CA LYS A 449 -4.05 1.32 30.50
C LYS A 449 -2.90 2.31 30.32
N TYR A 450 -3.06 3.21 29.35
CA TYR A 450 -2.08 4.25 29.11
C TYR A 450 -2.81 5.56 28.88
N THR A 451 -2.49 6.57 29.68
CA THR A 451 -3.08 7.90 29.51
C THR A 451 -2.09 8.93 30.01
N THR A 452 -1.79 9.93 29.17
CA THR A 452 -0.91 11.03 29.54
C THR A 452 -1.46 12.32 28.97
N TRP A 453 -1.24 13.40 29.71
CA TRP A 453 -1.64 14.74 29.30
C TRP A 453 -0.38 15.60 29.18
N ALA A 454 -0.21 16.23 28.02
CA ALA A 454 1.06 16.86 27.68
C ALA A 454 1.42 17.95 28.69
N ARG A 455 2.66 17.91 29.17
CA ARG A 455 3.15 18.96 30.04
C ARG A 455 3.46 20.20 29.22
N GLN A 456 3.46 21.35 29.90
CA GLN A 456 3.79 22.61 29.24
C GLN A 456 5.23 22.57 28.75
N LEU A 457 5.44 22.99 27.49
CA LEU A 457 6.77 22.92 26.90
C LEU A 457 7.75 23.82 27.65
N GLU A 458 7.28 24.97 28.14
CA GLU A 458 8.18 25.91 28.80
C GLU A 458 8.67 25.37 30.14
N ASP A 459 7.82 24.66 30.88
CA ASP A 459 8.27 24.03 32.12
C ASP A 459 9.33 22.96 31.85
N ILE A 460 9.20 22.25 30.73
CA ILE A 460 10.17 21.22 30.39
C ILE A 460 11.50 21.86 29.98
N LEU A 461 11.45 22.93 29.18
CA LEU A 461 12.67 23.62 28.80
C LEU A 461 13.37 24.20 30.02
N ALA A 462 12.61 24.74 30.98
CA ALA A 462 13.22 25.29 32.18
C ALA A 462 13.86 24.20 33.02
N LEU A 463 13.20 23.05 33.15
CA LEU A 463 13.73 21.98 33.98
C LEU A 463 14.95 21.33 33.34
N VAL A 464 14.90 21.06 32.03
CA VAL A 464 15.99 20.35 31.37
C VAL A 464 17.22 21.25 31.28
N ARG A 465 17.02 22.54 31.05
CA ARG A 465 18.16 23.46 30.94
C ARG A 465 18.88 23.61 32.28
N ALA A 466 18.12 23.64 33.38
CA ALA A 466 18.73 23.68 34.70
C ALA A 466 19.65 22.48 34.92
N TYR A 467 19.19 21.29 34.52
CA TYR A 467 20.01 20.10 34.68
C TYR A 467 21.31 20.20 33.87
N VAL A 468 21.27 20.85 32.72
CA VAL A 468 22.37 20.84 31.78
C VAL A 468 23.26 22.07 31.92
N ASP A 469 22.67 23.25 32.11
CA ASP A 469 23.42 24.50 32.12
C ASP A 469 24.16 24.67 33.44
N LYS A 470 25.50 24.67 33.37
CA LYS A 470 26.31 24.87 34.57
C LYS A 470 26.15 26.27 35.13
N ASP A 471 26.01 27.28 34.27
CA ASP A 471 25.88 28.67 34.70
C ASP A 471 24.41 29.07 34.78
N ASN A 472 23.65 28.40 35.64
CA ASN A 472 22.26 28.80 35.80
C ASN A 472 21.71 28.46 37.18
N PRO A 473 20.93 29.35 37.79
CA PRO A 473 20.28 29.02 39.05
C PRO A 473 19.02 28.19 38.82
N LYS A 474 18.96 27.04 39.48
CA LYS A 474 20.10 26.53 40.21
C LYS A 474 20.45 25.14 39.72
N HIS A 475 21.60 25.04 39.04
CA HIS A 475 22.13 23.76 38.62
C HIS A 475 22.34 22.84 39.83
N GLU A 476 23.11 23.31 40.81
CA GLU A 476 23.47 22.47 41.96
C GLU A 476 22.25 22.08 42.78
N LEU A 477 21.19 22.90 42.77
CA LEU A 477 19.99 22.57 43.53
C LEU A 477 19.28 21.36 42.95
N LEU A 478 19.05 21.37 41.64
CA LEU A 478 18.24 20.31 41.02
C LEU A 478 18.89 18.94 41.20
N HIS A 479 20.20 18.83 40.99
CA HIS A 479 20.88 17.56 41.18
C HIS A 479 20.81 17.10 42.64
N TYR A 480 20.92 18.04 43.58
CA TYR A 480 20.75 17.70 44.98
C TYR A 480 19.34 17.20 45.28
N ALA A 481 18.38 17.47 44.39
CA ALA A 481 17.00 17.05 44.57
C ALA A 481 16.70 15.70 43.93
N ILE A 482 17.27 15.42 42.76
CA ILE A 482 17.04 14.13 42.11
C ILE A 482 17.53 13.00 42.99
N LYS A 483 18.69 13.16 43.63
CA LYS A 483 19.22 12.13 44.51
C LYS A 483 18.24 11.77 45.60
N HIS A 484 17.59 12.77 46.20
CA HIS A 484 16.61 12.55 47.25
C HIS A 484 15.19 12.39 46.71
N LYS A 485 15.03 12.28 45.40
CA LYS A 485 13.73 12.09 44.75
C LYS A 485 12.75 13.20 45.15
N ILE A 486 13.22 14.43 45.08
CA ILE A 486 12.37 15.59 45.28
C ILE A 486 12.05 16.21 43.93
N THR A 487 11.13 17.17 43.93
CA THR A 487 10.78 17.94 42.75
C THR A 487 10.83 19.41 43.14
N ILE A 488 11.49 20.22 42.32
CA ILE A 488 11.77 21.61 42.69
C ILE A 488 11.06 22.56 41.74
N LEU A 489 10.92 22.15 40.47
CA LEU A 489 10.30 22.98 39.47
C LEU A 489 9.01 22.34 38.96
N PRO A 490 8.03 23.14 38.55
CA PRO A 490 6.74 22.59 38.17
C PRO A 490 6.76 21.95 36.79
N LEU A 491 5.86 20.97 36.61
CA LEU A 491 5.60 20.33 35.32
C LEU A 491 4.09 20.44 35.10
N ARG A 492 3.64 21.62 34.68
CA ARG A 492 2.23 21.89 34.57
C ARG A 492 1.67 21.39 33.24
N PRO A 493 0.39 21.05 33.18
CA PRO A 493 -0.22 20.65 31.91
C PRO A 493 -0.15 21.77 30.88
N SER A 494 0.00 21.38 29.62
CA SER A 494 0.13 22.34 28.53
C SER A 494 -1.17 23.11 28.33
N ASN A 495 -1.03 24.35 27.86
CA ASN A 495 -2.17 25.22 27.55
C ASN A 495 -2.33 25.46 26.07
N TYR A 496 -1.46 24.90 25.23
CA TYR A 496 -1.49 25.22 23.81
C TYR A 496 -2.78 24.74 23.17
N ASN A 497 -3.34 25.58 22.29
CA ASN A 497 -4.60 25.30 21.60
C ASN A 497 -5.76 25.12 22.58
N PHE A 498 -5.66 25.71 23.77
CA PHE A 498 -6.68 25.55 24.80
C PHE A 498 -7.13 26.92 25.30
N LYS A 499 -8.39 27.25 25.08
CA LYS A 499 -8.94 28.54 25.50
C LYS A 499 -9.45 28.52 26.92
N GLY A 500 -9.63 27.35 27.53
CA GLY A 500 -10.18 27.25 28.86
C GLY A 500 -9.11 27.44 29.94
N HIS A 501 -9.46 26.98 31.14
CA HIS A 501 -8.56 27.06 32.29
C HIS A 501 -8.38 25.68 32.89
N LEU A 502 -7.24 25.48 33.54
CA LEU A 502 -6.93 24.25 34.24
C LEU A 502 -6.83 24.53 35.73
N LYS A 503 -7.46 23.68 36.53
CA LYS A 503 -7.47 23.82 37.98
C LYS A 503 -7.10 22.49 38.61
N ARG A 504 -6.36 22.55 39.72
CA ARG A 504 -5.97 21.36 40.47
C ARG A 504 -6.82 21.26 41.73
N PHE A 505 -7.37 20.08 41.97
CA PHE A 505 -8.21 19.82 43.15
C PHE A 505 -7.78 18.48 43.73
N GLY A 506 -6.98 18.51 44.78
CA GLY A 506 -6.44 17.30 45.36
C GLY A 506 -5.37 16.66 44.51
N GLN A 507 -5.62 15.47 43.99
CA GLN A 507 -4.62 14.74 43.21
C GLN A 507 -4.83 14.89 41.72
N TYR A 508 -5.84 15.64 41.29
CA TYR A 508 -6.28 15.64 39.91
C TYR A 508 -6.38 17.05 39.37
N TYR A 509 -5.94 17.23 38.13
CA TYR A 509 -6.19 18.45 37.39
C TYR A 509 -7.49 18.32 36.62
N TYR A 510 -8.19 19.44 36.47
CA TYR A 510 -9.43 19.47 35.72
C TYR A 510 -9.35 20.56 34.67
N SER A 511 -9.83 20.26 33.47
CA SER A 511 -9.91 21.23 32.39
C SER A 511 -11.35 21.70 32.25
N TYR A 512 -11.52 22.97 31.92
CA TYR A 512 -12.83 23.60 31.89
C TYR A 512 -13.07 24.26 30.54
N GLY A 513 -14.29 24.12 30.03
CA GLY A 513 -14.74 24.90 28.90
C GLY A 513 -15.18 26.29 29.33
N THR A 514 -15.55 27.10 28.34
CA THR A 514 -15.96 28.48 28.57
C THR A 514 -17.35 28.70 27.98
N TYR A 515 -18.16 29.50 28.66
CA TYR A 515 -19.51 29.79 28.22
C TYR A 515 -19.82 31.26 28.44
N ASP A 516 -20.76 31.78 27.66
CA ASP A 516 -21.23 33.15 27.74
C ASP A 516 -22.76 33.14 27.78
N ILE A 517 -23.33 33.96 28.67
CA ILE A 517 -24.77 34.06 28.82
C ILE A 517 -25.26 35.38 28.27
N SER A 518 -26.25 35.33 27.39
CA SER A 518 -27.02 36.50 26.97
C SER A 518 -28.41 36.33 27.59
N GLU A 519 -28.69 37.07 28.66
CA GLU A 519 -29.94 36.89 29.39
C GLU A 519 -31.14 37.27 28.54
N GLN A 520 -31.01 38.30 27.70
CA GLN A 520 -32.12 38.73 26.86
C GLN A 520 -32.49 37.63 25.86
N ARG A 521 -31.57 37.29 24.96
CA ARG A 521 -31.84 36.28 23.95
C ARG A 521 -31.91 34.88 24.55
N ASN A 522 -31.47 34.70 25.79
CA ASN A 522 -31.58 33.43 26.52
C ASN A 522 -30.76 32.32 25.86
N ILE A 523 -29.57 32.67 25.37
CA ILE A 523 -28.67 31.71 24.72
C ILE A 523 -27.39 31.62 25.53
N ILE A 524 -27.05 30.41 25.94
CA ILE A 524 -25.70 30.10 26.42
C ILE A 524 -24.87 29.68 25.22
N THR A 525 -23.74 30.36 25.01
CA THR A 525 -22.88 30.07 23.87
C THR A 525 -21.59 29.47 24.42
N ILE A 526 -21.36 28.20 24.12
CA ILE A 526 -20.14 27.52 24.51
C ILE A 526 -19.02 27.98 23.59
N THR A 527 -17.97 28.54 24.16
CA THR A 527 -16.86 29.08 23.39
C THR A 527 -15.60 28.24 23.50
N GLU A 528 -15.59 27.23 24.37
CA GLU A 528 -14.48 26.27 24.43
C GLU A 528 -14.97 25.03 25.17
N LEU A 529 -14.45 23.89 24.76
CA LEU A 529 -14.72 22.60 25.39
C LEU A 529 -13.51 22.13 26.18
N PRO A 530 -13.67 21.13 27.05
CA PRO A 530 -12.53 20.59 27.78
C PRO A 530 -11.50 19.95 26.84
N LEU A 531 -10.32 19.67 27.41
CA LEU A 531 -9.21 19.17 26.62
C LEU A 531 -9.55 17.84 25.95
N ARG A 532 -9.26 17.74 24.66
CA ARG A 532 -9.41 16.51 23.88
C ARG A 532 -10.87 16.06 23.78
N VAL A 533 -11.81 16.98 23.91
CA VAL A 533 -13.23 16.67 23.79
C VAL A 533 -13.68 17.02 22.38
N PRO A 534 -14.10 16.06 21.57
CA PRO A 534 -14.54 16.38 20.21
C PRO A 534 -15.91 17.05 20.21
N THR A 535 -16.10 17.98 19.28
CA THR A 535 -17.28 18.83 19.28
C THR A 535 -18.55 18.03 18.99
N VAL A 536 -18.57 17.29 17.88
CA VAL A 536 -19.79 16.63 17.44
C VAL A 536 -20.24 15.60 18.46
N ALA A 537 -19.31 14.84 19.04
CA ALA A 537 -19.68 13.87 20.06
C ALA A 537 -20.16 14.54 21.33
N TYR A 538 -19.62 15.71 21.65
CA TYR A 538 -20.09 16.45 22.82
C TYR A 538 -21.54 16.87 22.65
N ILE A 539 -21.86 17.48 21.52
CA ILE A 539 -23.23 17.93 21.27
C ILE A 539 -24.20 16.76 21.36
N GLU A 540 -23.79 15.59 20.85
CA GLU A 540 -24.69 14.45 20.87
C GLU A 540 -24.91 13.91 22.28
N SER A 541 -23.96 14.11 23.19
CA SER A 541 -24.17 13.59 24.53
C SER A 541 -25.15 14.44 25.33
N ILE A 542 -25.22 15.74 25.05
CA ILE A 542 -26.24 16.59 25.67
C ILE A 542 -27.54 16.57 24.88
N LYS A 543 -27.54 16.02 23.66
CA LYS A 543 -28.81 15.70 23.02
C LYS A 543 -29.35 14.36 23.50
N LYS A 544 -28.53 13.55 24.15
CA LYS A 544 -28.91 12.26 24.70
C LYS A 544 -29.43 12.32 26.14
N SER A 545 -29.47 13.49 26.76
CA SER A 545 -29.89 13.61 28.16
C SER A 545 -31.28 14.22 28.24
N SER A 546 -32.24 13.44 28.74
CA SER A 546 -33.56 14.01 29.02
C SER A 546 -33.49 14.97 30.20
N ASN A 547 -32.63 14.69 31.18
CA ASN A 547 -32.39 15.61 32.28
C ASN A 547 -32.05 17.01 31.76
N ARG A 548 -31.10 17.08 30.83
CA ARG A 548 -30.57 18.36 30.37
C ARG A 548 -31.37 18.97 29.23
N MET A 549 -32.03 18.15 28.41
CA MET A 549 -32.80 18.67 27.28
C MET A 549 -34.15 19.23 27.67
N THR A 550 -34.57 19.04 28.92
CA THR A 550 -35.81 19.68 29.39
C THR A 550 -35.73 21.19 29.27
N PHE A 551 -34.54 21.76 29.47
CA PHE A 551 -34.34 23.21 29.44
C PHE A 551 -33.85 23.73 28.09
N ILE A 552 -33.52 22.85 27.14
CA ILE A 552 -32.94 23.25 25.87
C ILE A 552 -33.98 23.05 24.78
N GLU A 553 -34.18 24.09 23.96
CA GLU A 553 -35.08 24.01 22.82
C GLU A 553 -34.35 23.75 21.51
N GLU A 554 -33.08 24.12 21.42
CA GLU A 554 -32.29 23.86 20.22
C GLU A 554 -30.81 24.03 20.56
N ILE A 555 -29.96 23.29 19.86
CA ILE A 555 -28.52 23.47 19.88
C ILE A 555 -28.05 23.72 18.46
N ILE A 556 -27.27 24.77 18.26
CA ILE A 556 -26.78 25.15 16.94
C ILE A 556 -25.27 25.32 17.01
N ASP A 557 -24.55 24.70 16.08
CA ASP A 557 -23.10 24.69 16.08
C ASP A 557 -22.59 25.65 15.01
N TYR A 558 -22.08 26.81 15.44
CA TYR A 558 -21.44 27.77 14.57
C TYR A 558 -19.92 27.76 14.72
N SER A 559 -19.35 26.69 15.25
CA SER A 559 -17.95 26.71 15.60
C SER A 559 -17.09 26.85 14.35
N SER A 560 -16.02 27.62 14.46
CA SER A 560 -15.04 27.68 13.38
C SER A 560 -14.38 26.32 13.23
N SER A 561 -13.50 26.19 12.25
CA SER A 561 -12.73 24.97 12.08
C SER A 561 -12.13 24.50 13.41
N GLU A 562 -11.36 25.37 14.07
CA GLU A 562 -10.69 24.92 15.29
C GLU A 562 -10.82 25.95 16.42
N THR A 563 -11.90 26.72 16.44
CA THR A 563 -12.35 27.44 17.62
C THR A 563 -13.84 27.16 17.79
N ILE A 564 -14.29 27.17 19.04
CA ILE A 564 -15.59 26.63 19.40
C ILE A 564 -16.61 27.75 19.55
N GLU A 565 -17.79 27.55 18.97
CA GLU A 565 -18.93 28.44 19.19
C GLU A 565 -20.20 27.60 19.01
N ILE A 566 -20.77 27.16 20.13
CA ILE A 566 -22.01 26.40 20.14
C ILE A 566 -23.07 27.26 20.81
N LEU A 567 -24.16 27.52 20.09
CA LEU A 567 -25.26 28.34 20.60
C LEU A 567 -26.32 27.43 21.19
N VAL A 568 -26.47 27.47 22.51
CA VAL A 568 -27.45 26.67 23.22
C VAL A 568 -28.62 27.60 23.57
N LYS A 569 -29.70 27.52 22.80
CA LYS A 569 -30.90 28.32 23.03
C LYS A 569 -31.78 27.60 24.03
N LEU A 570 -32.11 28.28 25.12
CA LEU A 570 -32.83 27.67 26.23
C LEU A 570 -34.33 27.83 26.07
N LYS A 571 -35.06 27.07 26.89
CA LYS A 571 -36.54 27.20 26.88
C LYS A 571 -36.85 28.40 27.78
N PRO A 572 -38.05 29.00 27.71
CA PRO A 572 -38.32 30.19 28.48
C PRO A 572 -38.23 29.92 29.99
N ASN A 573 -37.55 30.80 30.72
CA ASN A 573 -37.48 30.69 32.20
C ASN A 573 -36.95 29.33 32.65
N SER A 574 -35.86 28.84 32.05
CA SER A 574 -35.24 27.61 32.59
C SER A 574 -33.95 27.99 33.30
N LEU A 575 -33.41 29.16 32.96
CA LEU A 575 -32.12 29.49 33.55
C LEU A 575 -32.16 29.43 35.07
N ASN A 576 -33.32 29.74 35.66
CA ASN A 576 -33.46 29.66 37.11
C ASN A 576 -33.60 28.24 37.61
N ARG A 577 -34.22 27.37 36.81
CA ARG A 577 -34.30 25.96 37.21
C ARG A 577 -32.95 25.26 37.10
N ILE A 578 -32.04 25.76 36.26
CA ILE A 578 -30.73 25.14 36.12
C ILE A 578 -29.93 25.29 37.41
N VAL A 579 -29.80 26.52 37.91
CA VAL A 579 -29.05 26.75 39.13
C VAL A 579 -29.66 25.98 40.30
N GLU A 580 -30.97 25.77 40.26
CA GLU A 580 -31.65 24.99 41.31
C GLU A 580 -31.52 23.49 41.08
N GLU A 581 -32.02 23.00 39.93
CA GLU A 581 -32.12 21.57 39.62
C GLU A 581 -30.79 20.92 39.30
N PHE A 582 -29.69 21.63 39.48
CA PHE A 582 -28.37 21.03 39.40
C PHE A 582 -27.63 21.39 40.68
N LYS A 583 -26.34 21.71 40.60
CA LYS A 583 -25.61 22.06 41.80
C LYS A 583 -24.49 23.01 41.43
N GLU A 584 -24.19 23.92 42.34
CA GLU A 584 -23.07 24.85 42.21
C GLU A 584 -22.06 24.47 43.27
N THR A 585 -21.05 23.70 42.89
CA THR A 585 -19.96 23.37 43.79
C THR A 585 -18.92 24.49 43.74
N GLU A 586 -18.12 24.57 44.80
CA GLU A 586 -16.98 25.48 44.77
C GLU A 586 -15.99 25.12 43.66
N GLU A 587 -16.20 23.98 43.01
CA GLU A 587 -15.28 23.50 41.95
C GLU A 587 -15.96 23.43 40.58
N GLN A 588 -17.29 23.40 40.53
CA GLN A 588 -18.03 23.30 39.23
C GLN A 588 -19.29 24.18 39.27
N ASP A 589 -19.32 25.24 38.46
CA ASP A 589 -20.50 26.12 38.40
C ASP A 589 -21.69 25.34 37.87
N SER A 590 -22.90 25.75 38.23
CA SER A 590 -24.09 24.98 37.80
C SER A 590 -24.10 24.82 36.29
N ILE A 591 -23.66 25.83 35.54
CA ILE A 591 -23.75 25.69 34.09
C ILE A 591 -22.63 24.80 33.57
N GLU A 592 -21.42 24.96 34.09
CA GLU A 592 -20.35 24.03 33.76
C GLU A 592 -20.73 22.61 34.12
N ASN A 593 -21.54 22.44 35.17
CA ASN A 593 -22.13 21.14 35.47
C ASN A 593 -23.27 20.82 34.51
N PHE A 594 -24.13 21.80 34.23
CA PHE A 594 -25.29 21.57 33.36
C PHE A 594 -24.86 21.13 31.97
N LEU A 595 -23.84 21.79 31.41
CA LEU A 595 -23.39 21.49 30.06
C LEU A 595 -22.17 20.57 30.03
N ARG A 596 -21.82 19.96 31.16
CA ARG A 596 -20.71 19.02 31.25
C ARG A 596 -19.45 19.60 30.60
N LEU A 597 -19.07 20.79 31.04
CA LEU A 597 -17.92 21.51 30.52
C LEU A 597 -16.68 21.30 31.38
N ARG A 598 -16.56 20.13 32.01
CA ARG A 598 -15.40 19.83 32.84
C ARG A 598 -15.09 18.35 32.75
N ASN A 599 -13.83 18.03 32.49
CA ASN A 599 -13.33 16.67 32.56
C ASN A 599 -12.22 16.59 33.59
N CYS A 600 -11.76 15.37 33.86
CA CYS A 600 -10.69 15.14 34.81
C CYS A 600 -9.50 14.53 34.08
N LEU A 601 -8.31 15.06 34.32
CA LEU A 601 -7.10 14.64 33.62
C LEU A 601 -6.50 13.40 34.29
N HIS A 602 -7.26 12.30 34.25
CA HIS A 602 -6.77 11.05 34.79
C HIS A 602 -5.56 10.58 34.00
N SER A 603 -4.49 10.26 34.71
CA SER A 603 -3.26 9.78 34.07
C SER A 603 -3.02 8.32 34.44
N HIS A 604 -2.44 7.58 33.50
CA HIS A 604 -1.97 6.22 33.71
C HIS A 604 -0.57 6.14 33.11
N LEU A 605 0.43 6.56 33.88
CA LEU A 605 1.81 6.68 33.39
C LEU A 605 2.49 5.31 33.39
N ASN A 606 1.92 4.40 32.63
CA ASN A 606 2.49 3.08 32.41
C ASN A 606 3.20 3.08 31.06
N PHE A 607 4.44 2.61 31.04
CA PHE A 607 5.28 2.71 29.85
C PHE A 607 6.00 1.39 29.65
N VAL A 608 6.94 1.40 28.71
CA VAL A 608 7.76 0.23 28.36
C VAL A 608 9.22 0.58 28.58
N LYS A 609 9.94 -0.30 29.26
CA LYS A 609 11.35 -0.07 29.56
C LYS A 609 12.21 -0.34 28.34
N PRO A 610 13.40 0.27 28.28
CA PRO A 610 14.41 -0.22 27.33
C PRO A 610 14.69 -1.68 27.60
N LYS A 611 15.12 -2.39 26.56
CA LYS A 611 15.36 -3.84 26.56
C LYS A 611 14.21 -4.64 27.18
N GLY A 612 13.00 -4.10 27.17
CA GLY A 612 11.80 -4.88 27.40
C GLY A 612 11.17 -4.67 28.76
N GLY A 613 9.85 -4.83 28.81
CA GLY A 613 9.07 -4.89 30.03
C GLY A 613 8.33 -3.61 30.35
N ILE A 614 7.29 -3.75 31.17
CA ILE A 614 6.45 -2.64 31.62
C ILE A 614 7.14 -1.91 32.76
N ILE A 615 6.69 -0.70 33.08
CA ILE A 615 7.20 0.07 34.20
C ILE A 615 6.14 1.09 34.63
N GLU A 616 5.78 1.08 35.91
CA GLU A 616 4.69 1.89 36.43
C GLU A 616 5.27 3.16 37.05
N PHE A 617 5.14 4.28 36.33
CA PHE A 617 5.51 5.57 36.89
C PHE A 617 4.36 6.16 37.69
N ASN A 618 4.71 7.05 38.61
CA ASN A 618 3.72 7.69 39.47
C ASN A 618 3.61 9.20 39.29
N SER A 619 4.55 9.83 38.59
CA SER A 619 4.46 11.27 38.30
C SER A 619 5.27 11.56 37.05
N TYR A 620 4.99 12.71 36.45
CA TYR A 620 5.70 13.11 35.24
C TYR A 620 7.17 13.42 35.50
N TYR A 621 7.51 13.88 36.71
CA TYR A 621 8.91 14.13 37.04
C TYR A 621 9.75 12.87 36.91
N GLU A 622 9.24 11.74 37.42
CA GLU A 622 10.00 10.50 37.38
C GLU A 622 10.35 10.10 35.96
N ILE A 623 9.43 10.31 35.02
CA ILE A 623 9.71 9.98 33.62
C ILE A 623 10.86 10.84 33.10
N LEU A 624 10.80 12.15 33.36
CA LEU A 624 11.88 13.03 32.92
C LEU A 624 13.19 12.65 33.61
N TYR A 625 13.13 12.32 34.91
CA TYR A 625 14.33 11.93 35.62
C TYR A 625 14.92 10.63 35.08
N ALA A 626 14.07 9.72 34.61
CA ALA A 626 14.56 8.47 34.04
C ALA A 626 15.17 8.67 32.66
N TRP A 627 14.69 9.68 31.92
CA TRP A 627 15.17 9.90 30.56
C TRP A 627 16.51 10.63 30.53
N LEU A 628 16.77 11.47 31.54
CA LEU A 628 18.01 12.26 31.59
C LEU A 628 19.29 11.44 31.48
N PRO A 629 19.48 10.35 32.23
CA PRO A 629 20.76 9.61 32.10
C PRO A 629 21.00 9.08 30.69
N TYR A 630 19.95 8.66 29.99
CA TYR A 630 20.12 8.12 28.65
C TYR A 630 20.56 9.21 27.68
N ARG A 631 19.96 10.40 27.77
CA ARG A 631 20.36 11.49 26.89
C ARG A 631 21.72 12.04 27.29
N ARG A 632 21.99 12.15 28.59
CA ARG A 632 23.29 12.59 29.06
C ARG A 632 24.40 11.68 28.53
N GLU A 633 24.25 10.37 28.71
CA GLU A 633 25.29 9.44 28.31
C GLU A 633 25.45 9.36 26.80
N LEU A 634 24.34 9.49 26.06
CA LEU A 634 24.40 9.38 24.60
C LEU A 634 25.23 10.50 23.99
N TYR A 635 25.19 11.70 24.57
CA TYR A 635 26.05 12.78 24.10
C TYR A 635 27.53 12.44 24.29
N GLN A 636 27.85 11.66 25.32
CA GLN A 636 29.23 11.21 25.49
C GLN A 636 29.60 10.17 24.45
N LYS A 637 28.79 9.12 24.32
CA LYS A 637 29.00 8.12 23.29
C LYS A 637 29.16 8.77 21.91
N ARG A 638 28.41 9.84 21.66
CA ARG A 638 28.46 10.53 20.39
C ARG A 638 29.81 11.23 20.19
N LEU A 639 30.17 12.09 21.13
CA LEU A 639 31.42 12.84 21.01
C LEU A 639 32.64 11.93 21.09
N MET A 640 32.56 10.88 21.92
CA MET A 640 33.69 9.96 22.04
C MET A 640 33.98 9.26 20.73
N ARG A 641 32.94 8.93 19.95
CA ARG A 641 33.17 8.24 18.70
C ARG A 641 33.59 9.20 17.60
N GLU A 642 33.04 10.41 17.59
CA GLU A 642 33.50 11.42 16.64
C GLU A 642 34.99 11.70 16.82
N HIS A 643 35.48 11.64 18.07
CA HIS A 643 36.91 11.76 18.31
C HIS A 643 37.69 10.63 17.65
N ALA A 644 37.19 9.40 17.79
CA ALA A 644 37.88 8.26 17.21
C ALA A 644 37.92 8.34 15.70
N VAL A 645 36.81 8.78 15.08
CA VAL A 645 36.74 8.84 13.63
C VAL A 645 37.58 10.00 13.10
N LEU A 646 37.60 11.11 13.83
CA LEU A 646 38.42 12.26 13.42
C LEU A 646 39.90 11.90 13.39
N LYS A 647 40.39 11.27 14.46
CA LYS A 647 41.77 10.78 14.48
C LYS A 647 42.12 9.96 13.26
N LEU A 648 41.24 9.03 12.90
CA LEU A 648 41.54 8.11 11.80
C LEU A 648 41.44 8.81 10.45
N ARG A 649 40.44 9.68 10.27
CA ARG A 649 40.35 10.40 9.01
C ARG A 649 41.54 11.34 8.82
N ILE A 650 42.07 11.88 9.92
CA ILE A 650 43.27 12.71 9.84
C ILE A 650 44.47 11.89 9.41
N ILE A 651 44.61 10.68 9.94
CA ILE A 651 45.68 9.79 9.50
C ILE A 651 45.56 9.50 8.02
N MET A 652 44.32 9.27 7.54
CA MET A 652 44.12 8.90 6.14
C MET A 652 44.41 10.04 5.19
N GLU A 653 44.00 11.26 5.55
CA GLU A 653 44.17 12.40 4.64
C GLU A 653 45.62 12.88 4.60
N THR A 654 46.34 12.82 5.72
CA THR A 654 47.75 13.18 5.70
C THR A 654 48.55 12.16 4.89
N ALA A 655 48.19 10.87 4.99
CA ALA A 655 48.83 9.86 4.17
C ALA A 655 48.58 10.14 2.68
N ILE A 656 47.38 10.60 2.34
CA ILE A 656 47.06 10.92 0.95
C ILE A 656 47.86 12.12 0.48
N VAL A 657 47.98 13.15 1.34
CA VAL A 657 48.77 14.32 0.97
C VAL A 657 50.21 13.93 0.69
N ARG A 658 50.78 13.09 1.56
CA ARG A 658 52.16 12.65 1.36
C ARG A 658 52.29 11.85 0.07
N TYR A 659 51.25 11.10 -0.30
CA TYR A 659 51.33 10.33 -1.55
C TYR A 659 51.45 11.25 -2.75
N ILE A 660 50.57 12.25 -2.86
CA ILE A 660 50.60 13.10 -4.04
C ILE A 660 51.80 14.03 -4.01
N ASN A 661 52.38 14.28 -2.83
CA ASN A 661 53.66 14.95 -2.75
C ASN A 661 54.81 14.05 -3.19
N GLU A 662 54.62 12.73 -3.16
CA GLU A 662 55.62 11.79 -3.64
C GLU A 662 55.10 10.99 -4.82
N SER A 663 53.98 11.41 -5.40
CA SER A 663 53.35 10.67 -6.51
C SER A 663 54.31 10.53 -7.68
N ALA A 664 54.79 11.67 -8.20
CA ALA A 664 55.72 11.64 -9.32
C ALA A 664 57.04 10.95 -8.96
N GLU A 665 57.35 10.80 -7.68
CA GLU A 665 58.57 10.09 -7.32
C GLU A 665 58.35 8.59 -7.46
N LEU A 666 57.49 8.02 -6.60
CA LEU A 666 57.04 6.64 -6.78
C LEU A 666 55.84 6.63 -7.72
N ASN A 667 56.13 6.85 -9.00
CA ASN A 667 55.04 6.84 -9.98
C ASN A 667 54.44 5.44 -10.04
N LEU A 668 53.11 5.39 -10.12
CA LEU A 668 52.38 4.15 -9.92
C LEU A 668 51.97 3.47 -11.22
N SER A 669 52.07 4.15 -12.36
CA SER A 669 51.95 3.44 -13.63
C SER A 669 53.17 2.55 -13.92
N HIS A 670 54.11 2.50 -12.98
CA HIS A 670 55.36 1.77 -13.13
C HIS A 670 55.18 0.27 -12.95
N TYR A 671 54.20 -0.13 -12.14
CA TYR A 671 54.06 -1.50 -11.71
C TYR A 671 52.87 -2.19 -12.37
N GLU A 672 52.94 -3.52 -12.41
CA GLU A 672 52.04 -4.33 -13.23
C GLU A 672 50.70 -4.54 -12.55
N ASP A 673 50.71 -5.08 -11.33
CA ASP A 673 49.50 -5.58 -10.71
C ASP A 673 49.08 -4.70 -9.54
N GLU A 674 47.88 -4.96 -9.03
CA GLU A 674 47.31 -4.13 -7.96
C GLU A 674 47.85 -4.52 -6.58
N LYS A 675 48.13 -5.79 -6.36
CA LYS A 675 48.69 -6.22 -5.08
C LYS A 675 50.17 -5.95 -4.98
N GLU A 676 50.87 -5.86 -6.10
CA GLU A 676 52.27 -5.44 -6.08
C GLU A 676 52.39 -3.96 -5.74
N ALA A 677 51.48 -3.14 -6.28
CA ALA A 677 51.49 -1.71 -5.95
C ALA A 677 51.24 -1.46 -4.47
N SER A 678 50.52 -2.36 -3.79
CA SER A 678 50.34 -2.20 -2.35
C SER A 678 51.58 -2.66 -1.58
N ARG A 679 52.34 -3.62 -2.12
CA ARG A 679 53.59 -4.00 -1.48
C ARG A 679 54.55 -2.83 -1.38
N ILE A 680 54.76 -2.12 -2.50
CA ILE A 680 55.69 -1.00 -2.49
C ILE A 680 55.17 0.11 -1.57
N LEU A 681 53.87 0.36 -1.61
CA LEU A 681 53.29 1.38 -0.74
C LEU A 681 53.47 0.97 0.72
N SER A 682 53.32 -0.33 1.01
CA SER A 682 53.62 -0.84 2.34
C SER A 682 55.09 -0.61 2.69
N GLU A 683 55.98 -0.92 1.75
CA GLU A 683 57.41 -0.77 2.01
C GLU A 683 57.80 0.68 2.28
N HIS A 684 57.02 1.63 1.78
CA HIS A 684 57.34 3.04 1.94
C HIS A 684 56.76 3.65 3.20
N GLY A 685 56.08 2.88 4.03
CA GLY A 685 55.58 3.36 5.31
C GLY A 685 54.16 3.85 5.29
N PHE A 686 53.52 3.92 4.12
CA PHE A 686 52.12 4.30 4.07
C PHE A 686 51.29 3.28 4.85
N PRO A 687 50.33 3.73 5.65
CA PRO A 687 49.61 2.82 6.54
C PRO A 687 48.53 2.05 5.79
N PRO A 688 48.34 0.78 6.14
CA PRO A 688 47.21 0.02 5.59
C PRO A 688 45.91 0.43 6.29
N LEU A 689 44.94 0.89 5.51
CA LEU A 689 43.70 1.46 6.04
C LEU A 689 42.48 0.80 5.43
N ASN A 690 41.45 0.60 6.26
CA ASN A 690 40.14 0.10 5.82
C ASN A 690 39.25 1.30 5.51
N HIS A 691 39.42 1.84 4.29
CA HIS A 691 38.91 3.18 3.98
C HIS A 691 37.39 3.28 4.12
N THR A 692 36.65 2.22 3.76
CA THR A 692 35.20 2.29 3.87
C THR A 692 34.75 2.50 5.31
N LEU A 693 35.51 1.96 6.28
CA LEU A 693 35.10 2.10 7.66
C LEU A 693 35.46 3.47 8.26
N ILE A 694 36.56 4.09 7.82
CA ILE A 694 36.84 5.44 8.32
C ILE A 694 35.93 6.45 7.64
N ILE A 695 35.62 6.23 6.35
CA ILE A 695 34.73 7.15 5.66
C ILE A 695 33.29 6.96 6.11
N SER A 696 32.86 5.71 6.24
CA SER A 696 31.48 5.38 6.61
C SER A 696 31.51 4.45 7.81
N PRO A 697 31.67 4.99 9.03
CA PRO A 697 31.65 4.13 10.21
C PRO A 697 30.29 3.51 10.47
N GLU A 698 29.21 4.24 10.20
CA GLU A 698 27.83 3.74 10.29
C GLU A 698 27.57 3.23 11.71
N PHE A 699 27.30 1.95 11.91
CA PHE A 699 26.85 1.43 13.20
C PHE A 699 27.97 0.82 14.01
N ALA A 700 29.22 1.14 13.68
CA ALA A 700 30.37 0.54 14.35
C ALA A 700 30.58 1.15 15.72
N SER A 701 30.76 0.29 16.71
CA SER A 701 31.21 0.74 18.03
C SER A 701 32.71 1.03 17.98
N ILE A 702 33.17 1.83 18.95
CA ILE A 702 34.58 2.20 19.01
C ILE A 702 35.46 0.95 19.12
N GLU A 703 35.05 -0.01 19.95
CA GLU A 703 35.82 -1.24 20.10
C GLU A 703 35.91 -2.00 18.78
N GLU A 704 34.82 -2.00 17.99
CA GLU A 704 34.88 -2.58 16.66
C GLU A 704 35.62 -1.67 15.70
N LEU A 705 35.51 -0.36 15.89
CA LEU A 705 36.22 0.61 15.07
C LEU A 705 37.73 0.47 15.26
N ASN A 706 38.18 0.46 16.52
CA ASN A 706 39.62 0.33 16.80
C ASN A 706 40.17 -1.00 16.30
N GLN A 707 39.41 -2.08 16.47
CA GLN A 707 39.88 -3.40 16.04
C GLN A 707 40.04 -3.47 14.53
N LYS A 708 39.07 -2.91 13.79
CA LYS A 708 38.98 -3.10 12.35
C LYS A 708 39.62 -2.00 11.52
N ALA A 709 39.90 -0.83 12.11
CA ALA A 709 40.38 0.30 11.31
C ALA A 709 41.68 -0.03 10.60
N LEU A 710 42.58 -0.75 11.27
CA LEU A 710 43.87 -1.11 10.69
C LEU A 710 43.81 -2.48 10.03
N GLN A 711 42.70 -2.84 9.41
CA GLN A 711 42.63 -4.06 8.61
C GLN A 711 43.32 -3.91 7.26
N GLY A 712 43.56 -2.67 6.83
CA GLY A 712 44.39 -2.39 5.67
C GLY A 712 43.87 -2.75 4.30
N CYS A 713 44.15 -1.89 3.32
CA CYS A 713 43.75 -2.18 1.95
C CYS A 713 44.61 -1.42 0.95
N TYR A 714 44.94 -0.16 1.26
CA TYR A 714 45.60 0.78 0.36
C TYR A 714 44.75 1.20 -0.83
N THR A 715 43.43 0.96 -0.78
CA THR A 715 42.57 1.48 -1.84
C THR A 715 42.40 2.98 -1.76
N TYR A 716 42.62 3.58 -0.58
CA TYR A 716 42.51 5.02 -0.42
C TYR A 716 43.56 5.78 -1.23
N ILE A 717 44.60 5.10 -1.72
CA ILE A 717 45.53 5.70 -2.65
C ILE A 717 45.25 5.27 -4.09
N LEU A 718 44.85 4.01 -4.30
CA LEU A 718 44.65 3.51 -5.65
C LEU A 718 43.38 4.09 -6.29
N SER A 719 42.41 4.48 -5.47
CA SER A 719 41.18 5.10 -5.96
C SER A 719 41.30 6.62 -6.13
N LEU A 720 42.49 7.18 -5.93
CA LEU A 720 42.65 8.63 -6.07
C LEU A 720 42.56 9.04 -7.54
N GLN A 721 41.69 10.00 -7.80
CA GLN A 721 41.47 10.47 -9.17
C GLN A 721 42.57 11.45 -9.59
N ALA A 722 42.83 11.47 -10.90
CA ALA A 722 43.88 12.33 -11.46
C ALA A 722 43.68 13.79 -11.07
N ARG A 723 42.44 14.22 -10.87
CA ARG A 723 42.16 15.61 -10.50
C ARG A 723 42.81 15.98 -9.16
N GLU A 724 43.13 15.00 -8.32
CA GLU A 724 43.77 15.28 -7.04
C GLU A 724 45.24 15.66 -7.19
N LEU A 725 45.79 15.59 -8.40
CA LEU A 725 47.14 16.07 -8.66
C LEU A 725 47.14 17.57 -8.94
N LEU A 726 45.98 18.20 -9.03
CA LEU A 726 45.87 19.62 -9.30
C LEU A 726 46.16 20.43 -8.03
N ILE A 727 46.63 21.67 -8.24
CA ILE A 727 47.00 22.52 -7.11
C ILE A 727 45.78 22.83 -6.24
N ALA A 728 44.67 23.20 -6.88
CA ALA A 728 43.46 23.52 -6.13
C ALA A 728 42.96 22.31 -5.33
N ALA A 729 43.15 21.09 -5.85
CA ALA A 729 42.70 19.92 -5.12
C ALA A 729 43.53 19.66 -3.86
N LYS A 730 44.86 19.79 -3.96
CA LYS A 730 45.70 19.50 -2.79
C LYS A 730 45.48 20.55 -1.70
N THR A 731 45.39 21.83 -2.08
CA THR A 731 45.09 22.87 -1.10
C THR A 731 43.72 22.64 -0.46
N ARG A 732 42.76 22.09 -1.22
CA ARG A 732 41.51 21.67 -0.62
C ARG A 732 41.72 20.65 0.48
N ARG A 733 42.70 19.76 0.29
CA ARG A 733 42.94 18.69 1.27
C ARG A 733 43.52 19.23 2.56
N VAL A 734 44.40 20.22 2.48
CA VAL A 734 45.02 20.72 3.72
C VAL A 734 44.06 21.63 4.47
N GLU A 735 43.19 22.36 3.77
CA GLU A 735 42.15 23.10 4.47
C GLU A 735 41.13 22.17 5.07
N LYS A 736 40.86 21.04 4.42
CA LYS A 736 40.07 20.00 5.06
C LYS A 736 40.75 19.47 6.32
N ILE A 737 42.05 19.17 6.21
CA ILE A 737 42.80 18.60 7.36
C ILE A 737 42.80 19.61 8.51
N LYS A 738 43.00 20.87 8.17
CA LYS A 738 42.97 21.93 9.21
C LYS A 738 41.63 21.86 9.93
N LYS A 739 40.53 21.98 9.19
CA LYS A 739 39.18 22.00 9.81
C LYS A 739 39.00 20.76 10.68
N MET A 740 39.55 19.63 10.25
CA MET A 740 39.41 18.38 11.03
C MET A 740 40.16 18.55 12.35
N GLN A 741 41.42 18.96 12.29
CA GLN A 741 42.23 19.09 13.52
C GLN A 741 41.54 20.08 14.45
N ALA A 742 41.02 21.17 13.89
CA ALA A 742 40.29 22.13 14.72
C ALA A 742 39.14 21.41 15.40
N ARG A 743 38.17 20.95 14.61
CA ARG A 743 37.02 20.21 15.19
C ARG A 743 37.60 19.28 16.24
N LEU A 744 38.66 18.56 15.88
CA LEU A 744 39.13 17.57 16.86
C LEU A 744 39.53 18.22 18.18
N ASP A 745 40.17 19.40 18.10
CA ASP A 745 40.50 20.13 19.32
C ASP A 745 39.22 20.54 20.07
N LYS A 746 38.22 21.02 19.33
CA LYS A 746 36.95 21.39 19.95
C LYS A 746 36.30 20.20 20.64
N VAL A 747 36.40 19.01 20.04
CA VAL A 747 35.78 17.82 20.62
C VAL A 747 36.34 17.56 22.02
N GLU A 748 37.67 17.61 22.17
CA GLU A 748 38.26 17.36 23.48
C GLU A 748 37.84 18.41 24.50
N GLN A 749 37.51 19.62 24.06
CA GLN A 749 36.91 20.59 24.97
C GLN A 749 35.54 20.12 25.45
N LEU A 750 34.69 19.69 24.52
CA LEU A 750 33.35 19.24 24.89
C LEU A 750 33.39 17.98 25.74
N LEU A 751 34.38 17.10 25.51
CA LEU A 751 34.49 15.91 26.34
C LEU A 751 34.89 16.24 27.78
N GLN A 752 35.61 17.35 27.98
CA GLN A 752 36.12 17.74 29.29
C GLN A 752 35.18 18.71 30.01
N GLU A 753 33.93 18.80 29.58
CA GLU A 753 33.02 19.84 30.04
C GLU A 753 32.38 19.47 31.37
N SER A 754 31.79 20.47 32.02
CA SER A 754 31.00 20.32 33.22
C SER A 754 29.55 20.73 32.96
N PRO A 755 28.57 20.02 33.52
CA PRO A 755 28.70 18.89 34.47
C PRO A 755 29.05 17.55 33.83
N PHE A 756 28.95 17.43 32.52
CA PHE A 756 29.23 16.16 31.84
C PHE A 756 29.56 16.46 30.39
N PRO A 757 30.16 15.50 29.68
CA PRO A 757 30.53 15.74 28.28
C PRO A 757 29.35 16.19 27.42
N GLY A 758 29.59 17.21 26.60
CA GLY A 758 28.62 17.66 25.63
C GLY A 758 27.52 18.55 26.17
N ALA A 759 27.66 19.06 27.39
CA ALA A 759 26.64 19.92 27.97
C ALA A 759 26.34 21.13 27.07
N SER A 760 27.38 21.72 26.49
CA SER A 760 27.18 22.91 25.67
C SER A 760 26.46 22.60 24.36
N VAL A 761 26.68 21.41 23.79
CA VAL A 761 25.97 21.09 22.56
C VAL A 761 24.55 20.63 22.86
N TRP A 762 24.31 20.03 24.02
CA TRP A 762 22.93 19.72 24.42
C TRP A 762 22.11 20.99 24.53
N LEU A 763 22.65 22.01 25.22
CA LEU A 763 21.97 23.30 25.30
C LEU A 763 21.79 23.92 23.92
N GLU A 764 22.83 23.87 23.09
CA GLU A 764 22.72 24.38 21.73
C GLU A 764 21.58 23.69 20.99
N GLU A 765 21.46 22.37 21.14
CA GLU A 765 20.44 21.61 20.42
C GLU A 765 19.05 21.80 21.01
N ILE A 766 18.96 22.07 22.33
CA ILE A 766 17.67 22.42 22.92
C ILE A 766 17.15 23.70 22.31
N ASP A 767 18.04 24.64 22.01
CA ASP A 767 17.61 25.86 21.32
C ASP A 767 17.15 25.55 19.91
N ALA A 768 17.83 24.62 19.23
CA ALA A 768 17.46 24.27 17.86
C ALA A 768 16.09 23.62 17.79
N VAL A 769 15.79 22.70 18.70
CA VAL A 769 14.47 22.08 18.70
C VAL A 769 13.40 23.10 19.06
N GLU A 770 13.70 24.01 19.99
CA GLU A 770 12.73 25.05 20.34
C GLU A 770 12.39 25.92 19.15
N LYS A 771 13.41 26.35 18.39
CA LYS A 771 13.17 27.18 17.22
C LYS A 771 12.28 26.45 16.22
N ALA A 772 12.48 25.14 16.07
CA ALA A 772 11.63 24.37 15.17
C ALA A 772 10.20 24.28 15.71
N ILE A 773 10.05 24.04 17.01
CA ILE A 773 8.72 24.03 17.62
C ILE A 773 8.04 25.39 17.42
N ILE A 774 8.78 26.46 17.62
CA ILE A 774 8.24 27.81 17.41
C ILE A 774 7.85 27.98 15.95
N LYS A 775 8.71 27.53 15.03
CA LYS A 775 8.42 27.63 13.60
C LYS A 775 7.18 26.83 13.22
N GLY A 776 7.08 25.61 13.73
CA GLY A 776 5.89 24.82 13.47
C GLY A 776 4.63 25.46 14.01
N ARG A 777 4.70 25.98 15.23
CA ARG A 777 3.53 26.62 15.84
C ARG A 777 3.10 27.85 15.05
N ASN A 778 4.05 28.63 14.54
CA ASN A 778 3.72 29.81 13.76
C ASN A 778 3.16 29.49 12.39
N THR A 779 3.24 28.24 11.94
CA THR A 779 2.79 27.85 10.61
C THR A 779 1.75 26.75 10.65
N GLN A 780 1.04 26.58 11.76
CA GLN A 780 0.09 25.48 11.95
C GLN A 780 0.70 24.15 11.57
N TRP A 781 1.97 23.98 11.94
CA TRP A 781 2.76 22.78 11.65
C TRP A 781 2.80 22.45 10.16
N LYS A 782 2.74 23.48 9.32
CA LYS A 782 2.89 23.30 7.87
C LYS A 782 4.27 23.67 7.37
N PHE A 783 4.94 24.63 8.03
CA PHE A 783 6.29 25.09 7.73
C PHE A 783 6.40 25.79 6.38
N HIS A 784 5.29 26.12 5.73
CA HIS A 784 5.33 26.92 4.51
C HIS A 784 5.64 28.37 4.86
N VAL B 5 -35.87 15.38 7.38
CA VAL B 5 -35.39 14.26 6.59
C VAL B 5 -34.02 13.81 7.11
N ASP B 6 -33.91 12.51 7.39
CA ASP B 6 -32.68 11.91 7.92
C ASP B 6 -32.20 10.84 6.95
N VAL B 7 -31.60 11.29 5.84
CA VAL B 7 -31.00 10.40 4.85
C VAL B 7 -29.57 10.10 5.25
N ASP B 8 -29.09 8.91 4.90
CA ASP B 8 -27.74 8.50 5.27
C ASP B 8 -26.71 9.37 4.58
N LYS B 9 -25.70 9.80 5.35
CA LYS B 9 -24.60 10.65 4.85
C LYS B 9 -25.10 12.00 4.35
N TYR B 10 -26.22 12.46 4.90
CA TYR B 10 -26.79 13.76 4.57
C TYR B 10 -26.71 14.67 5.79
N THR B 11 -26.20 15.89 5.58
CA THR B 11 -26.19 16.92 6.60
C THR B 11 -26.91 18.14 6.02
N ARG B 12 -28.05 18.48 6.61
CA ARG B 12 -28.94 19.49 6.07
C ARG B 12 -28.33 20.88 6.16
N ALA B 13 -28.75 21.75 5.25
CA ALA B 13 -28.65 23.18 5.48
C ALA B 13 -29.69 23.59 6.51
N ARG B 14 -29.37 24.63 7.29
CA ARG B 14 -30.29 25.04 8.35
C ARG B 14 -31.60 25.55 7.80
N ASN B 15 -31.58 26.19 6.63
CA ASN B 15 -32.77 26.74 6.02
C ASN B 15 -33.44 25.79 5.03
N ALA B 16 -33.03 24.53 5.00
CA ALA B 16 -33.56 23.59 4.02
C ALA B 16 -35.03 23.33 4.29
N GLY B 17 -35.85 23.40 3.24
CA GLY B 17 -37.27 23.14 3.37
C GLY B 17 -38.07 24.22 4.05
N GLY B 18 -37.42 25.28 4.55
CA GLY B 18 -38.11 26.36 5.23
C GLY B 18 -38.62 27.42 4.29
N LYS B 19 -38.86 28.61 4.85
CA LYS B 19 -39.33 29.73 4.05
C LYS B 19 -38.32 30.13 2.98
N ARG B 20 -37.03 30.10 3.32
CA ARG B 20 -35.95 30.46 2.41
C ARG B 20 -35.32 29.25 1.75
N ALA B 21 -36.12 28.20 1.51
CA ALA B 21 -35.60 26.97 0.93
C ALA B 21 -34.91 27.23 -0.41
N GLN B 22 -35.53 28.04 -1.27
CA GLN B 22 -35.00 28.28 -2.60
C GLN B 22 -33.73 29.12 -2.59
N ASP B 23 -33.24 29.52 -1.42
CA ASP B 23 -31.93 30.15 -1.28
C ASP B 23 -30.83 29.16 -0.94
N CYS B 24 -31.16 27.87 -0.80
CA CYS B 24 -30.22 26.88 -0.31
C CYS B 24 -29.60 26.07 -1.45
N MET B 25 -28.34 25.69 -1.26
CA MET B 25 -27.62 24.84 -2.18
C MET B 25 -27.39 23.48 -1.55
N LEU B 26 -27.54 22.42 -2.35
CA LEU B 26 -27.24 21.06 -1.91
C LEU B 26 -25.94 20.64 -2.60
N LEU B 27 -24.86 20.56 -1.84
CA LEU B 27 -23.58 20.14 -2.39
C LEU B 27 -23.53 18.62 -2.43
N ALA B 28 -23.26 18.07 -3.62
CA ALA B 28 -23.18 16.63 -3.82
C ALA B 28 -21.73 16.28 -4.11
N ALA B 29 -21.04 15.72 -3.13
CA ALA B 29 -19.66 15.31 -3.26
C ALA B 29 -19.57 13.84 -3.63
N GLU B 30 -18.37 13.42 -4.01
CA GLU B 30 -18.19 12.05 -4.49
C GLU B 30 -18.33 11.04 -3.36
N GLY B 31 -17.86 11.37 -2.16
CA GLY B 31 -17.91 10.43 -1.06
C GLY B 31 -17.58 11.09 0.26
N ASP B 32 -17.36 10.24 1.27
CA ASP B 32 -17.17 10.72 2.64
C ASP B 32 -15.96 11.65 2.76
N SER B 33 -14.84 11.27 2.14
CA SER B 33 -13.63 12.10 2.24
C SER B 33 -13.84 13.47 1.63
N ALA B 34 -14.47 13.53 0.44
CA ALA B 34 -14.78 14.81 -0.17
C ALA B 34 -15.78 15.60 0.67
N LEU B 35 -16.76 14.90 1.25
CA LEU B 35 -17.71 15.55 2.16
C LEU B 35 -17.00 16.23 3.32
N SER B 36 -16.03 15.52 3.93
CA SER B 36 -15.32 16.09 5.07
C SER B 36 -14.52 17.32 4.67
N LEU B 37 -14.05 17.39 3.42
CA LEU B 37 -13.38 18.60 2.96
C LEU B 37 -14.36 19.75 2.82
N LEU B 38 -15.54 19.48 2.25
CA LEU B 38 -16.56 20.52 2.12
C LEU B 38 -16.97 21.05 3.49
N ARG B 39 -17.12 20.16 4.47
CA ARG B 39 -17.44 20.60 5.82
C ARG B 39 -16.33 21.46 6.41
N THR B 40 -15.07 21.14 6.09
CA THR B 40 -13.96 21.96 6.56
C THR B 40 -14.10 23.39 6.06
N GLY B 41 -14.49 23.57 4.79
CA GLY B 41 -14.60 24.91 4.23
C GLY B 41 -15.89 25.60 4.58
N LEU B 42 -16.97 24.84 4.77
CA LEU B 42 -18.25 25.42 5.14
C LEU B 42 -18.29 25.93 6.58
N THR B 43 -17.23 25.73 7.37
CA THR B 43 -17.27 26.11 8.77
C THR B 43 -16.15 27.08 9.12
N LEU B 44 -16.12 28.22 8.45
CA LEU B 44 -15.16 29.28 8.73
C LEU B 44 -15.91 30.58 9.03
N GLY B 45 -15.58 31.21 10.15
CA GLY B 45 -15.95 32.60 10.37
C GLY B 45 -14.85 33.55 9.99
N LYS B 46 -13.85 33.02 9.28
CA LYS B 46 -12.73 33.86 8.75
C LYS B 46 -12.89 34.04 7.24
N SER B 47 -13.93 33.45 6.64
CA SER B 47 -14.19 33.68 5.19
C SER B 47 -15.09 34.91 5.07
N ASN B 48 -15.78 35.26 6.15
CA ASN B 48 -16.62 36.49 6.16
C ASN B 48 -17.48 36.48 4.90
N PRO B 49 -18.41 35.52 4.74
CA PRO B 49 -19.31 35.53 3.59
C PRO B 49 -18.69 36.28 2.41
N GLY B 51 -17.51 33.41 1.70
CA GLY B 51 -17.67 31.96 1.52
C GLY B 51 -19.02 31.52 2.02
N PRO B 52 -19.48 30.31 1.67
CA PRO B 52 -20.76 29.79 2.17
C PRO B 52 -20.57 29.11 3.51
N SER B 53 -21.69 28.66 4.08
CA SER B 53 -21.70 28.01 5.38
C SER B 53 -22.87 27.05 5.40
N PHE B 54 -23.06 26.38 6.53
CA PHE B 54 -24.17 25.45 6.67
C PHE B 54 -25.50 26.14 6.92
N ASP B 55 -25.51 27.47 7.02
CA ASP B 55 -26.78 28.20 7.10
C ASP B 55 -27.63 27.96 5.85
N PHE B 56 -26.98 27.89 4.68
CA PHE B 56 -27.70 27.72 3.42
C PHE B 56 -27.13 26.63 2.53
N CYS B 57 -26.08 25.92 2.97
CA CYS B 57 -25.48 24.86 2.18
C CYS B 57 -25.66 23.53 2.89
N GLY B 58 -26.12 22.52 2.14
CA GLY B 58 -26.19 21.16 2.61
C GLY B 58 -25.22 20.28 1.83
N MET B 59 -25.00 19.08 2.38
CA MET B 59 -24.09 18.11 1.79
C MET B 59 -24.81 16.78 1.63
N ILE B 60 -24.40 16.01 0.62
CA ILE B 60 -24.93 14.67 0.43
C ILE B 60 -23.91 13.87 -0.37
N SER B 61 -23.82 12.58 -0.08
CA SER B 61 -22.86 11.70 -0.73
C SER B 61 -23.48 11.06 -1.96
N LEU B 62 -22.72 11.02 -3.05
CA LEU B 62 -23.15 10.34 -4.26
C LEU B 62 -22.77 8.86 -4.28
N GLY B 63 -21.93 8.42 -3.34
CA GLY B 63 -21.51 7.04 -3.31
C GLY B 63 -20.80 6.58 -4.56
N GLY B 64 -19.78 7.33 -4.99
CA GLY B 64 -19.03 6.98 -6.19
C GLY B 64 -19.85 7.20 -7.45
N VAL B 65 -19.64 6.35 -8.44
CA VAL B 65 -20.43 6.43 -9.66
C VAL B 65 -21.89 6.13 -9.33
N ILE B 66 -22.79 6.98 -9.82
CA ILE B 66 -24.21 6.82 -9.54
C ILE B 66 -24.85 5.99 -10.64
N MET B 67 -26.06 5.50 -10.38
CA MET B 67 -26.71 4.57 -11.28
C MET B 67 -27.18 5.26 -12.56
N ASN B 68 -27.00 4.59 -13.69
CA ASN B 68 -27.40 5.12 -14.98
C ASN B 68 -28.88 4.86 -15.18
N ALA B 69 -29.71 5.88 -14.92
CA ALA B 69 -31.16 5.69 -14.99
C ALA B 69 -31.67 5.48 -16.40
N CYS B 70 -30.90 5.90 -17.42
CA CYS B 70 -31.38 5.79 -18.79
C CYS B 70 -31.52 4.34 -19.22
N LYS B 71 -30.65 3.45 -18.75
CA LYS B 71 -30.72 2.03 -19.10
C LYS B 71 -31.61 1.25 -18.16
N LYS B 72 -32.26 1.89 -17.19
CA LYS B 72 -33.10 1.18 -16.24
C LYS B 72 -34.52 1.73 -16.19
N VAL B 73 -34.99 2.33 -17.28
CA VAL B 73 -36.36 2.81 -17.38
C VAL B 73 -36.99 2.22 -18.63
N THR B 74 -38.32 2.11 -18.60
CA THR B 74 -39.08 1.71 -19.76
C THR B 74 -40.37 2.52 -19.76
N ASN B 75 -40.74 3.06 -20.92
CA ASN B 75 -41.86 3.98 -21.04
C ASN B 75 -43.10 3.27 -21.58
N ILE B 76 -44.18 3.32 -20.82
CA ILE B 76 -45.46 2.76 -21.24
C ILE B 76 -46.37 3.90 -21.69
N ILE B 84 -46.34 7.31 -19.98
CA ILE B 84 -45.72 7.02 -18.69
C ILE B 84 -44.29 6.54 -18.91
N MET B 85 -43.48 6.57 -17.84
CA MET B 85 -42.11 6.07 -17.87
C MET B 85 -41.84 5.39 -16.54
N VAL B 86 -41.69 4.06 -16.56
CA VAL B 86 -41.58 3.27 -15.35
C VAL B 86 -40.13 3.05 -14.99
N ARG B 87 -39.82 3.18 -13.69
CA ARG B 87 -38.48 2.91 -13.19
C ARG B 87 -38.42 1.46 -12.73
N ASN B 88 -37.47 0.70 -13.27
CA ASN B 88 -37.27 -0.69 -12.88
C ASN B 88 -36.91 -0.80 -11.40
N GLU B 89 -37.06 -2.01 -10.86
CA GLU B 89 -36.99 -2.20 -9.42
C GLU B 89 -35.59 -1.97 -8.86
N GLN B 90 -34.54 -2.11 -9.68
CA GLN B 90 -33.21 -1.73 -9.22
C GLN B 90 -33.07 -0.23 -9.10
N LEU B 91 -33.62 0.53 -10.06
CA LEU B 91 -33.53 1.98 -10.01
C LEU B 91 -34.42 2.57 -8.92
N THR B 92 -35.59 1.97 -8.68
CA THR B 92 -36.48 2.47 -7.63
C THR B 92 -35.87 2.33 -6.24
N ASN B 93 -35.05 1.31 -6.02
CA ASN B 93 -34.51 0.99 -4.71
C ASN B 93 -33.10 1.50 -4.49
N ASN B 94 -32.55 2.31 -5.40
CA ASN B 94 -31.20 2.82 -5.25
C ASN B 94 -31.15 3.78 -4.06
N LYS B 95 -30.41 3.38 -3.02
CA LYS B 95 -30.37 4.18 -1.80
C LYS B 95 -29.78 5.56 -2.04
N VAL B 96 -28.81 5.67 -2.95
CA VAL B 96 -28.18 6.96 -3.21
C VAL B 96 -29.17 7.91 -3.87
N LEU B 97 -29.85 7.46 -4.92
CA LEU B 97 -30.80 8.33 -5.61
C LEU B 97 -32.06 8.59 -4.78
N GLN B 98 -32.48 7.61 -3.96
CA GLN B 98 -33.57 7.85 -3.03
C GLN B 98 -33.26 9.01 -2.09
N GLY B 99 -32.05 9.02 -1.53
CA GLY B 99 -31.68 10.08 -0.61
C GLY B 99 -31.67 11.46 -1.23
N ILE B 100 -31.27 11.54 -2.50
CA ILE B 100 -31.31 12.83 -3.20
C ILE B 100 -32.75 13.25 -3.46
N VAL B 101 -33.61 12.31 -3.89
CA VAL B 101 -35.01 12.64 -4.14
C VAL B 101 -35.70 13.08 -2.87
N GLN B 102 -35.48 12.37 -1.76
CA GLN B 102 -36.10 12.74 -0.50
C GLN B 102 -35.60 14.09 -0.01
N VAL B 103 -34.27 14.27 0.02
CA VAL B 103 -33.68 15.49 0.56
C VAL B 103 -34.18 16.71 -0.20
N LEU B 104 -34.37 16.58 -1.51
CA LEU B 104 -34.81 17.69 -2.34
C LEU B 104 -36.33 17.80 -2.42
N GLY B 105 -37.06 16.78 -1.97
CA GLY B 105 -38.50 16.79 -2.15
C GLY B 105 -38.95 16.67 -3.59
N LEU B 106 -38.17 16.00 -4.43
CA LEU B 106 -38.51 15.85 -5.84
C LEU B 106 -39.74 14.97 -6.01
N ASP B 107 -40.49 15.23 -7.08
CA ASP B 107 -41.70 14.49 -7.41
C ASP B 107 -41.56 13.94 -8.81
N PHE B 108 -41.76 12.63 -8.96
CA PHE B 108 -41.61 11.99 -10.26
C PHE B 108 -42.80 12.23 -11.18
N ASN B 109 -43.96 12.60 -10.63
CA ASN B 109 -45.13 12.92 -11.44
C ASN B 109 -45.32 14.42 -11.63
N CYS B 110 -44.23 15.16 -11.69
CA CYS B 110 -44.29 16.61 -11.85
C CYS B 110 -43.18 17.04 -12.79
N HIS B 111 -43.52 17.88 -13.76
CA HIS B 111 -42.58 18.32 -14.77
C HIS B 111 -41.76 19.53 -14.34
N TYR B 112 -42.20 20.22 -13.29
CA TYR B 112 -41.53 21.42 -12.78
C TYR B 112 -41.40 22.48 -13.89
N LYS B 113 -42.47 22.64 -14.66
CA LYS B 113 -42.48 23.63 -15.73
C LYS B 113 -42.74 25.04 -15.21
N THR B 114 -43.47 25.17 -14.11
CA THR B 114 -43.89 26.48 -13.62
C THR B 114 -43.04 26.91 -12.43
N GLN B 115 -42.92 28.23 -12.25
CA GLN B 115 -42.12 28.78 -11.15
C GLN B 115 -42.69 28.44 -9.79
N GLU B 116 -44.00 28.16 -9.70
CA GLU B 116 -44.60 27.83 -8.41
C GLU B 116 -44.23 26.42 -7.98
N GLU B 117 -44.23 25.47 -8.91
CA GLU B 117 -43.86 24.09 -8.59
C GLU B 117 -42.40 24.00 -8.16
N ARG B 118 -41.50 24.70 -8.85
CA ARG B 118 -40.09 24.64 -8.50
C ARG B 118 -39.80 25.16 -7.10
N ALA B 119 -40.67 26.01 -6.56
CA ALA B 119 -40.46 26.55 -5.21
C ALA B 119 -40.92 25.60 -4.12
N LYS B 120 -41.52 24.48 -4.47
CA LYS B 120 -41.89 23.44 -3.50
C LYS B 120 -40.74 22.49 -3.19
N LEU B 121 -39.60 22.65 -3.85
CA LEU B 121 -38.40 21.87 -3.53
C LEU B 121 -37.76 22.42 -2.25
N ARG B 122 -36.96 21.56 -1.61
CA ARG B 122 -36.37 21.90 -0.32
C ARG B 122 -35.05 22.64 -0.44
N TYR B 123 -34.47 22.71 -1.63
CA TYR B 123 -33.27 23.49 -1.88
C TYR B 123 -33.44 24.26 -3.17
N GLY B 124 -32.69 25.36 -3.30
CA GLY B 124 -32.76 26.14 -4.53
C GLY B 124 -32.10 25.44 -5.71
N CYS B 125 -31.05 24.66 -5.45
CA CYS B 125 -30.34 23.97 -6.51
C CYS B 125 -29.51 22.86 -5.90
N ILE B 126 -28.95 22.01 -6.76
CA ILE B 126 -27.99 20.99 -6.37
C ILE B 126 -26.68 21.30 -7.08
N VAL B 127 -25.61 21.43 -6.30
CA VAL B 127 -24.29 21.76 -6.82
C VAL B 127 -23.42 20.51 -6.75
N ALA B 128 -23.05 19.98 -7.90
CA ALA B 128 -22.19 18.81 -7.95
C ALA B 128 -20.76 19.20 -7.62
N CYS B 129 -20.24 18.68 -6.51
CA CYS B 129 -18.86 18.89 -6.14
C CYS B 129 -18.09 17.58 -6.34
N VAL B 130 -17.90 17.25 -7.61
CA VAL B 130 -17.19 16.03 -7.99
C VAL B 130 -15.71 16.35 -8.12
N ASP B 131 -14.88 15.31 -8.02
CA ASP B 131 -13.46 15.48 -8.26
C ASP B 131 -13.24 15.84 -9.73
N GLN B 132 -12.06 16.37 -10.03
CA GLN B 132 -11.79 16.90 -11.35
C GLN B 132 -11.18 15.88 -12.29
N ASP B 133 -10.88 14.67 -11.82
CA ASP B 133 -10.50 13.62 -12.74
C ASP B 133 -11.66 13.29 -13.67
N LEU B 134 -11.34 12.71 -14.83
CA LEU B 134 -12.36 12.37 -15.82
C LEU B 134 -13.47 11.51 -15.23
N ASP B 135 -13.14 10.67 -14.24
CA ASP B 135 -14.18 9.89 -13.57
C ASP B 135 -15.19 10.78 -12.89
N GLY B 136 -14.73 11.86 -12.25
CA GLY B 136 -15.62 12.75 -11.53
C GLY B 136 -16.49 13.61 -12.42
N CYS B 137 -15.86 14.50 -13.21
CA CYS B 137 -16.65 15.46 -13.98
C CYS B 137 -17.23 14.87 -15.25
N GLY B 138 -16.60 13.82 -15.78
CA GLY B 138 -17.10 13.21 -17.01
C GLY B 138 -18.19 12.18 -16.79
N LYS B 139 -17.88 11.16 -16.00
CA LYS B 139 -18.81 10.05 -15.81
C LYS B 139 -19.84 10.35 -14.73
N ILE B 140 -19.37 10.63 -13.51
CA ILE B 140 -20.28 10.83 -12.38
C ILE B 140 -21.15 12.06 -12.62
N LEU B 141 -20.52 13.18 -12.96
CA LEU B 141 -21.29 14.39 -13.26
C LEU B 141 -22.14 14.19 -14.52
N GLY B 142 -21.59 13.50 -15.52
CA GLY B 142 -22.39 13.17 -16.68
C GLY B 142 -23.61 12.34 -16.32
N LEU B 143 -23.42 11.30 -15.52
CA LEU B 143 -24.55 10.45 -15.12
C LEU B 143 -25.55 11.20 -14.28
N LEU B 144 -25.09 12.15 -13.45
CA LEU B 144 -26.01 12.97 -12.67
C LEU B 144 -26.86 13.86 -13.57
N LEU B 145 -26.24 14.48 -14.58
CA LEU B 145 -26.99 15.32 -15.51
C LEU B 145 -28.01 14.49 -16.29
N ALA B 146 -27.65 13.26 -16.67
CA ALA B 146 -28.58 12.41 -17.40
C ALA B 146 -29.76 12.00 -16.55
N TYR B 147 -29.56 11.91 -15.23
CA TYR B 147 -30.67 11.60 -14.33
C TYR B 147 -31.72 12.71 -14.36
N PHE B 148 -31.29 13.95 -14.17
CA PHE B 148 -32.23 15.07 -14.18
C PHE B 148 -32.82 15.28 -15.57
N HIS B 149 -31.99 15.16 -16.60
CA HIS B 149 -32.52 15.31 -17.96
C HIS B 149 -33.55 14.25 -18.28
N LEU B 150 -33.44 13.06 -17.70
CA LEU B 150 -34.38 12.00 -17.99
C LEU B 150 -35.74 12.25 -17.34
N PHE B 151 -35.75 12.87 -16.16
CA PHE B 151 -36.97 13.01 -15.39
C PHE B 151 -37.47 14.44 -15.24
N TRP B 152 -36.57 15.42 -15.17
CA TRP B 152 -36.95 16.82 -14.94
C TRP B 152 -36.10 17.74 -15.81
N PRO B 153 -36.26 17.67 -17.12
CA PRO B 153 -35.46 18.55 -18.00
C PRO B 153 -35.72 20.02 -17.74
N GLN B 154 -36.93 20.37 -17.31
CA GLN B 154 -37.22 21.76 -16.96
C GLN B 154 -36.30 22.26 -15.86
N LEU B 155 -35.94 21.39 -14.92
CA LEU B 155 -35.06 21.81 -13.82
C LEU B 155 -33.67 22.17 -14.34
N ILE B 156 -33.21 21.50 -15.39
CA ILE B 156 -31.93 21.87 -15.99
C ILE B 156 -32.02 23.25 -16.64
N ILE B 157 -33.10 23.50 -17.37
CA ILE B 157 -33.23 24.76 -18.11
C ILE B 157 -33.20 25.94 -17.15
N HIS B 158 -33.96 25.85 -16.05
CA HIS B 158 -34.06 26.95 -15.10
C HIS B 158 -32.92 26.97 -14.09
N GLY B 159 -31.80 26.32 -14.39
CA GLY B 159 -30.61 26.47 -13.59
C GLY B 159 -30.62 25.78 -12.25
N PHE B 160 -31.49 24.77 -12.06
CA PHE B 160 -31.52 24.06 -10.79
C PHE B 160 -30.31 23.15 -10.63
N VAL B 161 -29.69 22.72 -11.73
CA VAL B 161 -28.52 21.86 -11.68
C VAL B 161 -27.30 22.72 -11.99
N LYS B 162 -26.44 22.88 -10.99
CA LYS B 162 -25.21 23.64 -11.12
C LYS B 162 -24.03 22.73 -10.83
N ARG B 163 -22.82 23.28 -10.91
CA ARG B 163 -21.62 22.52 -10.59
C ARG B 163 -20.57 23.46 -10.05
N LEU B 164 -19.66 22.90 -9.26
CA LEU B 164 -18.53 23.64 -8.69
C LEU B 164 -17.26 23.23 -9.42
N LEU B 165 -16.58 24.21 -10.02
CA LEU B 165 -15.35 23.94 -10.76
C LEU B 165 -14.15 24.09 -9.83
N THR B 166 -13.32 23.05 -9.78
CA THR B 166 -12.10 23.00 -9.00
C THR B 166 -10.96 22.53 -9.88
N PRO B 167 -9.72 22.90 -9.57
CA PRO B 167 -8.60 22.46 -10.42
C PRO B 167 -8.26 21.00 -10.19
N LEU B 168 -7.71 20.37 -11.23
CA LEU B 168 -7.23 19.00 -11.18
C LEU B 168 -5.74 18.91 -10.91
N ILE B 169 -4.96 19.77 -11.55
CA ILE B 169 -3.51 19.83 -11.36
C ILE B 169 -3.15 21.26 -10.96
N ARG B 170 -2.28 21.39 -9.96
CA ARG B 170 -1.69 22.68 -9.61
C ARG B 170 -0.18 22.56 -9.75
N VAL B 171 0.42 23.54 -10.42
CA VAL B 171 1.86 23.59 -10.59
C VAL B 171 2.35 24.86 -9.91
N TYR B 172 3.23 24.70 -8.92
CA TYR B 172 3.75 25.81 -8.13
C TYR B 172 5.16 26.19 -8.55
N GLU B 173 5.43 27.47 -8.68
CA GLU B 173 6.81 27.89 -9.02
C GLU B 173 7.59 28.07 -7.72
N LYS B 174 8.91 27.87 -7.78
CA LYS B 174 9.73 27.94 -6.54
C LYS B 174 9.81 29.39 -6.07
N GLY B 175 9.70 30.34 -7.01
CA GLY B 175 9.83 31.76 -6.64
C GLY B 175 8.53 32.52 -6.85
N LYS B 176 7.41 31.87 -6.56
CA LYS B 176 6.09 32.52 -6.81
C LYS B 176 5.06 31.95 -5.85
N THR B 177 4.22 32.83 -5.30
CA THR B 177 3.23 32.39 -4.29
C THR B 177 2.06 31.72 -5.01
N MET B 178 1.54 32.36 -6.05
CA MET B 178 0.32 31.80 -6.66
C MET B 178 0.69 30.79 -7.75
N PRO B 179 0.04 29.62 -7.79
CA PRO B 179 0.39 28.62 -8.79
C PRO B 179 -0.39 28.78 -10.09
N VAL B 180 -0.07 27.96 -11.08
CA VAL B 180 -0.84 27.87 -12.31
C VAL B 180 -1.72 26.62 -12.21
N GLU B 181 -3.00 26.76 -12.53
CA GLU B 181 -3.99 25.73 -12.28
C GLU B 181 -4.54 25.17 -13.59
N PHE B 182 -4.80 23.86 -13.61
CA PHE B 182 -5.32 23.16 -14.78
C PHE B 182 -6.55 22.37 -14.40
N TYR B 183 -7.45 22.21 -15.37
CA TYR B 183 -8.71 21.52 -15.16
C TYR B 183 -8.83 20.23 -15.95
N TYR B 184 -7.89 19.95 -16.85
CA TYR B 184 -7.83 18.71 -17.60
C TYR B 184 -6.39 18.25 -17.70
N GLU B 185 -6.17 16.94 -17.63
CA GLU B 185 -4.81 16.42 -17.73
C GLU B 185 -4.19 16.75 -19.09
N GLN B 186 -5.01 16.91 -20.13
CA GLN B 186 -4.50 17.30 -21.44
C GLN B 186 -3.98 18.73 -21.42
N GLU B 187 -4.70 19.63 -20.72
CA GLU B 187 -4.24 21.00 -20.55
C GLU B 187 -2.81 21.05 -20.02
N PHE B 188 -2.52 20.24 -19.00
CA PHE B 188 -1.19 20.20 -18.42
C PHE B 188 -0.17 19.53 -19.35
N ASP B 189 -0.49 18.32 -19.82
CA ASP B 189 0.45 17.53 -20.59
C ASP B 189 1.01 18.29 -21.80
N ALA B 190 0.16 19.03 -22.50
CA ALA B 190 0.64 19.84 -23.63
C ALA B 190 1.49 21.00 -23.15
N TRP B 191 1.03 21.70 -22.11
CA TRP B 191 1.78 22.82 -21.56
C TRP B 191 3.12 22.41 -20.95
N ALA B 192 3.27 21.14 -20.56
CA ALA B 192 4.50 20.71 -19.93
C ALA B 192 5.57 20.33 -20.95
N LYS B 193 5.18 19.71 -22.07
CA LYS B 193 6.16 19.38 -23.10
C LYS B 193 6.74 20.63 -23.74
N LYS B 194 5.97 21.72 -23.77
CA LYS B 194 6.43 22.98 -24.33
C LYS B 194 7.08 23.88 -23.28
N GLN B 195 7.50 23.32 -22.16
CA GLN B 195 8.18 24.07 -21.11
C GLN B 195 9.67 23.76 -21.17
N THR B 196 10.49 24.80 -21.00
CA THR B 196 11.94 24.65 -21.11
C THR B 196 12.48 23.69 -20.06
N SER B 197 12.07 23.86 -18.80
CA SER B 197 12.54 22.99 -17.74
C SER B 197 11.57 23.05 -16.57
N LEU B 198 11.31 21.90 -15.94
CA LEU B 198 10.49 21.84 -14.74
C LEU B 198 11.30 21.45 -13.50
N VAL B 199 12.60 21.77 -13.48
CA VAL B 199 13.37 21.52 -12.27
C VAL B 199 12.90 22.43 -11.15
N ASN B 200 12.44 23.64 -11.48
CA ASN B 200 11.89 24.56 -10.50
C ASN B 200 10.38 24.47 -10.41
N HIS B 201 9.84 23.26 -10.61
CA HIS B 201 8.41 23.05 -10.56
C HIS B 201 8.14 21.72 -9.88
N THR B 202 7.11 21.69 -9.02
CA THR B 202 6.57 20.46 -8.49
C THR B 202 5.10 20.37 -8.92
N VAL B 203 4.78 19.31 -9.62
CA VAL B 203 3.41 19.06 -10.07
C VAL B 203 2.67 18.29 -8.99
N LYS B 204 1.45 18.71 -8.69
CA LYS B 204 0.58 18.00 -7.76
C LYS B 204 -0.72 17.66 -8.47
N TYR B 205 -1.10 16.38 -8.40
CA TYR B 205 -2.36 15.88 -8.95
C TYR B 205 -3.33 15.64 -7.80
N TYR B 206 -4.55 16.12 -7.96
CA TYR B 206 -5.55 16.08 -6.90
C TYR B 206 -6.56 14.98 -7.25
N LYS B 207 -6.27 13.78 -6.74
CA LYS B 207 -7.08 12.60 -7.09
C LYS B 207 -8.50 12.72 -6.57
N GLY B 208 -8.70 13.45 -5.48
CA GLY B 208 -10.02 13.69 -4.94
C GLY B 208 -10.09 15.08 -4.36
N LEU B 209 -11.31 15.49 -3.97
CA LEU B 209 -11.47 16.79 -3.35
C LEU B 209 -10.68 16.87 -2.05
N ALA B 210 -10.64 15.77 -1.29
CA ALA B 210 -9.95 15.74 -0.01
C ALA B 210 -8.43 15.89 -0.13
N ALA B 211 -7.90 16.07 -1.34
CA ALA B 211 -6.45 16.15 -1.53
C ALA B 211 -5.91 17.57 -1.39
N HIS B 212 -6.76 18.59 -1.38
CA HIS B 212 -6.29 19.97 -1.23
C HIS B 212 -5.89 20.26 0.21
N ASP B 213 -4.80 21.01 0.38
CA ASP B 213 -4.32 21.37 1.70
C ASP B 213 -5.05 22.61 2.21
N THR B 214 -4.77 22.96 3.47
CA THR B 214 -5.56 23.97 4.17
C THR B 214 -5.54 25.33 3.45
N HIS B 215 -4.37 25.75 2.96
CA HIS B 215 -4.31 27.04 2.29
C HIS B 215 -5.04 27.02 0.95
N GLU B 216 -5.07 25.88 0.27
CA GLU B 216 -5.80 25.77 -0.99
C GLU B 216 -7.31 25.71 -0.75
N VAL B 217 -7.74 25.07 0.33
CA VAL B 217 -9.18 25.01 0.63
C VAL B 217 -9.70 26.39 1.02
N LYS B 218 -8.88 27.18 1.71
CA LYS B 218 -9.28 28.55 2.04
C LYS B 218 -9.44 29.39 0.78
N SER B 219 -8.47 29.29 -0.13
CA SER B 219 -8.58 30.00 -1.40
C SER B 219 -9.81 29.55 -2.17
N MET B 220 -10.05 28.23 -2.22
CA MET B 220 -11.18 27.71 -2.99
C MET B 220 -12.53 28.17 -2.44
N PHE B 221 -12.61 28.47 -1.14
CA PHE B 221 -13.88 28.85 -0.54
C PHE B 221 -14.03 30.35 -0.36
N LYS B 222 -12.93 31.10 -0.35
CA LYS B 222 -13.03 32.55 -0.48
C LYS B 222 -13.67 32.93 -1.81
N HIS B 223 -13.27 32.27 -2.89
CA HIS B 223 -13.79 32.50 -4.23
C HIS B 223 -14.83 31.47 -4.63
N PHE B 224 -15.62 31.00 -3.67
CA PHE B 224 -16.55 29.90 -3.94
C PHE B 224 -17.61 30.27 -4.97
N ASP B 225 -18.18 31.46 -4.87
CA ASP B 225 -19.30 31.82 -5.73
C ASP B 225 -18.86 32.05 -7.17
N ASN B 226 -17.63 32.51 -7.37
CA ASN B 226 -17.10 32.71 -8.72
C ASN B 226 -16.72 31.41 -9.41
N MET B 227 -16.92 30.27 -8.76
CA MET B 227 -16.57 28.98 -9.34
C MET B 227 -17.76 28.04 -9.43
N VAL B 228 -18.99 28.55 -9.28
CA VAL B 228 -20.20 27.75 -9.44
C VAL B 228 -20.76 28.02 -10.83
N TYR B 229 -20.85 26.98 -11.65
CA TYR B 229 -21.36 27.08 -13.01
C TYR B 229 -22.72 26.40 -13.10
N THR B 230 -23.57 26.91 -13.98
CA THR B 230 -24.94 26.45 -14.11
C THR B 230 -25.14 25.77 -15.46
N PHE B 231 -25.87 24.66 -15.47
CA PHE B 231 -26.08 23.90 -16.69
C PHE B 231 -27.33 24.37 -17.43
N THR B 232 -27.26 24.32 -18.77
CA THR B 232 -28.33 24.76 -19.64
C THR B 232 -28.60 23.72 -20.72
N LEU B 233 -29.84 23.72 -21.24
CA LEU B 233 -30.24 22.79 -22.29
C LEU B 233 -30.33 23.49 -23.64
N ASP B 234 -29.88 22.79 -24.68
CA ASP B 234 -30.09 23.18 -26.08
C ASP B 234 -30.80 22.04 -26.80
N ASP B 235 -30.90 22.15 -28.13
CA ASP B 235 -31.55 21.10 -28.92
C ASP B 235 -30.67 19.87 -29.09
N SER B 236 -29.34 20.03 -29.10
CA SER B 236 -28.46 18.89 -29.27
C SER B 236 -28.40 18.00 -28.04
N ALA B 237 -28.82 18.50 -26.88
CA ALA B 237 -28.66 17.77 -25.64
C ALA B 237 -29.43 16.44 -25.66
N LYS B 238 -30.64 16.44 -26.20
CA LYS B 238 -31.50 15.26 -26.09
C LYS B 238 -30.87 14.06 -26.79
N GLU B 239 -30.40 14.23 -28.02
CA GLU B 239 -29.76 13.12 -28.72
C GLU B 239 -28.44 12.74 -28.07
N LEU B 240 -27.68 13.74 -27.60
CA LEU B 240 -26.36 13.47 -27.03
C LEU B 240 -26.48 12.70 -25.73
N PHE B 241 -27.49 13.00 -24.90
CA PHE B 241 -27.72 12.20 -23.71
C PHE B 241 -28.05 10.76 -24.07
N HIS B 242 -28.71 10.53 -25.20
CA HIS B 242 -29.02 9.17 -25.62
C HIS B 242 -27.79 8.46 -26.18
N ILE B 243 -26.94 9.18 -26.91
CA ILE B 243 -25.73 8.56 -27.44
C ILE B 243 -24.83 8.10 -26.30
N TYR B 244 -24.63 8.95 -25.29
CA TYR B 244 -23.64 8.67 -24.27
C TYR B 244 -24.16 7.73 -23.18
N PHE B 245 -25.45 7.78 -22.87
CA PHE B 245 -25.99 7.01 -21.75
C PHE B 245 -27.21 6.17 -22.11
N GLY B 246 -27.59 6.10 -23.38
CA GLY B 246 -28.76 5.34 -23.78
C GLY B 246 -28.47 3.86 -23.85
N GLY B 247 -29.44 3.12 -24.42
CA GLY B 247 -29.32 1.68 -24.48
C GLY B 247 -28.51 1.15 -25.65
N GLU B 248 -28.30 1.96 -26.68
CA GLU B 248 -27.66 1.50 -27.91
C GLU B 248 -26.16 1.77 -27.82
N SER B 249 -25.37 0.71 -27.65
CA SER B 249 -23.93 0.86 -27.66
C SER B 249 -23.39 1.21 -29.04
N GLU B 250 -24.15 0.91 -30.10
CA GLU B 250 -23.74 1.28 -31.45
C GLU B 250 -23.50 2.77 -31.56
N LEU B 251 -24.34 3.58 -30.91
CA LEU B 251 -24.17 5.02 -30.96
C LEU B 251 -22.89 5.47 -30.26
N ARG B 252 -22.46 4.72 -29.24
CA ARG B 252 -21.17 5.01 -28.61
C ARG B 252 -20.02 4.59 -29.50
N LYS B 253 -20.16 3.44 -30.18
CA LYS B 253 -19.13 2.99 -31.13
C LYS B 253 -18.91 4.01 -32.24
N ARG B 254 -19.95 4.74 -32.64
CA ARG B 254 -19.81 5.78 -33.65
C ARG B 254 -19.13 7.02 -33.08
N GLU B 255 -19.51 7.42 -31.87
CA GLU B 255 -18.98 8.65 -31.30
C GLU B 255 -17.56 8.49 -30.78
N LEU B 256 -17.24 7.34 -30.19
CA LEU B 256 -15.97 7.15 -29.51
C LEU B 256 -14.85 6.65 -30.43
N CYS B 257 -15.04 6.69 -31.74
CA CYS B 257 -13.97 6.37 -32.67
C CYS B 257 -13.14 7.58 -33.06
N THR B 258 -13.56 8.78 -32.69
CA THR B 258 -12.85 10.01 -32.99
C THR B 258 -12.49 10.72 -31.69
N GLY B 259 -11.48 11.57 -31.77
CA GLY B 259 -11.05 12.33 -30.62
C GLY B 259 -12.05 13.39 -30.20
N VAL B 260 -11.79 13.95 -29.00
CA VAL B 260 -12.60 15.03 -28.48
C VAL B 260 -12.35 16.30 -29.30
N VAL B 261 -13.43 16.97 -29.69
CA VAL B 261 -13.35 18.23 -30.42
C VAL B 261 -13.26 19.36 -29.38
N PRO B 262 -12.16 20.11 -29.35
CA PRO B 262 -11.99 21.11 -28.30
C PRO B 262 -12.94 22.29 -28.47
N LEU B 263 -13.13 23.02 -27.38
CA LEU B 263 -13.93 24.24 -27.39
C LEU B 263 -13.17 25.38 -28.05
N THR B 264 -13.90 26.21 -28.79
CA THR B 264 -13.30 27.39 -29.39
C THR B 264 -13.04 28.44 -28.32
N GLU B 265 -12.09 29.34 -28.60
CA GLU B 265 -11.79 30.39 -27.63
C GLU B 265 -12.98 31.30 -27.39
N THR B 266 -13.79 31.53 -28.43
CA THR B 266 -15.04 32.26 -28.24
C THR B 266 -15.98 31.50 -27.32
N GLN B 267 -15.97 30.17 -27.39
CA GLN B 267 -16.84 29.35 -26.56
C GLN B 267 -16.40 29.39 -25.09
N THR B 268 -15.10 29.23 -24.84
CA THR B 268 -14.62 29.26 -23.45
C THR B 268 -14.79 30.63 -22.82
N GLN B 269 -14.84 31.70 -23.61
CA GLN B 269 -15.00 33.03 -23.02
C GLN B 269 -16.44 33.27 -22.61
N SER B 270 -17.40 32.82 -23.43
CA SER B 270 -18.80 32.96 -23.03
C SER B 270 -19.08 32.17 -21.77
N ILE B 271 -18.62 30.91 -21.73
CA ILE B 271 -18.87 30.06 -20.57
C ILE B 271 -18.36 30.70 -19.30
N HIS B 272 -17.16 31.25 -19.33
CA HIS B 272 -16.56 31.79 -18.12
C HIS B 272 -17.12 33.17 -17.75
N SER B 273 -17.54 33.97 -18.73
CA SER B 273 -18.03 35.31 -18.43
C SER B 273 -19.42 35.29 -17.81
N VAL B 274 -20.26 34.33 -18.18
CA VAL B 274 -21.61 34.22 -17.61
C VAL B 274 -21.73 33.02 -16.67
N ARG B 275 -20.72 32.14 -16.63
CA ARG B 275 -20.69 30.96 -15.76
C ARG B 275 -21.91 30.05 -15.99
N ARG B 276 -22.18 29.78 -17.27
CA ARG B 276 -23.22 28.84 -17.67
C ARG B 276 -22.64 27.88 -18.70
N ILE B 277 -22.93 26.59 -18.52
CA ILE B 277 -22.39 25.54 -19.36
C ILE B 277 -23.56 24.77 -19.98
N PRO B 278 -23.69 24.74 -21.30
CA PRO B 278 -24.71 23.87 -21.91
C PRO B 278 -24.35 22.40 -21.71
N CYS B 279 -25.38 21.59 -21.41
CA CYS B 279 -25.17 20.16 -21.22
C CYS B 279 -24.50 19.53 -22.43
N SER B 280 -24.89 19.94 -23.63
CA SER B 280 -24.35 19.31 -24.83
C SER B 280 -22.84 19.48 -24.92
N LEU B 281 -22.32 20.64 -24.51
CA LEU B 281 -20.87 20.84 -24.54
C LEU B 281 -20.17 20.01 -23.47
N HIS B 282 -20.76 19.95 -22.28
CA HIS B 282 -20.20 19.10 -21.24
C HIS B 282 -20.08 17.65 -21.71
N LEU B 283 -21.11 17.16 -22.41
CA LEU B 283 -21.08 15.79 -22.91
C LEU B 283 -20.00 15.61 -23.98
N GLN B 284 -19.80 16.63 -24.82
CA GLN B 284 -18.84 16.49 -25.92
C GLN B 284 -17.40 16.56 -25.41
N VAL B 285 -17.16 17.22 -24.29
CA VAL B 285 -15.80 17.42 -23.79
C VAL B 285 -15.52 16.52 -22.60
N ASP B 286 -16.17 16.80 -21.47
CA ASP B 286 -15.85 16.10 -20.23
C ASP B 286 -16.23 14.63 -20.30
N THR B 287 -17.51 14.35 -20.57
CA THR B 287 -17.99 12.97 -20.54
C THR B 287 -17.31 12.15 -21.63
N LYS B 288 -17.15 12.71 -22.84
CA LYS B 288 -16.50 11.99 -23.92
C LYS B 288 -15.03 11.69 -23.60
N ALA B 289 -14.35 12.65 -22.97
CA ALA B 289 -12.95 12.42 -22.61
C ALA B 289 -12.81 11.25 -21.63
N TYR B 290 -13.77 11.11 -20.71
CA TYR B 290 -13.74 9.95 -19.82
C TYR B 290 -13.88 8.66 -20.62
N LYS B 291 -14.93 8.56 -21.43
CA LYS B 291 -15.19 7.31 -22.16
C LYS B 291 -14.02 6.94 -23.06
N LEU B 292 -13.33 7.94 -23.62
CA LEU B 292 -12.11 7.66 -24.36
C LEU B 292 -11.03 7.13 -23.42
N ASP B 293 -10.86 7.78 -22.26
CA ASP B 293 -9.91 7.30 -21.27
C ASP B 293 -10.30 5.93 -20.74
N ALA B 294 -11.60 5.70 -20.55
CA ALA B 294 -12.08 4.41 -20.06
C ALA B 294 -11.71 3.28 -21.02
N ILE B 295 -11.76 3.53 -22.32
CA ILE B 295 -11.38 2.50 -23.28
C ILE B 295 -9.90 2.17 -23.15
N GLU B 296 -9.06 3.19 -23.01
CA GLU B 296 -7.62 2.96 -22.87
C GLU B 296 -7.28 2.26 -21.56
N ARG B 297 -8.15 2.34 -20.56
CA ARG B 297 -7.89 1.72 -19.27
C ARG B 297 -8.30 0.26 -19.24
N GLN B 298 -9.30 -0.14 -20.02
CA GLN B 298 -9.90 -1.46 -19.88
C GLN B 298 -9.70 -2.36 -21.09
N ILE B 299 -9.47 -1.81 -22.27
CA ILE B 299 -9.21 -2.58 -23.47
C ILE B 299 -7.70 -2.55 -23.75
N PRO B 300 -7.05 -3.71 -23.90
CA PRO B 300 -5.59 -3.73 -24.02
C PRO B 300 -5.10 -3.33 -25.40
N ASN B 301 -3.83 -2.93 -25.45
CA ASN B 301 -3.16 -2.63 -26.70
C ASN B 301 -2.83 -3.92 -27.44
N PHE B 302 -3.00 -3.91 -28.76
CA PHE B 302 -2.78 -5.13 -29.53
C PHE B 302 -1.31 -5.46 -29.72
N LEU B 303 -0.40 -4.54 -29.38
CA LEU B 303 1.02 -4.83 -29.54
C LEU B 303 1.52 -5.74 -28.43
N ASP B 304 1.15 -5.46 -27.18
CA ASP B 304 1.62 -6.24 -26.05
C ASP B 304 0.51 -6.85 -25.20
N GLY B 305 -0.75 -6.70 -25.59
CA GLY B 305 -1.84 -7.32 -24.88
C GLY B 305 -2.09 -6.77 -23.49
N MET B 306 -1.53 -5.60 -23.17
CA MET B 306 -1.62 -5.04 -21.83
C MET B 306 -2.52 -3.81 -21.79
N THR B 307 -3.08 -3.55 -20.62
CA THR B 307 -3.78 -2.32 -20.32
C THR B 307 -2.82 -1.31 -19.71
N ARG B 308 -3.32 -0.11 -19.41
CA ARG B 308 -2.48 0.90 -18.78
C ARG B 308 -2.01 0.44 -17.40
N ALA B 309 -2.93 -0.10 -16.60
CA ALA B 309 -2.56 -0.56 -15.26
C ALA B 309 -1.57 -1.72 -15.33
N ARG B 310 -1.80 -2.66 -16.23
CA ARG B 310 -0.93 -3.83 -16.30
C ARG B 310 0.43 -3.47 -16.87
N ARG B 311 0.50 -2.47 -17.75
CA ARG B 311 1.80 -2.01 -18.23
C ARG B 311 2.56 -1.27 -17.14
N LYS B 312 1.85 -0.44 -16.36
CA LYS B 312 2.46 0.16 -15.18
C LYS B 312 3.00 -0.90 -14.23
N ILE B 313 2.22 -1.95 -14.00
CA ILE B 313 2.62 -2.99 -13.06
C ILE B 313 3.86 -3.72 -13.56
N LEU B 314 3.94 -3.96 -14.89
CA LEU B 314 5.12 -4.62 -15.43
C LEU B 314 6.34 -3.71 -15.40
N ALA B 315 6.20 -2.48 -15.88
CA ALA B 315 7.29 -1.52 -15.83
C ALA B 315 7.75 -1.28 -14.39
N GLY B 316 6.80 -1.19 -13.46
CA GLY B 316 7.16 -1.07 -12.07
C GLY B 316 7.82 -2.32 -11.52
N GLY B 317 7.37 -3.49 -11.97
CA GLY B 317 8.00 -4.73 -11.56
C GLY B 317 9.43 -4.85 -12.05
N VAL B 318 9.69 -4.47 -13.30
CA VAL B 318 11.03 -4.52 -13.84
C VAL B 318 11.97 -3.62 -13.03
N LYS B 319 11.51 -2.43 -12.68
CA LYS B 319 12.33 -1.54 -11.85
C LYS B 319 12.55 -2.17 -10.48
N CYS B 320 11.48 -2.67 -9.88
CA CYS B 320 11.57 -3.17 -8.51
C CYS B 320 12.39 -4.45 -8.41
N PHE B 321 12.28 -5.35 -9.38
CA PHE B 321 12.79 -6.70 -9.22
C PHE B 321 13.98 -7.08 -10.10
N ALA B 322 14.22 -6.39 -11.22
CA ALA B 322 15.27 -6.86 -12.12
C ALA B 322 16.66 -6.75 -11.51
N SER B 323 16.85 -5.81 -10.58
CA SER B 323 18.14 -5.73 -9.89
C SER B 323 18.21 -6.69 -8.72
N ASN B 324 17.11 -6.80 -7.96
CA ASN B 324 17.04 -7.63 -6.75
C ASN B 324 15.67 -8.28 -6.72
N ASN B 325 15.60 -9.56 -7.11
CA ASN B 325 14.33 -10.26 -7.24
C ASN B 325 13.84 -10.86 -5.93
N ARG B 326 14.22 -10.28 -4.79
CA ARG B 326 13.62 -10.67 -3.53
C ARG B 326 12.11 -10.41 -3.56
N GLU B 327 11.34 -11.42 -3.15
CA GLU B 327 9.89 -11.33 -3.18
C GLU B 327 9.39 -10.21 -2.28
N ARG B 328 8.20 -9.69 -2.60
CA ARG B 328 7.60 -8.61 -1.84
C ARG B 328 6.09 -8.81 -1.77
N LYS B 329 5.52 -8.41 -0.63
CA LYS B 329 4.08 -8.53 -0.44
C LYS B 329 3.35 -7.68 -1.47
N VAL B 330 2.12 -8.09 -1.81
CA VAL B 330 1.41 -7.47 -2.91
C VAL B 330 1.11 -5.99 -2.61
N PHE B 331 0.63 -5.70 -1.40
CA PHE B 331 0.29 -4.32 -1.07
C PHE B 331 1.53 -3.44 -1.01
N GLN B 332 2.69 -4.01 -0.69
CA GLN B 332 3.94 -3.24 -0.75
C GLN B 332 4.33 -2.96 -2.20
N PHE B 333 4.31 -4.00 -3.04
CA PHE B 333 4.62 -3.82 -4.45
C PHE B 333 3.65 -2.85 -5.11
N GLY B 334 2.39 -2.88 -4.70
CA GLY B 334 1.43 -1.92 -5.21
C GLY B 334 1.80 -0.50 -4.87
N GLY B 335 2.37 -0.28 -3.68
CA GLY B 335 2.84 1.04 -3.32
C GLY B 335 3.99 1.49 -4.19
N TYR B 336 4.92 0.56 -4.49
CA TYR B 336 6.03 0.88 -5.38
C TYR B 336 5.52 1.27 -6.76
N VAL B 337 4.61 0.47 -7.31
CA VAL B 337 4.09 0.74 -8.65
C VAL B 337 3.38 2.09 -8.68
N ALA B 338 2.53 2.34 -7.68
CA ALA B 338 1.78 3.60 -7.65
C ALA B 338 2.69 4.80 -7.47
N ASP B 339 3.78 4.64 -6.70
CA ASP B 339 4.73 5.72 -6.54
C ASP B 339 5.52 5.96 -7.82
N HIS B 340 6.26 4.94 -8.26
CA HIS B 340 7.24 5.13 -9.33
C HIS B 340 6.62 5.21 -10.71
N MET B 341 5.41 4.69 -10.90
CA MET B 341 4.74 4.73 -12.20
C MET B 341 3.59 5.72 -12.24
N PHE B 342 3.42 6.53 -11.20
CA PHE B 342 2.48 7.65 -11.20
C PHE B 342 1.04 7.18 -11.46
N TYR B 343 0.55 6.34 -10.56
CA TYR B 343 -0.80 5.79 -10.65
C TYR B 343 -1.77 6.71 -9.91
N HIS B 344 -2.75 7.24 -10.64
CA HIS B 344 -3.63 8.28 -10.13
C HIS B 344 -4.97 7.74 -9.60
N HIS B 345 -5.02 6.50 -9.14
CA HIS B 345 -6.30 5.87 -8.82
C HIS B 345 -6.18 5.12 -7.50
N GLY B 346 -7.24 4.39 -7.16
CA GLY B 346 -7.31 3.74 -5.85
C GLY B 346 -6.29 2.62 -5.70
N ASP B 347 -5.74 2.53 -4.48
CA ASP B 347 -4.76 1.48 -4.18
C ASP B 347 -5.36 0.08 -4.26
N MET B 348 -6.65 -0.06 -3.94
CA MET B 348 -7.23 -1.40 -3.86
C MET B 348 -7.46 -2.00 -5.25
N SER B 349 -7.83 -1.17 -6.22
CA SER B 349 -7.95 -1.66 -7.59
C SER B 349 -6.61 -2.17 -8.10
N LEU B 350 -5.56 -1.36 -7.94
CA LEU B 350 -4.23 -1.72 -8.42
C LEU B 350 -3.73 -3.00 -7.77
N ASN B 351 -4.07 -3.21 -6.50
CA ASN B 351 -3.66 -4.45 -5.83
C ASN B 351 -4.37 -5.66 -6.42
N THR B 352 -5.62 -5.49 -6.86
CA THR B 352 -6.31 -6.61 -7.49
C THR B 352 -5.68 -6.98 -8.82
N SER B 353 -5.34 -5.98 -9.62
CA SER B 353 -4.71 -6.26 -10.91
C SER B 353 -3.34 -6.92 -10.74
N ILE B 354 -2.63 -6.58 -9.66
CA ILE B 354 -1.36 -7.25 -9.39
C ILE B 354 -1.58 -8.72 -9.10
N ILE B 355 -2.56 -9.03 -8.23
CA ILE B 355 -2.85 -10.41 -7.89
C ILE B 355 -3.27 -11.19 -9.12
N LYS B 356 -4.21 -10.64 -9.88
CA LYS B 356 -4.70 -11.32 -11.08
C LYS B 356 -3.59 -11.48 -12.12
N ALA B 357 -2.64 -10.55 -12.14
CA ALA B 357 -1.53 -10.66 -13.08
C ALA B 357 -0.62 -11.85 -12.79
N ALA B 358 -0.68 -12.40 -11.57
CA ALA B 358 0.22 -13.46 -11.15
C ALA B 358 -0.47 -14.80 -10.95
N GLN B 359 -1.77 -14.89 -11.23
CA GLN B 359 -2.45 -16.16 -11.10
C GLN B 359 -2.11 -17.08 -12.25
N TYR B 360 -1.88 -18.36 -11.93
CA TYR B 360 -1.51 -19.38 -12.92
C TYR B 360 -2.23 -20.67 -12.55
N TYR B 361 -3.44 -20.83 -13.07
CA TYR B 361 -4.24 -22.04 -12.90
C TYR B 361 -4.86 -22.37 -14.25
N PRO B 362 -5.30 -23.61 -14.45
CA PRO B 362 -5.90 -23.98 -15.74
C PRO B 362 -7.11 -23.11 -16.07
N GLY B 363 -6.97 -22.33 -17.14
CA GLY B 363 -8.03 -21.42 -17.57
C GLY B 363 -7.87 -20.00 -17.12
N SER B 364 -6.88 -19.70 -16.28
CA SER B 364 -6.60 -18.33 -15.86
C SER B 364 -6.33 -17.44 -17.08
N SER B 365 -6.46 -16.12 -16.85
CA SER B 365 -6.30 -15.15 -17.93
C SER B 365 -4.94 -15.28 -18.62
N HIS B 366 -3.88 -15.57 -17.87
CA HIS B 366 -2.52 -15.48 -18.38
C HIS B 366 -1.92 -16.88 -18.49
N LEU B 367 -1.54 -17.26 -19.71
CA LEU B 367 -0.74 -18.46 -19.89
C LEU B 367 0.72 -18.22 -19.53
N TYR B 368 1.15 -16.97 -19.50
CA TYR B 368 2.54 -16.61 -19.19
C TYR B 368 2.52 -15.42 -18.25
N PRO B 369 2.22 -15.65 -16.98
CA PRO B 369 2.14 -14.54 -16.03
C PRO B 369 3.46 -13.80 -15.91
N VAL B 370 3.35 -12.49 -15.67
CA VAL B 370 4.53 -11.65 -15.56
C VAL B 370 5.24 -11.84 -14.23
N PHE B 371 4.54 -12.31 -13.19
CA PHE B 371 5.13 -12.55 -11.89
C PHE B 371 5.00 -14.01 -11.50
N ILE B 372 5.82 -14.40 -10.54
CA ILE B 372 5.67 -15.67 -9.84
C ILE B 372 4.86 -15.39 -8.58
N GLY B 373 3.68 -15.99 -8.48
CA GLY B 373 2.88 -15.83 -7.29
C GLY B 373 3.32 -16.77 -6.18
N ILE B 374 3.65 -16.23 -5.02
CA ILE B 374 4.09 -17.02 -3.87
C ILE B 374 3.04 -16.87 -2.78
N GLY B 375 2.29 -17.94 -2.54
CA GLY B 375 1.18 -17.95 -1.62
C GLY B 375 -0.05 -18.47 -2.32
N SER B 376 -1.20 -18.24 -1.68
CA SER B 376 -2.49 -18.70 -2.22
C SER B 376 -3.00 -17.66 -3.20
N PHE B 377 -2.97 -17.99 -4.49
CA PHE B 377 -3.35 -17.05 -5.54
C PHE B 377 -4.63 -17.45 -6.28
N GLY B 378 -5.39 -18.40 -5.76
CA GLY B 378 -6.67 -18.69 -6.39
C GLY B 378 -6.68 -19.99 -7.15
N SER B 379 -7.86 -20.58 -7.26
CA SER B 379 -8.06 -21.85 -7.95
C SER B 379 -8.95 -21.66 -9.16
N ARG B 380 -8.93 -22.66 -10.05
CA ARG B 380 -9.83 -22.66 -11.21
C ARG B 380 -11.29 -22.75 -10.77
N HIS B 381 -11.55 -23.39 -9.64
CA HIS B 381 -12.92 -23.65 -9.21
C HIS B 381 -13.67 -22.38 -8.84
N LEU B 382 -12.95 -21.31 -8.47
CA LEU B 382 -13.59 -20.07 -8.05
C LEU B 382 -13.16 -18.89 -8.92
N GLY B 383 -12.68 -19.16 -10.13
CA GLY B 383 -12.23 -18.11 -11.03
C GLY B 383 -11.15 -17.23 -10.43
N GLY B 384 -10.23 -17.83 -9.67
CA GLY B 384 -9.18 -17.07 -9.03
C GLY B 384 -9.67 -16.06 -8.02
N LYS B 385 -10.91 -16.18 -7.56
CA LYS B 385 -11.46 -15.25 -6.58
C LYS B 385 -11.20 -15.69 -5.16
N ASP B 386 -10.56 -16.85 -4.97
CA ASP B 386 -10.20 -17.35 -3.65
C ASP B 386 -8.73 -17.10 -3.33
N ALA B 387 -8.11 -16.12 -3.97
CA ALA B 387 -6.75 -15.74 -3.63
C ALA B 387 -6.73 -15.06 -2.27
N GLY B 388 -5.57 -15.16 -1.60
CA GLY B 388 -5.42 -14.48 -0.32
C GLY B 388 -5.46 -12.97 -0.47
N SER B 389 -5.67 -12.32 0.67
CA SER B 389 -5.67 -10.86 0.69
C SER B 389 -4.26 -10.33 0.38
N PRO B 390 -4.16 -9.10 -0.14
CA PRO B 390 -2.85 -8.59 -0.56
C PRO B 390 -1.81 -8.50 0.54
N ARG B 391 -2.16 -8.75 1.79
CA ARG B 391 -1.19 -8.65 2.89
C ARG B 391 -0.52 -9.97 3.23
N TYR B 392 -1.05 -11.11 2.76
CA TYR B 392 -0.43 -12.41 2.99
C TYR B 392 0.47 -12.84 1.85
N ILE B 393 0.05 -12.62 0.62
CA ILE B 393 0.67 -13.23 -0.54
C ILE B 393 1.67 -12.25 -1.15
N SER B 394 2.65 -12.80 -1.86
CA SER B 394 3.75 -12.03 -2.40
C SER B 394 3.91 -12.36 -3.88
N VAL B 395 4.57 -11.45 -4.59
CA VAL B 395 4.87 -11.63 -6.01
C VAL B 395 6.36 -11.46 -6.21
N GLN B 396 6.80 -11.86 -7.39
CA GLN B 396 8.22 -11.97 -7.70
C GLN B 396 8.32 -12.03 -9.22
N LEU B 397 9.21 -11.23 -9.79
CA LEU B 397 9.28 -11.13 -11.24
C LEU B 397 9.64 -12.48 -11.86
N ALA B 398 8.86 -12.91 -12.84
CA ALA B 398 9.21 -14.07 -13.64
C ALA B 398 10.35 -13.69 -14.56
N SER B 399 11.55 -13.49 -13.99
CA SER B 399 12.60 -12.75 -14.69
C SER B 399 13.04 -13.46 -15.96
N GLU B 400 13.23 -14.78 -15.92
CA GLU B 400 13.70 -15.47 -17.11
C GLU B 400 12.73 -15.33 -18.27
N PHE B 401 11.43 -15.37 -17.99
CA PHE B 401 10.45 -15.11 -19.04
C PHE B 401 10.46 -13.65 -19.46
N ILE B 402 10.51 -12.73 -18.50
CA ILE B 402 10.36 -11.31 -18.81
C ILE B 402 11.56 -10.79 -19.60
N LYS B 403 12.78 -11.20 -19.22
CA LYS B 403 13.96 -10.72 -19.91
C LYS B 403 14.05 -11.24 -21.34
N THR B 404 13.51 -12.44 -21.61
CA THR B 404 13.51 -12.93 -22.98
C THR B 404 12.38 -12.34 -23.81
N MET B 405 11.23 -12.09 -23.19
CA MET B 405 10.06 -11.61 -23.92
C MET B 405 10.07 -10.10 -24.07
N PHE B 406 10.45 -9.37 -23.02
CA PHE B 406 10.58 -7.93 -23.07
C PHE B 406 12.06 -7.58 -22.93
N PRO B 407 12.82 -7.56 -24.02
CA PRO B 407 14.27 -7.30 -23.92
C PRO B 407 14.52 -5.93 -23.30
N ALA B 408 15.40 -5.91 -22.30
CA ALA B 408 15.65 -4.66 -21.57
C ALA B 408 16.24 -3.61 -22.49
N GLU B 409 17.08 -4.02 -23.44
CA GLU B 409 17.68 -3.07 -24.37
C GLU B 409 16.63 -2.33 -25.18
N ASP B 410 15.48 -2.97 -25.43
CA ASP B 410 14.44 -2.38 -26.26
C ASP B 410 13.63 -1.33 -25.51
N SER B 411 13.53 -1.44 -24.19
CA SER B 411 12.69 -0.52 -23.43
C SER B 411 13.21 0.92 -23.50
N TRP B 412 14.49 1.12 -23.79
CA TRP B 412 15.02 2.46 -23.97
C TRP B 412 14.45 3.16 -25.20
N LEU B 413 13.95 2.40 -26.18
CA LEU B 413 13.57 2.95 -27.48
C LEU B 413 12.06 3.05 -27.67
N LEU B 414 11.27 2.66 -26.68
CA LEU B 414 9.83 2.72 -26.81
C LEU B 414 9.33 4.15 -26.56
N PRO B 415 8.16 4.49 -27.07
CA PRO B 415 7.54 5.76 -26.65
C PRO B 415 7.03 5.62 -25.23
N TYR B 416 7.13 6.71 -24.47
CA TYR B 416 6.83 6.66 -23.05
C TYR B 416 5.70 7.61 -22.69
N VAL B 417 4.93 7.19 -21.69
CA VAL B 417 3.90 8.04 -21.10
C VAL B 417 4.55 8.95 -20.06
N PHE B 418 4.14 10.22 -20.06
CA PHE B 418 4.62 11.18 -19.08
C PHE B 418 3.44 11.61 -18.21
N GLU B 419 3.53 11.36 -16.92
CA GLU B 419 2.49 11.72 -15.96
C GLU B 419 3.03 12.77 -15.01
N ASP B 420 2.29 13.87 -14.87
CA ASP B 420 2.70 14.98 -14.01
C ASP B 420 4.06 15.54 -14.43
N GLY B 421 4.34 15.49 -15.72
CA GLY B 421 5.60 16.00 -16.24
C GLY B 421 6.79 15.09 -16.05
N GLN B 422 6.57 13.85 -15.63
CA GLN B 422 7.65 12.91 -15.37
C GLN B 422 7.41 11.63 -16.16
N ARG B 423 8.50 10.94 -16.51
CA ARG B 423 8.40 9.73 -17.30
C ARG B 423 7.80 8.58 -16.50
N ALA B 424 6.79 7.92 -17.08
CA ALA B 424 6.12 6.81 -16.45
C ALA B 424 6.39 5.53 -17.23
N GLU B 425 5.35 4.74 -17.45
CA GLU B 425 5.52 3.49 -18.17
C GLU B 425 5.58 3.74 -19.67
N PRO B 426 6.07 2.77 -20.44
CA PRO B 426 6.02 2.90 -21.91
C PRO B 426 4.59 3.03 -22.39
N GLU B 427 4.43 3.73 -23.53
CA GLU B 427 3.13 3.75 -24.18
C GLU B 427 2.70 2.35 -24.60
N TYR B 428 3.66 1.53 -25.02
CA TYR B 428 3.42 0.13 -25.28
C TYR B 428 4.76 -0.58 -25.32
N TYR B 429 4.78 -1.84 -24.91
CA TYR B 429 5.92 -2.70 -25.14
C TYR B 429 5.75 -3.40 -26.49
N VAL B 430 6.86 -3.80 -27.08
CA VAL B 430 6.80 -4.61 -28.29
C VAL B 430 7.49 -5.94 -28.02
N PRO B 431 6.78 -6.93 -27.49
CA PRO B 431 7.43 -8.19 -27.09
C PRO B 431 7.91 -8.98 -28.30
N VAL B 432 8.73 -9.98 -28.00
CA VAL B 432 9.32 -10.82 -29.04
C VAL B 432 8.25 -11.68 -29.72
N LEU B 433 7.18 -12.02 -29.00
CA LEU B 433 6.07 -12.78 -29.56
C LEU B 433 4.77 -11.98 -29.40
N PRO B 434 3.78 -12.21 -30.27
CA PRO B 434 2.55 -11.39 -30.22
C PRO B 434 1.69 -11.71 -29.01
N LEU B 435 2.00 -11.08 -27.88
CA LEU B 435 1.37 -11.46 -26.61
C LEU B 435 -0.14 -11.23 -26.63
N ALA B 436 -0.61 -10.29 -27.43
CA ALA B 436 -2.03 -9.94 -27.41
C ALA B 436 -2.91 -11.12 -27.80
N ILE B 437 -2.38 -12.04 -28.61
CA ILE B 437 -3.14 -13.19 -29.08
C ILE B 437 -2.65 -14.48 -28.46
N MET B 438 -1.85 -14.41 -27.40
CA MET B 438 -1.32 -15.60 -26.74
C MET B 438 -1.94 -15.82 -25.36
N GLU B 439 -2.96 -15.07 -24.99
CA GLU B 439 -3.54 -15.15 -23.66
C GLU B 439 -5.04 -14.99 -23.72
N TYR B 440 -5.69 -15.18 -22.57
CA TYR B 440 -7.14 -15.11 -22.45
C TYR B 440 -7.55 -13.75 -21.88
N GLY B 441 -8.49 -13.10 -22.53
CA GLY B 441 -9.02 -11.85 -22.03
C GLY B 441 -10.52 -11.78 -22.28
N ALA B 442 -11.21 -11.11 -21.36
CA ALA B 442 -12.65 -10.92 -21.46
C ALA B 442 -13.15 -9.90 -20.43
N ASN B 443 -13.44 -8.69 -20.90
CA ASN B 443 -14.00 -7.65 -20.05
C ASN B 443 -14.57 -6.57 -20.96
N PRO B 444 -15.55 -5.79 -20.47
CA PRO B 444 -16.13 -4.75 -21.30
C PRO B 444 -15.45 -3.39 -21.11
N SER B 445 -15.90 -2.40 -21.86
CA SER B 445 -15.46 -1.02 -21.68
C SER B 445 -16.59 -0.12 -22.20
N GLU B 446 -16.25 1.10 -22.57
CA GLU B 446 -17.22 2.00 -23.17
C GLU B 446 -17.34 1.72 -24.67
N GLY B 447 -18.56 1.54 -25.14
CA GLY B 447 -18.74 1.28 -26.57
C GLY B 447 -18.44 -0.11 -27.04
N TRP B 448 -17.27 -0.65 -26.69
CA TRP B 448 -16.82 -1.94 -27.18
C TRP B 448 -16.63 -2.93 -26.03
N LYS B 449 -16.90 -4.19 -26.32
CA LYS B 449 -16.48 -5.30 -25.48
C LYS B 449 -15.13 -5.80 -25.98
N TYR B 450 -14.46 -6.58 -25.14
CA TYR B 450 -13.19 -7.18 -25.51
C TYR B 450 -13.16 -8.62 -25.03
N THR B 451 -12.88 -9.55 -25.95
CA THR B 451 -12.75 -10.95 -25.61
C THR B 451 -11.82 -11.60 -26.62
N THR B 452 -10.81 -12.32 -26.13
CA THR B 452 -9.88 -13.04 -26.98
C THR B 452 -9.55 -14.37 -26.35
N TRP B 453 -9.33 -15.38 -27.20
CA TRP B 453 -9.01 -16.73 -26.76
C TRP B 453 -7.62 -17.11 -27.26
N ALA B 454 -6.76 -17.55 -26.33
CA ALA B 454 -5.35 -17.71 -26.62
C ALA B 454 -5.10 -18.69 -27.76
N ARG B 455 -4.26 -18.29 -28.71
CA ARG B 455 -3.86 -19.14 -29.82
C ARG B 455 -2.83 -20.16 -29.37
N GLN B 456 -2.74 -21.25 -30.13
CA GLN B 456 -1.77 -22.30 -29.85
C GLN B 456 -0.34 -21.77 -30.01
N LEU B 457 0.51 -22.09 -29.03
CA LEU B 457 1.89 -21.57 -29.06
C LEU B 457 2.66 -22.09 -30.26
N GLU B 458 2.42 -23.35 -30.66
CA GLU B 458 3.15 -23.89 -31.80
C GLU B 458 2.74 -23.22 -33.10
N ASP B 459 1.45 -22.89 -33.23
CA ASP B 459 0.98 -22.14 -34.39
C ASP B 459 1.61 -20.76 -34.44
N ILE B 460 1.81 -20.13 -33.28
CA ILE B 460 2.41 -18.80 -33.24
C ILE B 460 3.89 -18.86 -33.63
N LEU B 461 4.62 -19.84 -33.09
CA LEU B 461 6.03 -19.98 -33.43
C LEU B 461 6.22 -20.24 -34.91
N ALA B 462 5.32 -21.02 -35.51
CA ALA B 462 5.43 -21.32 -36.93
C ALA B 462 5.22 -20.06 -37.78
N LEU B 463 4.29 -19.20 -37.39
CA LEU B 463 3.98 -18.02 -38.18
C LEU B 463 5.13 -17.02 -38.14
N VAL B 464 5.66 -16.75 -36.94
CA VAL B 464 6.68 -15.71 -36.81
C VAL B 464 7.99 -16.18 -37.42
N ARG B 465 8.33 -17.46 -37.26
CA ARG B 465 9.58 -17.97 -37.80
C ARG B 465 9.57 -17.97 -39.32
N ALA B 466 8.42 -18.29 -39.93
CA ALA B 466 8.30 -18.16 -41.37
C ALA B 466 8.55 -16.72 -41.81
N TYR B 467 7.99 -15.75 -41.08
CA TYR B 467 8.19 -14.35 -41.43
C TYR B 467 9.66 -13.94 -41.33
N VAL B 468 10.38 -14.48 -40.37
CA VAL B 468 11.73 -14.01 -40.06
C VAL B 468 12.81 -14.85 -40.73
N ASP B 469 12.65 -16.17 -40.74
CA ASP B 469 13.70 -17.05 -41.24
C ASP B 469 13.66 -17.06 -42.78
N LYS B 470 14.73 -16.57 -43.40
CA LYS B 470 14.83 -16.61 -44.86
C LYS B 470 14.89 -18.05 -45.36
N ASP B 471 15.37 -18.98 -44.53
CA ASP B 471 15.50 -20.37 -44.93
C ASP B 471 14.22 -21.16 -44.73
N ASN B 472 13.20 -20.57 -44.13
CA ASN B 472 11.91 -21.22 -44.03
C ASN B 472 11.36 -21.45 -45.43
N PRO B 473 10.75 -22.60 -45.70
CA PRO B 473 10.19 -22.84 -47.05
C PRO B 473 8.89 -22.12 -47.34
N LYS B 474 8.33 -21.40 -46.36
CA LYS B 474 7.14 -20.59 -46.57
C LYS B 474 7.41 -19.12 -46.28
N HIS B 475 8.68 -18.75 -46.22
CA HIS B 475 9.07 -17.35 -45.99
C HIS B 475 8.52 -16.43 -47.07
N GLU B 476 8.89 -16.69 -48.33
CA GLU B 476 8.43 -15.81 -49.40
C GLU B 476 6.93 -15.89 -49.59
N LEU B 477 6.33 -17.05 -49.27
CA LEU B 477 4.89 -17.21 -49.39
C LEU B 477 4.16 -16.33 -48.37
N LEU B 478 4.61 -16.37 -47.11
CA LEU B 478 3.93 -15.63 -46.06
C LEU B 478 3.96 -14.13 -46.34
N HIS B 479 5.12 -13.60 -46.77
CA HIS B 479 5.21 -12.18 -47.07
C HIS B 479 4.25 -11.79 -48.20
N TYR B 480 4.13 -12.64 -49.23
CA TYR B 480 3.13 -12.41 -50.27
C TYR B 480 1.71 -12.55 -49.74
N ALA B 481 1.52 -13.23 -48.60
CA ALA B 481 0.19 -13.41 -48.03
C ALA B 481 -0.17 -12.27 -47.09
N ILE B 482 0.81 -11.77 -46.33
CA ILE B 482 0.59 -10.63 -45.46
C ILE B 482 0.19 -9.40 -46.28
N LYS B 483 0.85 -9.20 -47.43
CA LYS B 483 0.56 -8.04 -48.27
C LYS B 483 -0.89 -8.02 -48.71
N HIS B 484 -1.44 -9.16 -49.11
CA HIS B 484 -2.82 -9.25 -49.55
C HIS B 484 -3.77 -9.69 -48.43
N LYS B 485 -3.28 -9.77 -47.20
CA LYS B 485 -4.08 -10.13 -46.02
C LYS B 485 -4.85 -11.44 -46.23
N ILE B 486 -4.15 -12.44 -46.75
CA ILE B 486 -4.67 -13.80 -46.82
C ILE B 486 -4.00 -14.62 -45.72
N THR B 487 -4.44 -15.88 -45.56
CA THR B 487 -3.89 -16.75 -44.54
C THR B 487 -3.45 -18.08 -45.14
N ILE B 488 -2.23 -18.50 -44.78
CA ILE B 488 -1.61 -19.69 -45.37
C ILE B 488 -1.34 -20.75 -44.30
N LEU B 489 -1.10 -20.31 -43.07
CA LEU B 489 -0.80 -21.22 -41.96
C LEU B 489 -1.88 -21.09 -40.88
N PRO B 490 -2.14 -22.15 -40.12
CA PRO B 490 -3.23 -22.11 -39.14
C PRO B 490 -2.86 -21.32 -37.90
N LEU B 491 -3.90 -20.74 -37.28
CA LEU B 491 -3.80 -20.08 -35.98
C LEU B 491 -4.91 -20.66 -35.10
N ARG B 492 -4.69 -21.87 -34.60
CA ARG B 492 -5.70 -22.63 -33.88
C ARG B 492 -5.73 -22.24 -32.41
N PRO B 493 -6.88 -22.40 -31.74
CA PRO B 493 -6.94 -22.08 -30.31
C PRO B 493 -6.03 -23.00 -29.51
N SER B 494 -5.44 -22.45 -28.45
CA SER B 494 -4.55 -23.24 -27.61
C SER B 494 -5.32 -24.30 -26.84
N ASN B 495 -4.66 -25.42 -26.60
CA ASN B 495 -5.24 -26.51 -25.81
C ASN B 495 -4.47 -26.77 -24.52
N TYR B 496 -3.46 -25.98 -24.21
CA TYR B 496 -2.63 -26.24 -23.03
C TYR B 496 -3.47 -26.12 -21.76
N ASN B 497 -3.21 -27.02 -20.81
CA ASN B 497 -3.95 -27.12 -19.56
C ASN B 497 -5.43 -27.41 -19.79
N PHE B 498 -5.77 -28.00 -20.94
CA PHE B 498 -7.14 -28.29 -21.30
C PHE B 498 -7.23 -29.75 -21.74
N LYS B 499 -7.94 -30.55 -20.96
CA LYS B 499 -8.08 -31.98 -21.23
C LYS B 499 -9.26 -32.33 -22.13
N GLY B 500 -10.13 -31.37 -22.44
CA GLY B 500 -11.28 -31.63 -23.28
C GLY B 500 -10.92 -31.64 -24.75
N HIS B 501 -11.91 -31.36 -25.60
CA HIS B 501 -11.72 -31.36 -27.04
C HIS B 501 -12.07 -30.00 -27.62
N LEU B 502 -11.38 -29.67 -28.72
CA LEU B 502 -11.66 -28.47 -29.51
C LEU B 502 -12.06 -28.91 -30.90
N LYS B 503 -13.17 -28.37 -31.40
CA LYS B 503 -13.68 -28.75 -32.71
C LYS B 503 -14.07 -27.50 -33.50
N ARG B 504 -13.85 -27.54 -34.81
CA ARG B 504 -14.25 -26.45 -35.69
C ARG B 504 -15.49 -26.85 -36.47
N PHE B 505 -16.47 -25.96 -36.51
CA PHE B 505 -17.71 -26.16 -37.26
C PHE B 505 -17.94 -24.88 -38.06
N GLY B 506 -17.56 -24.89 -39.33
CA GLY B 506 -17.64 -23.69 -40.13
C GLY B 506 -16.60 -22.67 -39.74
N GLN B 507 -17.04 -21.54 -39.22
CA GLN B 507 -16.16 -20.43 -38.87
C GLN B 507 -15.85 -20.35 -37.37
N TYR B 508 -16.34 -21.30 -36.56
CA TYR B 508 -16.30 -21.16 -35.12
C TYR B 508 -15.61 -22.36 -34.48
N TYR B 509 -14.76 -22.08 -33.49
CA TYR B 509 -14.22 -23.13 -32.65
C TYR B 509 -15.09 -23.30 -31.41
N TYR B 510 -15.19 -24.54 -30.95
CA TYR B 510 -15.98 -24.90 -29.78
C TYR B 510 -15.14 -25.71 -28.81
N SER B 511 -15.33 -25.45 -27.52
CA SER B 511 -14.69 -26.21 -26.46
C SER B 511 -15.64 -27.22 -25.87
N TYR B 512 -15.13 -28.40 -25.53
CA TYR B 512 -15.95 -29.50 -25.05
C TYR B 512 -15.39 -30.04 -23.74
N GLY B 513 -16.29 -30.34 -22.81
CA GLY B 513 -15.94 -31.09 -21.63
C GLY B 513 -15.90 -32.58 -21.90
N THR B 514 -15.50 -33.34 -20.89
CA THR B 514 -15.41 -34.79 -20.98
C THR B 514 -16.24 -35.41 -19.85
N TYR B 515 -16.91 -36.52 -20.17
CA TYR B 515 -17.77 -37.18 -19.20
C TYR B 515 -17.66 -38.69 -19.34
N ASP B 516 -17.99 -39.39 -18.27
CA ASP B 516 -18.00 -40.84 -18.22
C ASP B 516 -19.35 -41.30 -17.70
N ILE B 517 -19.95 -42.29 -18.36
CA ILE B 517 -21.23 -42.84 -17.95
C ILE B 517 -20.99 -44.24 -17.41
N SER B 518 -21.46 -44.49 -16.19
CA SER B 518 -21.51 -45.84 -15.62
C SER B 518 -22.99 -46.23 -15.58
N GLU B 519 -23.40 -47.09 -16.50
CA GLU B 519 -24.81 -47.46 -16.60
C GLU B 519 -25.28 -48.18 -15.36
N GLN B 520 -24.40 -48.99 -14.76
CA GLN B 520 -24.77 -49.73 -13.55
C GLN B 520 -25.03 -48.78 -12.38
N ARG B 521 -24.00 -48.05 -11.94
CA ARG B 521 -24.13 -47.16 -10.79
C ARG B 521 -24.98 -45.93 -11.07
N ASN B 522 -25.31 -45.63 -12.33
CA ASN B 522 -26.18 -44.52 -12.71
C ASN B 522 -25.54 -43.17 -12.38
N ILE B 523 -24.23 -43.06 -12.60
CA ILE B 523 -23.49 -41.83 -12.33
C ILE B 523 -22.87 -41.33 -13.63
N ILE B 524 -23.16 -40.08 -13.99
CA ILE B 524 -22.38 -39.36 -14.99
C ILE B 524 -21.26 -38.64 -14.28
N THR B 525 -20.02 -38.87 -14.72
CA THR B 525 -18.85 -38.27 -14.09
C THR B 525 -18.19 -37.29 -15.05
N ILE B 526 -18.27 -36.01 -14.75
CA ILE B 526 -17.60 -34.99 -15.54
C ILE B 526 -16.12 -34.96 -15.16
N THR B 527 -15.24 -35.16 -16.13
CA THR B 527 -13.81 -35.19 -15.88
C THR B 527 -13.08 -33.98 -16.43
N GLU B 528 -13.76 -33.11 -17.17
CA GLU B 528 -13.23 -31.83 -17.60
C GLU B 528 -14.41 -30.95 -18.01
N LEU B 529 -14.27 -29.65 -17.78
CA LEU B 529 -15.25 -28.66 -18.15
C LEU B 529 -14.77 -27.89 -19.37
N PRO B 530 -15.65 -27.12 -20.01
CA PRO B 530 -15.22 -26.30 -21.15
C PRO B 530 -14.20 -25.25 -20.72
N LEU B 531 -13.59 -24.63 -21.74
CA LEU B 531 -12.50 -23.70 -21.51
C LEU B 531 -12.95 -22.52 -20.67
N ARG B 532 -12.18 -22.20 -19.63
CA ARG B 532 -12.40 -21.03 -18.77
C ARG B 532 -13.71 -21.10 -18.01
N VAL B 533 -14.24 -22.29 -17.77
CA VAL B 533 -15.49 -22.46 -17.01
C VAL B 533 -15.13 -22.77 -15.57
N PRO B 534 -15.47 -21.92 -14.60
CA PRO B 534 -15.14 -22.20 -13.20
C PRO B 534 -16.06 -23.27 -12.62
N THR B 535 -15.49 -24.10 -11.74
CA THR B 535 -16.21 -25.29 -11.27
C THR B 535 -17.42 -24.91 -10.43
N VAL B 536 -17.23 -24.09 -9.40
CA VAL B 536 -18.31 -23.81 -8.46
C VAL B 536 -19.46 -23.11 -9.17
N ALA B 537 -19.15 -22.16 -10.06
CA ALA B 537 -20.21 -21.48 -10.79
C ALA B 537 -20.92 -22.43 -11.76
N TYR B 538 -20.20 -23.40 -12.32
CA TYR B 538 -20.84 -24.37 -13.20
C TYR B 538 -21.86 -25.21 -12.45
N ILE B 539 -21.45 -25.80 -11.31
CA ILE B 539 -22.35 -26.63 -10.53
C ILE B 539 -23.56 -25.83 -10.08
N GLU B 540 -23.35 -24.56 -9.70
CA GLU B 540 -24.47 -23.76 -9.20
C GLU B 540 -25.45 -23.43 -10.32
N SER B 541 -24.98 -23.38 -11.56
CA SER B 541 -25.87 -23.10 -12.68
C SER B 541 -26.70 -24.31 -13.07
N ILE B 542 -26.20 -25.52 -12.81
CA ILE B 542 -26.97 -26.72 -13.09
C ILE B 542 -27.96 -27.02 -11.97
N LYS B 543 -27.80 -26.41 -10.80
CA LYS B 543 -28.84 -26.45 -9.78
C LYS B 543 -29.88 -25.35 -9.94
N LYS B 544 -29.58 -24.31 -10.71
CA LYS B 544 -30.51 -23.22 -10.95
C LYS B 544 -31.46 -23.53 -12.09
N SER B 545 -31.35 -24.70 -12.71
CA SER B 545 -32.21 -25.12 -13.79
C SER B 545 -33.18 -26.15 -13.22
N SER B 546 -34.47 -25.79 -13.17
CA SER B 546 -35.46 -26.76 -12.76
C SER B 546 -35.61 -27.84 -13.80
N ASN B 547 -35.48 -27.48 -15.08
CA ASN B 547 -35.52 -28.47 -16.15
C ASN B 547 -34.53 -29.59 -15.89
N ARG B 548 -33.28 -29.26 -15.56
CA ARG B 548 -32.28 -30.32 -15.50
C ARG B 548 -32.33 -31.07 -14.18
N MET B 549 -32.71 -30.40 -13.09
CA MET B 549 -32.69 -31.06 -11.79
C MET B 549 -33.80 -32.06 -11.59
N THR B 550 -34.80 -32.12 -12.47
CA THR B 550 -35.79 -33.19 -12.37
C THR B 550 -35.14 -34.54 -12.49
N PHE B 551 -34.06 -34.66 -13.27
CA PHE B 551 -33.39 -35.93 -13.48
C PHE B 551 -32.19 -36.15 -12.56
N ILE B 552 -31.75 -35.14 -11.79
CA ILE B 552 -30.60 -35.30 -10.91
C ILE B 552 -31.10 -35.34 -9.46
N GLU B 553 -30.62 -36.34 -8.70
CA GLU B 553 -30.87 -36.41 -7.27
C GLU B 553 -29.70 -35.90 -6.42
N GLU B 554 -28.49 -35.86 -6.98
CA GLU B 554 -27.36 -35.30 -6.26
C GLU B 554 -26.24 -34.95 -7.21
N ILE B 555 -25.48 -33.91 -6.86
CA ILE B 555 -24.24 -33.55 -7.54
C ILE B 555 -23.14 -33.49 -6.48
N ILE B 556 -22.01 -34.13 -6.76
CA ILE B 556 -20.90 -34.21 -5.81
C ILE B 556 -19.62 -33.78 -6.52
N ASP B 557 -18.87 -32.88 -5.90
CA ASP B 557 -17.67 -32.30 -6.48
C ASP B 557 -16.45 -32.94 -5.82
N TYR B 558 -15.77 -33.82 -6.56
CA TYR B 558 -14.54 -34.45 -6.11
C TYR B 558 -13.30 -33.89 -6.81
N SER B 559 -13.38 -32.68 -7.36
CA SER B 559 -12.31 -32.15 -8.19
C SER B 559 -11.04 -31.93 -7.38
N SER B 560 -9.90 -32.18 -8.04
CA SER B 560 -8.57 -31.87 -7.51
C SER B 560 -8.40 -30.36 -7.34
N SER B 561 -7.22 -29.97 -6.86
CA SER B 561 -6.86 -28.56 -6.94
C SER B 561 -7.11 -28.04 -8.34
N GLU B 562 -6.56 -28.72 -9.35
CA GLU B 562 -6.64 -28.25 -10.72
C GLU B 562 -6.98 -29.36 -11.73
N THR B 563 -7.72 -30.41 -11.32
CA THR B 563 -8.37 -31.30 -12.27
C THR B 563 -9.82 -31.51 -11.84
N ILE B 564 -10.67 -31.78 -12.82
CA ILE B 564 -12.12 -31.76 -12.63
C ILE B 564 -12.63 -33.18 -12.46
N GLU B 565 -13.48 -33.40 -11.45
CA GLU B 565 -14.18 -34.68 -11.29
C GLU B 565 -15.49 -34.37 -10.55
N ILE B 566 -16.58 -34.29 -11.30
CA ILE B 566 -17.91 -34.03 -10.76
C ILE B 566 -18.75 -35.28 -10.95
N LEU B 567 -19.29 -35.80 -9.84
CA LEU B 567 -20.14 -36.98 -9.85
C LEU B 567 -21.60 -36.54 -9.88
N VAL B 568 -22.28 -36.77 -11.00
CA VAL B 568 -23.68 -36.44 -11.17
C VAL B 568 -24.48 -37.72 -11.02
N LYS B 569 -25.12 -37.89 -9.87
CA LYS B 569 -25.94 -39.07 -9.61
C LYS B 569 -27.35 -38.82 -10.17
N LEU B 570 -27.77 -39.70 -11.08
CA LEU B 570 -29.04 -39.53 -11.77
C LEU B 570 -30.15 -40.25 -11.02
N LYS B 571 -31.38 -39.86 -11.37
CA LYS B 571 -32.57 -40.44 -10.70
C LYS B 571 -32.94 -41.73 -11.43
N PRO B 572 -33.58 -42.70 -10.76
CA PRO B 572 -33.87 -43.98 -11.38
C PRO B 572 -34.56 -43.82 -12.74
N ASN B 573 -34.05 -44.49 -13.77
CA ASN B 573 -34.68 -44.44 -15.11
C ASN B 573 -34.82 -42.99 -15.59
N SER B 574 -33.70 -42.37 -15.95
CA SER B 574 -33.72 -40.97 -16.44
C SER B 574 -32.86 -40.88 -17.70
N LEU B 575 -31.87 -41.77 -17.80
CA LEU B 575 -30.97 -41.71 -18.95
C LEU B 575 -31.71 -41.85 -20.27
N ASN B 576 -32.81 -42.61 -20.27
CA ASN B 576 -33.60 -42.74 -21.50
C ASN B 576 -34.48 -41.52 -21.74
N ARG B 577 -35.00 -40.92 -20.67
CA ARG B 577 -35.79 -39.69 -20.81
C ARG B 577 -34.91 -38.49 -21.12
N ILE B 578 -33.63 -38.52 -20.74
CA ILE B 578 -32.73 -37.41 -21.02
C ILE B 578 -32.50 -37.30 -22.53
N VAL B 579 -32.19 -38.42 -23.18
CA VAL B 579 -31.92 -38.42 -24.63
C VAL B 579 -33.13 -37.89 -25.40
N GLU B 580 -34.33 -38.00 -24.83
CA GLU B 580 -35.51 -37.48 -25.50
C GLU B 580 -35.62 -35.97 -25.32
N GLU B 581 -35.67 -35.50 -24.07
CA GLU B 581 -35.89 -34.08 -23.82
C GLU B 581 -34.64 -33.23 -24.04
N PHE B 582 -33.53 -33.82 -24.50
CA PHE B 582 -32.35 -33.09 -24.94
C PHE B 582 -31.88 -33.68 -26.27
N LYS B 583 -32.01 -32.91 -27.34
CA LYS B 583 -31.69 -33.37 -28.68
C LYS B 583 -30.19 -33.55 -28.89
N GLU B 584 -29.84 -34.45 -29.83
CA GLU B 584 -28.45 -34.74 -30.20
C GLU B 584 -28.18 -34.22 -31.61
N THR B 585 -27.47 -33.09 -31.69
CA THR B 585 -27.03 -32.51 -32.94
C THR B 585 -25.72 -33.15 -33.39
N GLU B 586 -25.43 -33.04 -34.69
CA GLU B 586 -24.14 -33.46 -35.22
C GLU B 586 -22.96 -32.74 -34.57
N GLU B 587 -23.21 -31.63 -33.87
CA GLU B 587 -22.14 -30.90 -33.22
C GLU B 587 -22.14 -31.03 -31.71
N GLN B 588 -23.22 -31.52 -31.11
CA GLN B 588 -23.23 -31.78 -29.67
C GLN B 588 -24.20 -32.92 -29.39
N ASP B 589 -23.79 -33.82 -28.49
CA ASP B 589 -24.61 -34.96 -28.11
C ASP B 589 -25.46 -34.63 -26.89
N SER B 590 -26.40 -35.53 -26.58
CA SER B 590 -27.45 -35.22 -25.63
C SER B 590 -26.90 -34.97 -24.23
N ILE B 591 -25.89 -35.73 -23.82
CA ILE B 591 -25.33 -35.54 -22.48
C ILE B 591 -24.55 -34.23 -22.41
N GLU B 592 -23.77 -33.93 -23.46
CA GLU B 592 -23.14 -32.62 -23.55
C GLU B 592 -24.15 -31.49 -23.54
N ASN B 593 -25.36 -31.74 -24.06
CA ASN B 593 -26.45 -30.78 -23.96
C ASN B 593 -27.01 -30.74 -22.54
N PHE B 594 -27.24 -31.92 -21.96
CA PHE B 594 -27.85 -31.99 -20.64
C PHE B 594 -26.99 -31.29 -19.59
N LEU B 595 -25.68 -31.51 -19.61
CA LEU B 595 -24.77 -30.97 -18.61
C LEU B 595 -24.05 -29.71 -19.08
N ARG B 596 -24.47 -29.12 -20.20
CA ARG B 596 -23.88 -27.88 -20.73
C ARG B 596 -22.36 -27.96 -20.77
N LEU B 597 -21.85 -29.00 -21.41
CA LEU B 597 -20.41 -29.25 -21.52
C LEU B 597 -19.83 -28.75 -22.83
N ARG B 598 -20.41 -27.70 -23.40
CA ARG B 598 -19.89 -27.13 -24.64
C ARG B 598 -20.14 -25.63 -24.65
N ASN B 599 -19.10 -24.85 -24.91
CA ASN B 599 -19.24 -23.43 -25.15
C ASN B 599 -18.68 -23.08 -26.52
N CYS B 600 -18.88 -21.82 -26.91
CA CYS B 600 -18.40 -21.31 -28.19
C CYS B 600 -17.39 -20.21 -27.94
N LEU B 601 -16.25 -20.27 -28.62
CA LEU B 601 -15.15 -19.33 -28.39
C LEU B 601 -15.40 -18.05 -29.19
N HIS B 602 -16.49 -17.36 -28.85
CA HIS B 602 -16.79 -16.08 -29.48
C HIS B 602 -15.74 -15.06 -29.09
N SER B 603 -15.20 -14.37 -30.09
CA SER B 603 -14.18 -13.36 -29.89
C SER B 603 -14.73 -11.97 -30.18
N HIS B 604 -14.17 -10.98 -29.49
CA HIS B 604 -14.41 -9.56 -29.77
C HIS B 604 -13.02 -8.93 -29.81
N LEU B 605 -12.38 -9.02 -30.97
CA LEU B 605 -10.99 -8.60 -31.14
C LEU B 605 -10.88 -7.09 -31.34
N ASN B 606 -11.33 -6.35 -30.34
CA ASN B 606 -11.18 -4.90 -30.29
C ASN B 606 -10.02 -4.56 -29.36
N PHE B 607 -9.11 -3.71 -29.83
CA PHE B 607 -7.88 -3.41 -29.12
C PHE B 607 -7.66 -1.90 -29.16
N VAL B 608 -6.48 -1.48 -28.73
CA VAL B 608 -6.11 -0.07 -28.65
C VAL B 608 -4.89 0.14 -29.52
N LYS B 609 -4.91 1.21 -30.33
CA LYS B 609 -3.82 1.54 -31.23
C LYS B 609 -2.64 2.12 -30.45
N PRO B 610 -1.44 2.04 -31.02
CA PRO B 610 -0.30 2.76 -30.41
C PRO B 610 -0.54 4.23 -30.15
N LYS B 611 -0.99 4.98 -31.14
CA LYS B 611 -1.21 6.41 -30.96
C LYS B 611 -2.64 6.73 -30.54
N GLY B 612 -3.34 5.78 -29.97
CA GLY B 612 -4.60 6.05 -29.30
C GLY B 612 -5.79 5.57 -30.12
N GLY B 613 -6.85 5.20 -29.43
CA GLY B 613 -8.09 4.90 -30.11
C GLY B 613 -8.31 3.40 -30.27
N ILE B 614 -9.56 3.04 -30.53
CA ILE B 614 -9.95 1.64 -30.69
C ILE B 614 -9.52 1.16 -32.08
N ILE B 615 -9.52 -0.16 -32.28
CA ILE B 615 -9.21 -0.75 -33.56
C ILE B 615 -9.83 -2.14 -33.62
N GLU B 616 -10.69 -2.36 -34.61
CA GLU B 616 -11.48 -3.60 -34.71
C GLU B 616 -10.81 -4.55 -35.68
N PHE B 617 -10.17 -5.59 -35.16
CA PHE B 617 -9.62 -6.63 -36.01
C PHE B 617 -10.71 -7.64 -36.37
N ASN B 618 -10.45 -8.40 -37.44
CA ASN B 618 -11.39 -9.39 -37.92
C ASN B 618 -10.92 -10.82 -37.72
N SER B 619 -9.64 -11.02 -37.44
CA SER B 619 -9.09 -12.34 -37.22
C SER B 619 -7.83 -12.22 -36.39
N TYR B 620 -7.41 -13.34 -35.81
CA TYR B 620 -6.16 -13.34 -35.04
C TYR B 620 -4.98 -13.08 -35.95
N TYR B 621 -5.08 -13.46 -37.22
CA TYR B 621 -4.02 -13.17 -38.19
C TYR B 621 -3.79 -11.67 -38.30
N GLU B 622 -4.87 -10.89 -38.39
CA GLU B 622 -4.72 -9.45 -38.56
C GLU B 622 -3.92 -8.83 -37.42
N ILE B 623 -4.15 -9.29 -36.19
CA ILE B 623 -3.38 -8.78 -35.06
C ILE B 623 -1.91 -9.14 -35.21
N LEU B 624 -1.62 -10.40 -35.54
CA LEU B 624 -0.25 -10.83 -35.72
C LEU B 624 0.43 -10.08 -36.86
N TYR B 625 -0.29 -9.87 -37.96
CA TYR B 625 0.29 -9.13 -39.09
C TYR B 625 0.55 -7.67 -38.72
N ALA B 626 -0.30 -7.08 -37.88
CA ALA B 626 -0.09 -5.69 -37.50
C ALA B 626 1.07 -5.55 -36.52
N TRP B 627 1.32 -6.57 -35.70
CA TRP B 627 2.37 -6.48 -34.70
C TRP B 627 3.75 -6.69 -35.29
N LEU B 628 3.85 -7.49 -36.36
CA LEU B 628 5.14 -7.80 -36.97
C LEU B 628 5.96 -6.57 -37.35
N PRO B 629 5.41 -5.55 -38.03
CA PRO B 629 6.25 -4.39 -38.38
C PRO B 629 6.85 -3.70 -37.17
N TYR B 630 6.11 -3.62 -36.07
CA TYR B 630 6.64 -2.96 -34.88
C TYR B 630 7.80 -3.73 -34.28
N ARG B 631 7.69 -5.06 -34.22
CA ARG B 631 8.79 -5.85 -33.69
C ARG B 631 9.95 -5.90 -34.67
N ARG B 632 9.65 -5.97 -35.98
CA ARG B 632 10.69 -5.91 -36.98
C ARG B 632 11.48 -4.62 -36.87
N GLU B 633 10.77 -3.48 -36.81
CA GLU B 633 11.45 -2.19 -36.81
C GLU B 633 12.27 -1.98 -35.54
N LEU B 634 11.78 -2.47 -34.40
CA LEU B 634 12.50 -2.25 -33.14
C LEU B 634 13.85 -2.94 -33.14
N TYR B 635 13.96 -4.11 -33.78
CA TYR B 635 15.25 -4.76 -33.89
C TYR B 635 16.24 -3.91 -34.69
N GLN B 636 15.74 -3.14 -35.65
CA GLN B 636 16.59 -2.22 -36.39
C GLN B 636 16.96 -1.03 -35.53
N LYS B 637 15.96 -0.37 -34.93
CA LYS B 637 16.20 0.75 -34.03
C LYS B 637 17.21 0.37 -32.94
N ARG B 638 17.15 -0.88 -32.46
CA ARG B 638 18.07 -1.32 -31.41
C ARG B 638 19.49 -1.41 -31.92
N LEU B 639 19.70 -2.15 -33.02
CA LEU B 639 21.04 -2.35 -33.54
C LEU B 639 21.66 -1.05 -34.01
N MET B 640 20.85 -0.16 -34.59
CA MET B 640 21.37 1.12 -35.04
C MET B 640 21.91 1.94 -33.87
N ARG B 641 21.29 1.83 -32.69
CA ARG B 641 21.77 2.60 -31.55
C ARG B 641 22.94 1.94 -30.85
N GLU B 642 22.93 0.60 -30.75
CA GLU B 642 24.12 -0.07 -30.23
C GLU B 642 25.33 0.28 -31.07
N HIS B 643 25.13 0.45 -32.37
CA HIS B 643 26.22 0.92 -33.21
C HIS B 643 26.68 2.31 -32.81
N ALA B 644 25.74 3.22 -32.58
CA ALA B 644 26.12 4.59 -32.25
C ALA B 644 26.90 4.67 -30.94
N VAL B 645 26.46 3.92 -29.92
CA VAL B 645 27.14 4.03 -28.63
C VAL B 645 28.49 3.31 -28.66
N LEU B 646 28.57 2.18 -29.37
CA LEU B 646 29.85 1.48 -29.47
C LEU B 646 30.89 2.35 -30.14
N LYS B 647 30.52 2.97 -31.27
CA LYS B 647 31.37 3.97 -31.90
C LYS B 647 31.86 4.98 -30.87
N LEU B 648 30.93 5.45 -30.02
CA LEU B 648 31.27 6.48 -29.03
C LEU B 648 32.12 5.92 -27.90
N ARG B 649 31.82 4.71 -27.43
CA ARG B 649 32.58 4.13 -26.33
C ARG B 649 34.01 3.80 -26.74
N ILE B 650 34.23 3.39 -27.99
CA ILE B 650 35.59 3.14 -28.45
C ILE B 650 36.38 4.44 -28.49
N ILE B 651 35.75 5.53 -28.94
CA ILE B 651 36.40 6.84 -28.92
C ILE B 651 36.80 7.20 -27.50
N MET B 652 35.93 6.91 -26.53
CA MET B 652 36.21 7.27 -25.14
C MET B 652 37.31 6.40 -24.56
N GLU B 653 37.30 5.10 -24.86
CA GLU B 653 38.31 4.21 -24.29
C GLU B 653 39.66 4.34 -24.96
N THR B 654 39.70 4.61 -26.27
CA THR B 654 40.98 4.84 -26.91
C THR B 654 41.60 6.15 -26.46
N ALA B 655 40.77 7.18 -26.26
CA ALA B 655 41.28 8.44 -25.71
C ALA B 655 41.86 8.23 -24.31
N ILE B 656 41.22 7.37 -23.51
CA ILE B 656 41.72 7.10 -22.17
C ILE B 656 43.04 6.34 -22.22
N VAL B 657 43.13 5.35 -23.11
CA VAL B 657 44.37 4.58 -23.24
C VAL B 657 45.52 5.50 -23.66
N ARG B 658 45.29 6.34 -24.67
CA ARG B 658 46.34 7.24 -25.14
C ARG B 658 46.77 8.22 -24.06
N TYR B 659 45.86 8.63 -23.18
CA TYR B 659 46.23 9.53 -22.09
C TYR B 659 47.20 8.85 -21.13
N ILE B 660 46.85 7.65 -20.66
CA ILE B 660 47.68 6.97 -19.67
C ILE B 660 48.94 6.39 -20.31
N ASN B 661 48.96 6.22 -21.63
CA ASN B 661 50.22 5.93 -22.32
C ASN B 661 51.12 7.16 -22.36
N GLU B 662 50.55 8.35 -22.17
CA GLU B 662 51.30 9.60 -22.13
C GLU B 662 51.14 10.32 -20.79
N SER B 663 50.73 9.61 -19.73
CA SER B 663 50.35 10.24 -18.47
C SER B 663 51.44 11.19 -17.96
N ALA B 664 52.63 10.66 -17.71
CA ALA B 664 53.75 11.49 -17.27
C ALA B 664 54.18 12.48 -18.36
N GLU B 665 53.77 12.26 -19.60
CA GLU B 665 54.13 13.12 -20.72
C GLU B 665 53.33 14.43 -20.75
N LEU B 666 52.00 14.35 -20.62
CA LEU B 666 51.15 15.57 -20.70
C LEU B 666 51.28 16.39 -19.41
N ASN B 667 51.26 15.73 -18.26
CA ASN B 667 51.47 16.38 -16.97
C ASN B 667 52.93 16.77 -16.81
N LEU B 668 53.34 17.83 -17.51
CA LEU B 668 54.73 18.25 -17.52
C LEU B 668 55.00 19.47 -16.64
N SER B 669 53.94 20.13 -16.17
CA SER B 669 54.06 21.15 -15.14
C SER B 669 52.76 21.16 -14.34
N HIS B 670 52.83 21.69 -13.12
CA HIS B 670 51.70 21.65 -12.22
C HIS B 670 50.67 22.71 -12.62
N TYR B 671 49.41 22.28 -12.76
CA TYR B 671 48.33 23.14 -13.19
C TYR B 671 47.42 23.46 -12.01
N GLU B 672 46.71 24.58 -12.11
CA GLU B 672 46.03 25.14 -10.94
C GLU B 672 44.70 24.43 -10.67
N ASP B 673 43.72 24.61 -11.55
CA ASP B 673 42.36 24.14 -11.35
C ASP B 673 41.97 23.21 -12.49
N GLU B 674 40.73 22.73 -12.44
CA GLU B 674 40.25 21.76 -13.42
C GLU B 674 40.01 22.39 -14.78
N LYS B 675 39.76 23.70 -14.84
CA LYS B 675 39.58 24.35 -16.13
C LYS B 675 40.93 24.58 -16.84
N GLU B 676 42.02 24.69 -16.08
CA GLU B 676 43.34 24.75 -16.70
C GLU B 676 43.76 23.38 -17.23
N ALA B 677 43.44 22.32 -16.49
CA ALA B 677 43.75 20.96 -16.97
C ALA B 677 43.02 20.66 -18.27
N SER B 678 41.88 21.30 -18.51
CA SER B 678 41.16 21.13 -19.77
C SER B 678 41.84 21.90 -20.90
N ARG B 679 42.57 22.97 -20.57
CA ARG B 679 43.37 23.65 -21.58
C ARG B 679 44.37 22.71 -22.21
N ILE B 680 45.09 21.94 -21.38
CA ILE B 680 46.16 21.08 -21.87
C ILE B 680 45.59 19.95 -22.74
N LEU B 681 44.51 19.31 -22.30
CA LEU B 681 43.92 18.22 -23.06
C LEU B 681 43.33 18.70 -24.38
N SER B 682 42.69 19.87 -24.38
CA SER B 682 42.15 20.41 -25.62
C SER B 682 43.26 20.65 -26.64
N GLU B 683 44.33 21.32 -26.24
CA GLU B 683 45.41 21.63 -27.17
C GLU B 683 46.11 20.37 -27.66
N HIS B 684 46.06 19.27 -26.92
CA HIS B 684 46.72 18.03 -27.30
C HIS B 684 45.84 17.11 -28.14
N GLY B 685 44.60 17.51 -28.45
CA GLY B 685 43.74 16.77 -29.34
C GLY B 685 42.73 15.85 -28.66
N PHE B 686 42.80 15.68 -27.35
CA PHE B 686 41.80 14.88 -26.66
C PHE B 686 40.41 15.48 -26.87
N PRO B 687 39.41 14.67 -27.19
CA PRO B 687 38.08 15.22 -27.47
C PRO B 687 37.33 15.50 -26.18
N PRO B 688 36.53 16.57 -26.14
CA PRO B 688 35.64 16.78 -24.99
C PRO B 688 34.47 15.82 -25.09
N LEU B 689 34.27 15.01 -24.06
CA LEU B 689 33.29 13.93 -24.11
C LEU B 689 32.31 14.05 -22.95
N ASN B 690 31.04 13.75 -23.25
CA ASN B 690 30.01 13.67 -22.23
C ASN B 690 29.92 12.21 -21.79
N HIS B 691 30.80 11.86 -20.85
CA HIS B 691 30.96 10.47 -20.46
C HIS B 691 29.67 9.93 -19.86
N THR B 692 28.92 10.77 -19.14
CA THR B 692 27.67 10.32 -18.53
C THR B 692 26.70 9.79 -19.57
N LEU B 693 26.69 10.42 -20.75
CA LEU B 693 25.79 10.01 -21.82
C LEU B 693 26.34 8.81 -22.59
N ILE B 694 27.67 8.67 -22.67
CA ILE B 694 28.27 7.56 -23.38
C ILE B 694 28.15 6.26 -22.59
N ILE B 695 28.30 6.32 -21.26
CA ILE B 695 28.13 5.12 -20.45
C ILE B 695 26.65 4.78 -20.29
N SER B 696 25.80 5.80 -20.12
CA SER B 696 24.38 5.62 -19.88
C SER B 696 23.60 6.40 -20.93
N PRO B 697 23.40 5.82 -22.12
CA PRO B 697 22.62 6.54 -23.15
C PRO B 697 21.16 6.72 -22.76
N GLU B 698 20.58 5.73 -22.08
CA GLU B 698 19.22 5.79 -21.55
C GLU B 698 18.24 6.05 -22.70
N PHE B 699 17.51 7.17 -22.69
CA PHE B 699 16.44 7.42 -23.65
C PHE B 699 16.87 8.35 -24.77
N ALA B 700 18.17 8.48 -24.99
CA ALA B 700 18.66 9.43 -25.98
C ALA B 700 18.43 8.90 -27.39
N SER B 701 17.92 9.77 -28.26
CA SER B 701 17.83 9.43 -29.67
C SER B 701 19.22 9.50 -30.31
N ILE B 702 19.37 8.78 -31.42
CA ILE B 702 20.65 8.76 -32.12
C ILE B 702 21.04 10.17 -32.56
N GLU B 703 20.08 10.94 -33.06
CA GLU B 703 20.36 12.31 -33.45
C GLU B 703 20.80 13.14 -32.25
N GLU B 704 20.22 12.88 -31.07
CA GLU B 704 20.64 13.56 -29.85
C GLU B 704 21.95 13.00 -29.30
N LEU B 705 22.19 11.70 -29.47
CA LEU B 705 23.44 11.10 -28.98
C LEU B 705 24.64 11.71 -29.69
N ASN B 706 24.61 11.72 -31.03
CA ASN B 706 25.72 12.28 -31.79
C ASN B 706 25.92 13.75 -31.48
N GLN B 707 24.82 14.48 -31.33
CA GLN B 707 24.90 15.92 -31.08
C GLN B 707 25.55 16.22 -29.73
N LYS B 708 25.16 15.50 -28.68
CA LYS B 708 25.56 15.86 -27.33
C LYS B 708 26.77 15.10 -26.80
N ALA B 709 27.07 13.92 -27.35
CA ALA B 709 28.17 13.11 -26.84
C ALA B 709 29.52 13.80 -27.05
N LEU B 710 29.70 14.48 -28.18
CA LEU B 710 30.99 15.07 -28.50
C LEU B 710 31.14 16.49 -27.98
N GLN B 711 30.04 17.19 -27.70
CA GLN B 711 30.12 18.42 -26.91
C GLN B 711 30.09 18.00 -25.45
N GLY B 712 31.26 17.93 -24.82
CA GLY B 712 31.30 17.62 -23.40
C GLY B 712 32.41 18.28 -22.61
N CYS B 713 33.15 17.47 -21.85
CA CYS B 713 34.25 17.96 -21.03
C CYS B 713 35.26 16.83 -20.85
N TYR B 714 36.10 16.92 -19.83
CA TYR B 714 37.21 15.92 -19.70
C TYR B 714 37.19 15.21 -18.35
N THR B 715 36.04 15.13 -17.72
CA THR B 715 35.93 14.36 -16.46
C THR B 715 36.36 12.93 -16.73
N TYR B 716 36.03 12.39 -17.90
CA TYR B 716 36.52 11.05 -18.20
C TYR B 716 38.01 10.79 -18.10
N ILE B 717 38.83 11.85 -18.05
CA ILE B 717 40.24 11.73 -17.72
C ILE B 717 40.51 12.11 -16.27
N LEU B 718 39.82 13.15 -15.77
CA LEU B 718 40.09 13.65 -14.43
C LEU B 718 39.52 12.75 -13.34
N SER B 719 38.44 12.02 -13.62
CA SER B 719 37.89 11.06 -12.67
C SER B 719 38.56 9.71 -12.77
N LEU B 720 39.61 9.60 -13.58
CA LEU B 720 40.32 8.34 -13.74
C LEU B 720 41.10 8.02 -12.48
N GLN B 721 40.89 6.81 -11.96
CA GLN B 721 41.56 6.38 -10.74
C GLN B 721 42.99 5.95 -11.05
N ALA B 722 43.88 6.16 -10.08
CA ALA B 722 45.28 5.81 -10.27
C ALA B 722 45.47 4.33 -10.62
N ARG B 723 44.60 3.46 -10.10
CA ARG B 723 44.73 2.04 -10.38
C ARG B 723 44.57 1.73 -11.86
N GLU B 724 43.89 2.59 -12.63
CA GLU B 724 43.76 2.40 -14.06
C GLU B 724 45.04 2.74 -14.82
N LEU B 725 46.05 3.28 -14.14
CA LEU B 725 47.36 3.50 -14.73
C LEU B 725 48.24 2.26 -14.72
N LEU B 726 47.78 1.17 -14.09
CA LEU B 726 48.58 -0.03 -13.99
C LEU B 726 48.59 -0.78 -15.32
N ILE B 727 49.68 -1.51 -15.55
CA ILE B 727 49.85 -2.22 -16.83
C ILE B 727 48.79 -3.29 -16.99
N ALA B 728 48.59 -4.12 -15.96
CA ALA B 728 47.57 -5.17 -16.04
C ALA B 728 46.20 -4.59 -16.27
N ALA B 729 45.92 -3.43 -15.67
CA ALA B 729 44.64 -2.75 -15.91
C ALA B 729 44.56 -2.24 -17.34
N LYS B 730 45.68 -1.73 -17.87
CA LYS B 730 45.68 -1.16 -19.21
C LYS B 730 45.41 -2.22 -20.27
N THR B 731 46.09 -3.37 -20.16
CA THR B 731 45.83 -4.46 -21.10
C THR B 731 44.39 -4.95 -20.99
N ARG B 732 43.84 -4.95 -19.77
CA ARG B 732 42.42 -5.23 -19.61
C ARG B 732 41.57 -4.23 -20.38
N ARG B 733 41.97 -2.96 -20.37
CA ARG B 733 41.18 -1.93 -21.06
C ARG B 733 41.32 -2.07 -22.57
N VAL B 734 42.50 -2.44 -23.05
CA VAL B 734 42.72 -2.51 -24.49
C VAL B 734 42.11 -3.76 -25.09
N GLU B 735 42.04 -4.85 -24.32
CA GLU B 735 41.29 -6.03 -24.78
C GLU B 735 39.80 -5.76 -24.76
N LYS B 736 39.34 -4.91 -23.83
CA LYS B 736 37.96 -4.43 -23.86
C LYS B 736 37.66 -3.70 -25.17
N ILE B 737 38.63 -2.95 -25.69
CA ILE B 737 38.43 -2.27 -26.95
C ILE B 737 38.35 -3.27 -28.10
N LYS B 738 39.13 -4.36 -28.02
CA LYS B 738 38.99 -5.44 -28.98
C LYS B 738 37.60 -6.04 -28.94
N LYS B 739 37.08 -6.29 -27.73
CA LYS B 739 35.69 -6.71 -27.56
C LYS B 739 34.75 -5.82 -28.36
N MET B 740 34.90 -4.50 -28.23
CA MET B 740 33.95 -3.56 -28.81
C MET B 740 34.09 -3.46 -30.32
N GLN B 741 35.30 -3.63 -30.86
CA GLN B 741 35.44 -3.56 -32.31
C GLN B 741 35.03 -4.86 -32.97
N ALA B 742 35.25 -6.01 -32.31
CA ALA B 742 34.64 -7.25 -32.77
C ALA B 742 33.12 -7.17 -32.74
N ARG B 743 32.57 -6.57 -31.69
CA ARG B 743 31.13 -6.39 -31.59
C ARG B 743 30.62 -5.44 -32.67
N LEU B 744 31.30 -4.31 -32.87
CA LEU B 744 30.82 -3.32 -33.83
C LEU B 744 30.76 -3.89 -35.24
N ASP B 745 31.74 -4.70 -35.63
CA ASP B 745 31.65 -5.37 -36.92
C ASP B 745 30.48 -6.34 -36.95
N LYS B 746 30.31 -7.11 -35.89
CA LYS B 746 29.16 -8.00 -35.82
C LYS B 746 27.85 -7.22 -35.88
N VAL B 747 27.79 -6.06 -35.22
CA VAL B 747 26.54 -5.30 -35.21
C VAL B 747 26.14 -4.91 -36.63
N GLU B 748 27.00 -4.13 -37.33
CA GLU B 748 26.81 -3.85 -38.75
C GLU B 748 26.84 -5.09 -39.58
N GLN B 749 27.41 -6.21 -39.12
CA GLN B 749 27.14 -7.47 -39.84
C GLN B 749 25.64 -7.78 -39.80
N LEU B 750 25.05 -7.73 -38.60
CA LEU B 750 23.63 -8.00 -38.40
C LEU B 750 22.73 -6.96 -39.08
N LEU B 751 23.18 -5.69 -39.18
CA LEU B 751 22.35 -4.69 -39.87
C LEU B 751 22.18 -5.00 -41.35
N GLN B 752 23.10 -5.76 -41.94
CA GLN B 752 23.11 -6.03 -43.37
C GLN B 752 22.33 -7.29 -43.73
N GLU B 753 21.53 -7.82 -42.82
CA GLU B 753 20.98 -9.15 -43.00
C GLU B 753 19.72 -9.11 -43.87
N SER B 754 19.32 -10.30 -44.31
CA SER B 754 18.08 -10.56 -45.03
C SER B 754 17.17 -11.43 -44.18
N PRO B 755 15.85 -11.17 -44.19
CA PRO B 755 15.14 -10.18 -45.00
C PRO B 755 15.24 -8.73 -44.49
N PHE B 756 15.69 -8.53 -43.27
CA PHE B 756 15.78 -7.19 -42.70
C PHE B 756 16.78 -7.21 -41.56
N PRO B 757 17.24 -6.04 -41.10
CA PRO B 757 18.23 -6.02 -40.01
C PRO B 757 17.77 -6.79 -38.79
N GLY B 758 18.66 -7.61 -38.26
CA GLY B 758 18.41 -8.30 -37.01
C GLY B 758 17.54 -9.54 -37.11
N ALA B 759 17.26 -10.03 -38.32
CA ALA B 759 16.44 -11.23 -38.45
C ALA B 759 17.01 -12.39 -37.65
N SER B 760 18.33 -12.56 -37.69
CA SER B 760 18.95 -13.70 -37.03
C SER B 760 18.90 -13.59 -35.51
N VAL B 761 18.99 -12.37 -34.96
CA VAL B 761 18.93 -12.23 -33.50
C VAL B 761 17.48 -12.31 -33.02
N TRP B 762 16.53 -11.92 -33.87
CA TRP B 762 15.12 -12.16 -33.56
C TRP B 762 14.86 -13.66 -33.39
N LEU B 763 15.38 -14.47 -34.32
CA LEU B 763 15.26 -15.92 -34.22
C LEU B 763 15.92 -16.44 -32.95
N GLU B 764 17.11 -15.92 -32.62
CA GLU B 764 17.78 -16.30 -31.38
C GLU B 764 16.87 -16.05 -30.18
N GLU B 765 16.20 -14.90 -30.15
CA GLU B 765 15.38 -14.55 -28.99
C GLU B 765 14.05 -15.29 -28.96
N ILE B 766 13.53 -15.69 -30.12
CA ILE B 766 12.34 -16.54 -30.14
C ILE B 766 12.63 -17.88 -29.50
N ASP B 767 13.83 -18.42 -29.73
CA ASP B 767 14.22 -19.67 -29.08
C ASP B 767 14.38 -19.48 -27.58
N ALA B 768 14.90 -18.32 -27.17
CA ALA B 768 15.06 -18.04 -25.75
C ALA B 768 13.71 -17.94 -25.05
N VAL B 769 12.73 -17.29 -25.69
CA VAL B 769 11.40 -17.20 -25.09
C VAL B 769 10.75 -18.57 -25.00
N GLU B 770 10.91 -19.39 -26.05
CA GLU B 770 10.37 -20.74 -26.02
C GLU B 770 10.98 -21.55 -24.88
N LYS B 771 12.30 -21.48 -24.73
CA LYS B 771 12.97 -22.22 -23.65
C LYS B 771 12.46 -21.79 -22.28
N ALA B 772 12.20 -20.49 -22.10
CA ALA B 772 11.68 -20.00 -20.83
C ALA B 772 10.26 -20.47 -20.60
N ILE B 773 9.42 -20.42 -21.63
CA ILE B 773 8.05 -20.91 -21.51
C ILE B 773 8.04 -22.38 -21.12
N ILE B 774 8.91 -23.19 -21.74
CA ILE B 774 8.99 -24.61 -21.42
C ILE B 774 9.41 -24.81 -19.97
N LYS B 775 10.41 -24.05 -19.50
CA LYS B 775 10.84 -24.17 -18.12
C LYS B 775 9.74 -23.78 -17.16
N GLY B 776 9.04 -22.68 -17.45
CA GLY B 776 7.92 -22.28 -16.60
C GLY B 776 6.80 -23.29 -16.60
N ARG B 777 6.46 -23.82 -17.78
CA ARG B 777 5.37 -24.80 -17.87
C ARG B 777 5.71 -26.07 -17.11
N ASN B 778 6.98 -26.49 -17.15
CA ASN B 778 7.41 -27.69 -16.43
C ASN B 778 7.43 -27.50 -14.92
N THR B 779 7.30 -26.26 -14.42
CA THR B 779 7.37 -25.98 -13.00
C THR B 779 6.13 -25.26 -12.47
N GLN B 780 4.99 -25.41 -13.16
CA GLN B 780 3.77 -24.69 -12.81
C GLN B 780 4.03 -23.20 -12.66
N TRP B 781 4.85 -22.65 -13.57
CA TRP B 781 5.23 -21.24 -13.58
C TRP B 781 5.83 -20.78 -12.25
N LYS B 782 6.54 -21.68 -11.58
CA LYS B 782 7.25 -21.32 -10.35
C LYS B 782 8.73 -21.08 -10.58
N PHE B 783 9.32 -21.76 -11.55
CA PHE B 783 10.72 -21.65 -11.95
C PHE B 783 11.70 -22.09 -10.86
N HIS B 784 11.20 -22.67 -9.77
CA HIS B 784 12.08 -23.22 -8.74
C HIS B 784 12.66 -24.54 -9.23
MG MG G . 54.65 11.65 -13.32
MG MG H . -3.10 -13.94 12.18
MG MG I . 11.07 -8.78 16.23
C1 MPD J . 10.80 -30.03 0.25
C2 MPD J . 9.95 -28.92 0.83
O2 MPD J . 8.79 -28.69 -0.02
CM MPD J . 10.78 -27.63 0.85
C3 MPD J . 9.47 -29.32 2.23
C4 MPD J . 9.36 -28.14 3.18
O4 MPD J . 8.30 -27.30 2.78
C5 MPD J . 9.13 -28.61 4.61
MG MG K . -12.42 10.47 -7.93
MG MG L . -2.48 10.20 -17.98
C1 MPD M . -3.18 30.84 -0.77
C2 MPD M . -2.72 30.80 -2.22
O2 MPD M . -1.73 29.75 -2.36
CM MPD M . -2.07 32.13 -2.60
C3 MPD M . -3.89 30.51 -3.14
C4 MPD M . -3.80 29.13 -3.78
O4 MPD M . -3.98 28.14 -2.78
C5 MPD M . -4.84 28.95 -4.87
#